data_2L6M
#
_entry.id   2L6M
#
loop_
_entity.id
_entity.type
_entity.pdbx_description
1 polymer 'Protein Dicer'
2 non-polymer 'ZINC ION'
#
_entity_poly.entity_id   1
_entity_poly.type   'polypeptide(L)'
_entity_poly.pdbx_seq_one_letter_code
;MGSSHHHHHHSSGLVPRGSHMKGDIEHKVYQLLKDQGCEDFGTKCVIEEVKSSHKTLLNTELHLTKYYGFSFFRHGNIVA
YGKSRKVANAKYIMKQRLLKLLEDKSNLLLYSCNCKFSKKK
;
_entity_poly.pdbx_strand_id   A
#
loop_
_chem_comp.id
_chem_comp.type
_chem_comp.name
_chem_comp.formula
ZN non-polymer 'ZINC ION' 'Zn 2'
#
# COMPACT_ATOMS: atom_id res chain seq x y z
N MET A 21 14.77 -1.82 -11.72
CA MET A 21 14.47 -0.37 -11.68
C MET A 21 15.08 0.23 -10.41
N LYS A 22 14.89 1.53 -10.20
CA LYS A 22 15.48 2.20 -9.04
C LYS A 22 14.47 3.08 -8.31
N GLY A 23 14.28 2.80 -7.03
CA GLY A 23 13.64 3.77 -6.14
C GLY A 23 12.13 3.69 -6.10
N ASP A 24 11.50 4.79 -6.52
CA ASP A 24 10.06 5.03 -6.33
C ASP A 24 9.18 3.89 -6.85
N ILE A 25 8.56 3.16 -5.93
CA ILE A 25 7.73 2.03 -6.30
C ILE A 25 6.44 2.50 -6.98
N GLU A 26 5.93 3.65 -6.55
CA GLU A 26 4.67 4.15 -7.06
C GLU A 26 4.76 4.37 -8.56
N HIS A 27 5.87 4.99 -8.99
CA HIS A 27 6.09 5.21 -10.40
C HIS A 27 6.16 3.89 -11.15
N LYS A 28 6.83 2.89 -10.56
CA LYS A 28 6.93 1.58 -11.20
C LYS A 28 5.55 0.98 -11.38
N VAL A 29 4.78 0.98 -10.29
CA VAL A 29 3.41 0.49 -10.32
C VAL A 29 2.62 1.16 -11.43
N TYR A 30 2.72 2.47 -11.50
CA TYR A 30 1.99 3.22 -12.51
C TYR A 30 2.47 2.82 -13.90
N GLN A 31 3.79 2.81 -14.07
CA GLN A 31 4.42 2.57 -15.37
C GLN A 31 3.83 1.37 -16.10
N LEU A 32 3.67 0.27 -15.40
CA LEU A 32 3.18 -0.93 -16.03
C LEU A 32 1.67 -1.05 -15.93
N LEU A 33 1.11 -0.76 -14.76
CA LEU A 33 -0.33 -0.93 -14.55
C LEU A 33 -1.17 -0.05 -15.46
N LYS A 34 -0.80 1.22 -15.58
CA LYS A 34 -1.53 2.14 -16.44
C LYS A 34 -1.37 1.73 -17.90
N ASP A 35 -0.31 0.98 -18.17
CA ASP A 35 -0.02 0.50 -19.50
C ASP A 35 -0.68 -0.85 -19.77
N GLN A 36 -1.08 -1.53 -18.69
CA GLN A 36 -1.85 -2.76 -18.81
C GLN A 36 -3.31 -2.43 -19.06
N GLY A 37 -3.61 -1.16 -18.92
CA GLY A 37 -4.97 -0.71 -19.04
C GLY A 37 -5.64 -0.63 -17.69
N CYS A 38 -4.88 -0.23 -16.67
CA CYS A 38 -5.46 0.00 -15.36
C CYS A 38 -5.26 1.45 -14.93
N GLU A 39 -6.27 2.02 -14.29
CA GLU A 39 -6.10 3.33 -13.66
C GLU A 39 -6.56 3.29 -12.20
N ASP A 40 -7.13 2.17 -11.80
CA ASP A 40 -7.72 2.03 -10.48
C ASP A 40 -6.72 1.41 -9.50
N PHE A 41 -5.89 2.27 -8.94
CA PHE A 41 -4.91 1.88 -7.93
C PHE A 41 -4.30 3.10 -7.25
N GLY A 42 -3.72 2.91 -6.07
CA GLY A 42 -3.11 3.99 -5.34
C GLY A 42 -2.79 3.59 -3.91
N THR A 43 -2.04 4.43 -3.20
CA THR A 43 -1.69 4.12 -1.82
C THR A 43 -2.67 4.74 -0.84
N LYS A 44 -2.90 4.06 0.28
CA LYS A 44 -3.70 4.62 1.34
C LYS A 44 -2.83 4.81 2.58
N CYS A 45 -3.07 5.87 3.32
CA CYS A 45 -2.27 6.16 4.48
C CYS A 45 -3.17 6.46 5.68
N VAL A 46 -3.50 5.43 6.43
CA VAL A 46 -4.34 5.58 7.60
C VAL A 46 -3.53 5.30 8.86
N ILE A 47 -3.80 6.03 9.92
CA ILE A 47 -3.10 5.81 11.16
C ILE A 47 -3.79 4.74 11.99
N GLU A 48 -3.02 3.75 12.37
CA GLU A 48 -3.49 2.71 13.26
C GLU A 48 -2.82 2.84 14.60
N GLU A 49 -3.47 3.57 15.50
CA GLU A 49 -2.92 3.81 16.82
C GLU A 49 -3.07 2.58 17.70
N VAL A 50 -2.01 2.24 18.42
CA VAL A 50 -2.06 1.12 19.33
C VAL A 50 -2.54 1.59 20.69
N LYS A 51 -3.80 1.30 20.99
CA LYS A 51 -4.42 1.77 22.20
C LYS A 51 -4.07 0.86 23.38
N SER A 52 -2.99 1.21 24.06
CA SER A 52 -2.58 0.52 25.27
C SER A 52 -3.16 1.25 26.48
N SER A 53 -3.92 2.30 26.18
CA SER A 53 -4.51 3.14 27.20
C SER A 53 -5.89 2.61 27.59
N HIS A 54 -6.10 2.42 28.88
CA HIS A 54 -7.39 1.98 29.38
C HIS A 54 -8.28 3.20 29.64
N LYS A 55 -7.75 4.12 30.44
CA LYS A 55 -8.41 5.40 30.70
C LYS A 55 -7.38 6.52 30.57
N THR A 56 -7.84 7.76 30.53
CA THR A 56 -6.93 8.88 30.37
C THR A 56 -7.42 10.10 31.15
N LEU A 57 -6.59 11.14 31.22
CA LEU A 57 -6.88 12.30 32.06
C LEU A 57 -7.30 13.51 31.24
N LEU A 58 -7.27 13.38 29.92
CA LEU A 58 -7.71 14.47 29.05
C LEU A 58 -8.78 13.96 28.09
N ASN A 59 -9.22 14.83 27.18
CA ASN A 59 -10.27 14.49 26.22
C ASN A 59 -9.99 13.16 25.54
N THR A 60 -8.90 13.13 24.79
CA THR A 60 -8.43 11.93 24.14
C THR A 60 -6.93 11.86 24.27
N GLU A 61 -6.36 10.67 24.07
CA GLU A 61 -4.91 10.50 24.11
C GLU A 61 -4.23 11.46 23.14
N LEU A 62 -3.80 12.60 23.70
CA LEU A 62 -3.09 13.65 22.96
C LEU A 62 -2.20 13.07 21.86
N HIS A 63 -1.24 12.26 22.27
CA HIS A 63 -0.42 11.52 21.34
C HIS A 63 -0.02 10.19 21.97
N LEU A 64 -0.67 9.13 21.52
CA LEU A 64 -0.34 7.79 21.97
C LEU A 64 0.56 7.12 20.94
N THR A 65 0.92 5.87 21.18
CA THR A 65 1.76 5.15 20.26
C THR A 65 0.98 4.75 19.02
N LYS A 66 1.10 5.56 17.99
CA LYS A 66 0.37 5.36 16.76
C LYS A 66 1.30 4.84 15.67
N TYR A 67 0.72 4.18 14.68
CA TYR A 67 1.51 3.63 13.60
C TYR A 67 0.88 4.00 12.25
N TYR A 68 1.73 4.33 11.29
CA TYR A 68 1.27 4.69 9.96
C TYR A 68 0.98 3.42 9.16
N GLY A 69 -0.30 3.15 8.94
CA GLY A 69 -0.69 1.99 8.17
C GLY A 69 -0.64 2.27 6.69
N PHE A 70 0.56 2.26 6.14
CA PHE A 70 0.76 2.44 4.71
C PHE A 70 0.33 1.18 3.97
N SER A 71 -0.45 1.35 2.91
CA SER A 71 -0.90 0.22 2.12
C SER A 71 -1.09 0.64 0.67
N PHE A 72 -0.97 -0.31 -0.24
CA PHE A 72 -1.23 -0.04 -1.64
C PHE A 72 -2.51 -0.76 -2.06
N PHE A 73 -3.44 0.01 -2.61
CA PHE A 73 -4.72 -0.51 -3.07
C PHE A 73 -4.70 -0.70 -4.57
N ARG A 74 -5.27 -1.80 -5.01
CA ARG A 74 -5.40 -2.09 -6.43
C ARG A 74 -6.71 -2.87 -6.64
N HIS A 75 -7.73 -2.17 -7.13
CA HIS A 75 -9.08 -2.72 -7.27
C HIS A 75 -9.68 -3.08 -5.92
N GLY A 76 -9.38 -2.27 -4.91
CA GLY A 76 -9.93 -2.50 -3.59
C GLY A 76 -9.18 -3.59 -2.83
N ASN A 77 -8.21 -4.21 -3.49
CA ASN A 77 -7.40 -5.23 -2.84
C ASN A 77 -6.15 -4.61 -2.26
N ILE A 78 -5.45 -5.38 -1.46
CA ILE A 78 -4.21 -4.93 -0.86
C ILE A 78 -3.02 -5.62 -1.50
N VAL A 79 -2.25 -4.83 -2.21
CA VAL A 79 -1.05 -5.32 -2.86
C VAL A 79 0.14 -5.15 -1.93
N ALA A 80 0.15 -4.06 -1.20
CA ALA A 80 1.26 -3.77 -0.30
C ALA A 80 0.73 -3.30 1.05
N TYR A 81 1.40 -3.71 2.11
CA TYR A 81 1.07 -3.26 3.45
C TYR A 81 2.34 -3.06 4.25
N GLY A 82 2.43 -1.93 4.94
CA GLY A 82 3.59 -1.63 5.75
C GLY A 82 3.26 -0.64 6.84
N LYS A 83 2.96 -1.14 8.02
CA LYS A 83 2.64 -0.29 9.14
C LYS A 83 3.86 -0.10 10.04
N SER A 84 4.20 1.15 10.29
CA SER A 84 5.32 1.47 11.15
C SER A 84 5.10 2.82 11.83
N ARG A 85 5.82 3.06 12.92
CA ARG A 85 5.69 4.30 13.65
C ARG A 85 6.39 5.41 12.88
N LYS A 86 7.37 5.00 12.09
CA LYS A 86 8.11 5.91 11.24
C LYS A 86 7.53 5.88 9.83
N VAL A 87 7.14 7.04 9.32
CA VAL A 87 6.55 7.14 7.99
C VAL A 87 7.47 6.52 6.93
N ALA A 88 8.76 6.77 7.07
CA ALA A 88 9.76 6.25 6.14
C ALA A 88 9.80 4.73 6.15
N ASN A 89 9.78 4.15 7.34
CA ASN A 89 9.85 2.69 7.48
C ASN A 89 8.56 2.07 6.95
N ALA A 90 7.44 2.68 7.30
CA ALA A 90 6.14 2.23 6.84
C ALA A 90 6.06 2.20 5.32
N LYS A 91 6.49 3.29 4.70
CA LYS A 91 6.55 3.37 3.25
C LYS A 91 7.49 2.32 2.69
N TYR A 92 8.62 2.18 3.35
CA TYR A 92 9.67 1.27 2.89
C TYR A 92 9.12 -0.16 2.69
N ILE A 93 8.40 -0.63 3.68
CA ILE A 93 7.87 -1.99 3.67
C ILE A 93 6.93 -2.21 2.50
N MET A 94 5.94 -1.34 2.37
CA MET A 94 4.95 -1.47 1.30
C MET A 94 5.63 -1.35 -0.06
N LYS A 95 6.60 -0.43 -0.18
CA LYS A 95 7.32 -0.25 -1.43
C LYS A 95 7.98 -1.54 -1.89
N GLN A 96 8.65 -2.22 -0.95
CA GLN A 96 9.35 -3.45 -1.26
C GLN A 96 8.38 -4.60 -1.55
N ARG A 97 7.11 -4.41 -1.21
CA ARG A 97 6.09 -5.41 -1.50
C ARG A 97 5.83 -5.48 -3.00
N LEU A 98 5.30 -4.39 -3.58
CA LEU A 98 5.05 -4.35 -5.03
C LEU A 98 6.37 -4.47 -5.79
N LEU A 99 7.43 -3.96 -5.19
CA LEU A 99 8.77 -4.03 -5.78
C LEU A 99 9.09 -5.48 -6.14
N LYS A 100 8.84 -6.38 -5.20
CA LYS A 100 9.09 -7.79 -5.44
C LYS A 100 8.13 -8.33 -6.48
N LEU A 101 6.94 -7.74 -6.56
CA LEU A 101 5.91 -8.25 -7.44
C LEU A 101 6.22 -7.93 -8.90
N LEU A 102 6.74 -6.74 -9.18
CA LEU A 102 7.12 -6.38 -10.54
C LEU A 102 8.45 -7.02 -10.94
N GLU A 103 9.28 -7.30 -9.94
CA GLU A 103 10.55 -7.98 -10.19
C GLU A 103 10.33 -9.47 -10.46
N ASP A 104 9.47 -10.08 -9.65
CA ASP A 104 9.21 -11.51 -9.70
C ASP A 104 8.11 -11.83 -10.70
N LYS A 105 7.37 -10.79 -11.06
CA LYS A 105 6.23 -10.91 -11.98
C LYS A 105 5.12 -11.73 -11.38
N SER A 106 4.83 -11.46 -10.10
CA SER A 106 3.73 -12.08 -9.42
C SER A 106 2.44 -11.33 -9.78
N ASN A 107 1.43 -12.08 -10.21
CA ASN A 107 0.21 -11.48 -10.77
C ASN A 107 -0.61 -10.72 -9.72
N LEU A 108 -0.15 -10.69 -8.49
CA LEU A 108 -0.90 -10.05 -7.41
C LEU A 108 -1.06 -8.56 -7.66
N LEU A 109 -0.04 -7.95 -8.26
CA LEU A 109 -0.13 -6.53 -8.60
C LEU A 109 -0.33 -6.36 -10.09
N LEU A 110 0.12 -7.34 -10.84
CA LEU A 110 0.27 -7.20 -12.29
C LEU A 110 -0.79 -7.95 -13.09
N TYR A 111 -1.87 -8.38 -12.44
CA TYR A 111 -2.91 -9.13 -13.15
C TYR A 111 -3.70 -8.24 -14.10
N SER A 112 -4.35 -8.88 -15.06
CA SER A 112 -5.16 -8.20 -16.04
C SER A 112 -6.57 -7.98 -15.48
N CYS A 113 -7.20 -6.90 -15.89
CA CYS A 113 -8.50 -6.51 -15.35
C CYS A 113 -9.35 -5.84 -16.43
N ASN A 114 -10.53 -5.36 -16.04
CA ASN A 114 -11.48 -4.79 -16.99
C ASN A 114 -11.56 -3.26 -16.92
N CYS A 115 -10.43 -2.56 -16.77
CA CYS A 115 -10.46 -1.12 -16.88
C CYS A 115 -10.47 -0.71 -18.35
N LYS A 116 -10.37 -1.70 -19.23
CA LYS A 116 -10.41 -1.47 -20.66
C LYS A 116 -11.33 -2.50 -21.33
N PHE A 117 -11.04 -3.78 -21.16
CA PHE A 117 -11.85 -4.84 -21.75
C PHE A 117 -11.59 -6.16 -21.02
N SER A 118 -12.07 -7.26 -21.60
CA SER A 118 -11.88 -8.59 -21.04
C SER A 118 -10.45 -9.07 -21.11
N LYS A 119 -10.28 -10.35 -20.88
CA LYS A 119 -8.96 -10.93 -20.71
C LYS A 119 -8.87 -12.23 -21.51
N LYS A 120 -7.66 -12.77 -21.62
CA LYS A 120 -7.43 -13.97 -22.40
C LYS A 120 -6.37 -14.85 -21.75
N LYS A 121 -6.69 -16.12 -21.56
CA LYS A 121 -5.74 -17.08 -21.03
C LYS A 121 -5.07 -17.85 -22.16
ZN ZN B . -7.92 -2.18 -13.40
N MET A 21 15.66 3.41 -6.05
CA MET A 21 14.40 2.85 -5.51
C MET A 21 14.11 3.41 -4.12
N LYS A 22 13.29 4.45 -4.08
CA LYS A 22 12.89 5.06 -2.84
C LYS A 22 11.43 5.51 -2.97
N GLY A 23 11.24 6.64 -3.63
CA GLY A 23 9.89 7.15 -3.85
C GLY A 23 9.51 7.04 -5.31
N ASP A 24 9.78 5.88 -5.89
CA ASP A 24 9.55 5.68 -7.31
C ASP A 24 8.90 4.34 -7.60
N ILE A 25 8.53 3.59 -6.57
CA ILE A 25 7.85 2.32 -6.78
C ILE A 25 6.46 2.58 -7.35
N GLU A 26 5.91 3.72 -6.97
CA GLU A 26 4.59 4.12 -7.42
C GLU A 26 4.62 4.30 -8.92
N HIS A 27 5.70 4.92 -9.39
CA HIS A 27 5.92 5.09 -10.81
C HIS A 27 5.98 3.74 -11.51
N LYS A 28 6.64 2.78 -10.87
CA LYS A 28 6.74 1.43 -11.42
C LYS A 28 5.37 0.80 -11.53
N VAL A 29 4.60 0.89 -10.45
CA VAL A 29 3.24 0.37 -10.44
C VAL A 29 2.43 0.97 -11.58
N TYR A 30 2.57 2.27 -11.77
CA TYR A 30 1.86 2.98 -12.83
C TYR A 30 2.31 2.43 -14.18
N GLN A 31 3.63 2.39 -14.38
CA GLN A 31 4.24 2.05 -15.67
C GLN A 31 3.62 0.82 -16.33
N LEU A 32 3.42 -0.22 -15.55
CA LEU A 32 2.90 -1.47 -16.10
C LEU A 32 1.38 -1.52 -16.01
N LEU A 33 0.83 -1.10 -14.89
CA LEU A 33 -0.62 -1.19 -14.69
C LEU A 33 -1.40 -0.33 -15.66
N LYS A 34 -0.96 0.90 -15.87
CA LYS A 34 -1.63 1.79 -16.82
C LYS A 34 -1.54 1.21 -18.22
N ASP A 35 -0.49 0.43 -18.44
CA ASP A 35 -0.22 -0.12 -19.76
C ASP A 35 -1.05 -1.37 -19.99
N GLN A 36 -1.45 -2.00 -18.88
CA GLN A 36 -2.37 -3.14 -18.94
C GLN A 36 -3.79 -2.62 -19.07
N GLY A 37 -3.93 -1.31 -18.96
CA GLY A 37 -5.23 -0.70 -19.05
C GLY A 37 -5.90 -0.57 -17.71
N CYS A 38 -5.10 -0.37 -16.67
CA CYS A 38 -5.65 -0.13 -15.36
C CYS A 38 -5.41 1.31 -14.94
N GLU A 39 -6.40 1.91 -14.32
CA GLU A 39 -6.23 3.21 -13.66
C GLU A 39 -6.65 3.10 -12.20
N ASP A 40 -7.27 1.96 -11.87
CA ASP A 40 -7.82 1.73 -10.55
C ASP A 40 -6.75 1.21 -9.59
N PHE A 41 -5.94 2.12 -9.08
CA PHE A 41 -4.91 1.81 -8.10
C PHE A 41 -4.34 3.10 -7.52
N GLY A 42 -3.76 3.00 -6.32
CA GLY A 42 -3.16 4.15 -5.68
C GLY A 42 -2.73 3.86 -4.25
N THR A 43 -1.92 4.73 -3.68
CA THR A 43 -1.45 4.52 -2.32
C THR A 43 -2.36 5.21 -1.31
N LYS A 44 -2.40 4.69 -0.10
CA LYS A 44 -3.11 5.35 0.99
C LYS A 44 -2.26 5.38 2.25
N CYS A 45 -2.38 6.45 3.01
CA CYS A 45 -1.66 6.58 4.25
C CYS A 45 -2.61 7.08 5.34
N VAL A 46 -3.16 6.14 6.10
CA VAL A 46 -4.06 6.49 7.18
C VAL A 46 -3.51 5.93 8.48
N ILE A 47 -3.55 6.73 9.53
CA ILE A 47 -3.03 6.30 10.82
C ILE A 47 -3.91 5.21 11.43
N GLU A 48 -3.27 4.13 11.83
CA GLU A 48 -3.93 3.05 12.50
C GLU A 48 -3.41 2.97 13.92
N GLU A 49 -4.14 3.56 14.84
CA GLU A 49 -3.71 3.68 16.21
C GLU A 49 -3.98 2.40 16.98
N VAL A 50 -3.14 2.12 17.95
CA VAL A 50 -3.26 0.93 18.77
C VAL A 50 -3.56 1.32 20.21
N LYS A 51 -4.46 0.59 20.86
CA LYS A 51 -4.84 0.85 22.25
C LYS A 51 -3.74 0.38 23.21
N SER A 52 -2.57 0.99 23.10
CA SER A 52 -1.44 0.63 23.91
C SER A 52 -1.38 1.46 25.19
N SER A 53 -1.32 2.77 25.03
CA SER A 53 -1.15 3.70 26.13
C SER A 53 -2.47 4.00 26.83
N HIS A 54 -3.34 2.99 26.95
CA HIS A 54 -4.61 3.17 27.63
C HIS A 54 -4.42 3.06 29.14
N LYS A 55 -3.65 3.99 29.66
CA LYS A 55 -3.40 4.11 31.09
C LYS A 55 -3.85 5.50 31.51
N THR A 56 -4.73 6.04 30.69
CA THR A 56 -5.13 7.42 30.75
C THR A 56 -6.24 7.69 31.77
N LEU A 57 -6.25 8.90 32.31
CA LEU A 57 -7.29 9.33 33.24
C LEU A 57 -8.19 10.36 32.58
N LEU A 58 -7.79 10.83 31.41
CA LEU A 58 -8.57 11.83 30.69
C LEU A 58 -9.57 11.15 29.76
N ASN A 59 -10.19 11.94 28.89
CA ASN A 59 -11.19 11.46 27.95
C ASN A 59 -10.72 10.22 27.18
N THR A 60 -9.90 10.46 26.16
CA THR A 60 -9.30 9.39 25.41
C THR A 60 -7.83 9.28 25.76
N GLU A 61 -7.08 8.57 24.94
CA GLU A 61 -5.66 8.52 25.12
C GLU A 61 -5.04 9.76 24.51
N LEU A 62 -4.67 10.71 25.38
CA LEU A 62 -3.97 11.93 24.98
C LEU A 62 -2.98 11.63 23.85
N HIS A 63 -2.12 10.66 24.08
CA HIS A 63 -1.24 10.15 23.04
C HIS A 63 -0.90 8.69 23.30
N LEU A 64 -1.06 7.87 22.26
CA LEU A 64 -0.74 6.45 22.35
C LEU A 64 0.19 6.04 21.22
N THR A 65 0.54 4.77 21.19
CA THR A 65 1.36 4.25 20.11
C THR A 65 0.52 4.06 18.86
N LYS A 66 0.64 5.01 17.95
CA LYS A 66 -0.10 4.97 16.72
C LYS A 66 0.81 4.51 15.58
N TYR A 67 0.22 3.97 14.54
CA TYR A 67 1.00 3.48 13.42
C TYR A 67 0.53 4.11 12.13
N TYR A 68 1.45 4.25 11.20
CA TYR A 68 1.13 4.71 9.86
C TYR A 68 0.72 3.53 9.00
N GLY A 69 -0.56 3.47 8.69
CA GLY A 69 -1.07 2.39 7.88
C GLY A 69 -0.85 2.63 6.40
N PHE A 70 0.39 2.46 5.96
CA PHE A 70 0.75 2.59 4.56
C PHE A 70 0.26 1.38 3.79
N SER A 71 -0.36 1.62 2.65
CA SER A 71 -0.86 0.53 1.83
C SER A 71 -0.95 0.96 0.38
N PHE A 72 -0.83 0.00 -0.52
CA PHE A 72 -1.12 0.25 -1.92
C PHE A 72 -2.43 -0.42 -2.29
N PHE A 73 -3.37 0.40 -2.73
CA PHE A 73 -4.71 -0.08 -3.07
C PHE A 73 -4.80 -0.45 -4.54
N ARG A 74 -5.59 -1.47 -4.80
CA ARG A 74 -5.77 -2.00 -6.14
C ARG A 74 -7.17 -2.57 -6.29
N HIS A 75 -8.05 -1.84 -6.98
CA HIS A 75 -9.44 -2.28 -7.16
C HIS A 75 -10.16 -2.45 -5.82
N GLY A 76 -9.69 -1.74 -4.80
CA GLY A 76 -10.28 -1.87 -3.49
C GLY A 76 -9.56 -2.89 -2.63
N ASN A 77 -8.71 -3.69 -3.27
CA ASN A 77 -7.93 -4.71 -2.56
C ASN A 77 -6.60 -4.11 -2.11
N ILE A 78 -5.81 -4.91 -1.43
CA ILE A 78 -4.52 -4.49 -0.95
C ILE A 78 -3.40 -5.29 -1.60
N VAL A 79 -2.53 -4.61 -2.31
CA VAL A 79 -1.38 -5.26 -2.94
C VAL A 79 -0.15 -5.11 -2.05
N ALA A 80 -0.02 -3.95 -1.44
CA ALA A 80 1.11 -3.70 -0.54
C ALA A 80 0.62 -3.14 0.78
N TYR A 81 1.23 -3.58 1.87
CA TYR A 81 0.89 -3.07 3.18
C TYR A 81 2.14 -2.92 4.03
N GLY A 82 2.15 -1.91 4.88
CA GLY A 82 3.25 -1.72 5.81
C GLY A 82 2.83 -0.84 6.97
N LYS A 83 2.51 -1.45 8.09
CA LYS A 83 2.14 -0.70 9.28
C LYS A 83 3.38 -0.48 10.15
N SER A 84 3.77 0.78 10.31
CA SER A 84 4.93 1.12 11.13
C SER A 84 4.70 2.40 11.90
N ARG A 85 5.49 2.61 12.93
CA ARG A 85 5.40 3.82 13.74
C ARG A 85 6.06 4.98 13.00
N LYS A 86 6.93 4.63 12.07
CA LYS A 86 7.63 5.63 11.28
C LYS A 86 7.12 5.61 9.85
N VAL A 87 6.84 6.80 9.33
CA VAL A 87 6.29 6.98 7.98
C VAL A 87 7.15 6.29 6.93
N ALA A 88 8.46 6.39 7.07
CA ALA A 88 9.39 5.90 6.06
C ALA A 88 9.56 4.38 6.13
N ASN A 89 9.50 3.83 7.33
CA ASN A 89 9.62 2.38 7.49
C ASN A 89 8.38 1.71 6.92
N ALA A 90 7.23 2.30 7.20
CA ALA A 90 5.96 1.84 6.67
C ALA A 90 5.99 1.85 5.14
N LYS A 91 6.51 2.94 4.58
CA LYS A 91 6.72 3.04 3.14
C LYS A 91 7.56 1.88 2.64
N TYR A 92 8.69 1.69 3.31
CA TYR A 92 9.66 0.70 2.90
C TYR A 92 9.03 -0.68 2.71
N ILE A 93 8.22 -1.07 3.68
CA ILE A 93 7.59 -2.37 3.67
C ILE A 93 6.68 -2.53 2.47
N MET A 94 5.74 -1.61 2.30
CA MET A 94 4.77 -1.70 1.22
C MET A 94 5.47 -1.60 -0.14
N LYS A 95 6.44 -0.69 -0.25
CA LYS A 95 7.17 -0.48 -1.50
C LYS A 95 7.85 -1.76 -1.95
N GLN A 96 8.51 -2.44 -1.02
CA GLN A 96 9.21 -3.68 -1.32
C GLN A 96 8.25 -4.78 -1.75
N ARG A 97 6.98 -4.66 -1.35
CA ARG A 97 5.96 -5.63 -1.74
C ARG A 97 5.75 -5.63 -3.24
N LEU A 98 5.22 -4.53 -3.78
CA LEU A 98 4.99 -4.45 -5.23
C LEU A 98 6.31 -4.49 -5.98
N LEU A 99 7.37 -3.96 -5.37
CA LEU A 99 8.71 -3.98 -5.95
C LEU A 99 9.07 -5.41 -6.34
N LYS A 100 8.91 -6.33 -5.40
CA LYS A 100 9.21 -7.72 -5.65
C LYS A 100 8.24 -8.31 -6.67
N LEU A 101 7.03 -7.80 -6.71
CA LEU A 101 6.01 -8.33 -7.61
C LEU A 101 6.31 -7.99 -9.06
N LEU A 102 6.84 -6.80 -9.31
CA LEU A 102 7.18 -6.39 -10.67
C LEU A 102 8.54 -6.93 -11.10
N GLU A 103 9.30 -7.44 -10.13
CA GLU A 103 10.59 -8.07 -10.41
C GLU A 103 10.40 -9.58 -10.59
N ASP A 104 9.58 -10.17 -9.72
CA ASP A 104 9.34 -11.61 -9.72
C ASP A 104 8.26 -11.95 -10.75
N LYS A 105 7.52 -10.92 -11.14
CA LYS A 105 6.47 -11.02 -12.15
C LYS A 105 5.32 -11.89 -11.65
N SER A 106 4.92 -11.64 -10.41
CA SER A 106 3.79 -12.32 -9.81
C SER A 106 2.49 -11.61 -10.17
N ASN A 107 1.45 -12.38 -10.46
CA ASN A 107 0.18 -11.84 -10.94
C ASN A 107 -0.54 -11.02 -9.87
N LEU A 108 -0.05 -11.07 -8.64
CA LEU A 108 -0.71 -10.39 -7.52
C LEU A 108 -0.88 -8.89 -7.80
N LEU A 109 0.11 -8.29 -8.43
CA LEU A 109 0.03 -6.87 -8.79
C LEU A 109 -0.14 -6.71 -10.29
N LEU A 110 0.12 -7.77 -11.02
CA LEU A 110 0.20 -7.69 -12.47
C LEU A 110 -0.92 -8.46 -13.16
N TYR A 111 -2.00 -8.75 -12.46
CA TYR A 111 -3.09 -9.53 -13.04
C TYR A 111 -3.88 -8.71 -14.05
N SER A 112 -4.57 -9.39 -14.94
CA SER A 112 -5.41 -8.75 -15.93
C SER A 112 -6.76 -8.38 -15.33
N CYS A 113 -7.27 -7.22 -15.71
CA CYS A 113 -8.52 -6.72 -15.15
C CYS A 113 -9.35 -6.01 -16.22
N ASN A 114 -10.55 -5.61 -15.85
CA ASN A 114 -11.44 -4.93 -16.78
C ASN A 114 -11.57 -3.44 -16.44
N CYS A 115 -10.55 -2.64 -16.71
CA CYS A 115 -10.72 -1.20 -16.70
C CYS A 115 -10.85 -0.67 -18.12
N LYS A 116 -10.77 -1.57 -19.09
CA LYS A 116 -10.97 -1.22 -20.50
C LYS A 116 -11.52 -2.42 -21.25
N PHE A 117 -10.89 -3.57 -21.06
CA PHE A 117 -11.35 -4.84 -21.63
C PHE A 117 -10.73 -5.98 -20.83
N SER A 118 -11.24 -7.18 -21.02
CA SER A 118 -10.65 -8.37 -20.41
C SER A 118 -11.40 -9.62 -20.82
N LYS A 119 -10.88 -10.75 -20.38
CA LYS A 119 -11.45 -12.04 -20.71
C LYS A 119 -12.26 -12.57 -19.52
N LYS A 120 -13.48 -12.98 -19.80
CA LYS A 120 -14.34 -13.49 -18.76
C LYS A 120 -13.96 -14.93 -18.42
N LYS A 121 -13.93 -15.24 -17.14
CA LYS A 121 -13.56 -16.58 -16.68
C LYS A 121 -14.76 -17.51 -16.78
ZN ZN B . -8.11 -2.30 -13.28
N MET A 21 18.40 3.18 -4.67
CA MET A 21 18.01 3.25 -6.11
C MET A 21 16.55 2.89 -6.28
N LYS A 22 16.11 1.84 -5.61
CA LYS A 22 14.71 1.46 -5.61
C LYS A 22 13.96 2.31 -4.59
N GLY A 23 13.32 3.38 -5.06
CA GLY A 23 12.64 4.27 -4.14
C GLY A 23 11.19 4.52 -4.52
N ASP A 24 10.98 5.16 -5.67
CA ASP A 24 9.64 5.52 -6.11
C ASP A 24 8.91 4.33 -6.68
N ILE A 25 8.52 3.43 -5.80
CA ILE A 25 7.83 2.22 -6.18
C ILE A 25 6.46 2.58 -6.77
N GLU A 26 5.89 3.65 -6.27
CA GLU A 26 4.59 4.13 -6.73
C GLU A 26 4.63 4.39 -8.23
N HIS A 27 5.69 5.04 -8.69
CA HIS A 27 5.86 5.31 -10.11
C HIS A 27 5.88 4.00 -10.90
N LYS A 28 6.60 3.01 -10.38
CA LYS A 28 6.74 1.72 -11.05
C LYS A 28 5.38 1.05 -11.24
N VAL A 29 4.61 0.99 -10.17
CA VAL A 29 3.29 0.37 -10.19
C VAL A 29 2.39 1.01 -11.24
N TYR A 30 2.48 2.33 -11.35
CA TYR A 30 1.69 3.05 -12.34
C TYR A 30 2.16 2.75 -13.75
N GLN A 31 3.48 2.66 -13.91
CA GLN A 31 4.10 2.47 -15.23
C GLN A 31 3.51 1.28 -15.99
N LEU A 32 3.35 0.16 -15.29
CA LEU A 32 2.89 -1.07 -15.94
C LEU A 32 1.39 -1.25 -15.81
N LEU A 33 0.83 -0.99 -14.65
CA LEU A 33 -0.59 -1.23 -14.42
C LEU A 33 -1.47 -0.39 -15.33
N LYS A 34 -1.12 0.87 -15.50
CA LYS A 34 -1.88 1.74 -16.39
C LYS A 34 -1.80 1.24 -17.82
N ASP A 35 -0.69 0.57 -18.13
CA ASP A 35 -0.46 0.03 -19.47
C ASP A 35 -1.17 -1.28 -19.68
N GLN A 36 -1.51 -1.95 -18.59
CA GLN A 36 -2.32 -3.16 -18.65
C GLN A 36 -3.79 -2.79 -18.71
N GLY A 37 -4.05 -1.50 -18.63
CA GLY A 37 -5.40 -1.00 -18.71
C GLY A 37 -6.04 -0.91 -17.35
N CYS A 38 -5.24 -0.63 -16.33
CA CYS A 38 -5.77 -0.44 -15.00
C CYS A 38 -5.58 1.00 -14.56
N GLU A 39 -6.57 1.56 -13.89
CA GLU A 39 -6.42 2.87 -13.25
C GLU A 39 -6.79 2.77 -11.76
N ASP A 40 -7.25 1.60 -11.36
CA ASP A 40 -7.74 1.39 -10.01
C ASP A 40 -6.63 0.86 -9.11
N PHE A 41 -5.83 1.78 -8.60
CA PHE A 41 -4.76 1.47 -7.67
C PHE A 41 -4.18 2.74 -7.08
N GLY A 42 -3.70 2.65 -5.84
CA GLY A 42 -3.13 3.79 -5.18
C GLY A 42 -2.64 3.45 -3.79
N THR A 43 -2.10 4.41 -3.06
CA THR A 43 -1.61 4.16 -1.72
C THR A 43 -2.50 4.79 -0.67
N LYS A 44 -2.55 4.18 0.50
CA LYS A 44 -3.22 4.80 1.63
C LYS A 44 -2.17 5.21 2.66
N CYS A 45 -2.37 6.35 3.29
CA CYS A 45 -1.48 6.79 4.35
C CYS A 45 -2.29 7.21 5.56
N VAL A 46 -3.02 6.26 6.12
CA VAL A 46 -3.91 6.55 7.24
C VAL A 46 -3.29 6.05 8.53
N ILE A 47 -3.49 6.79 9.61
CA ILE A 47 -2.96 6.37 10.89
C ILE A 47 -3.81 5.26 11.48
N GLU A 48 -3.14 4.17 11.82
CA GLU A 48 -3.79 3.05 12.45
C GLU A 48 -3.18 2.84 13.83
N GLU A 49 -3.85 3.36 14.83
CA GLU A 49 -3.34 3.37 16.18
C GLU A 49 -3.48 1.99 16.83
N VAL A 50 -2.72 1.78 17.89
CA VAL A 50 -2.80 0.55 18.65
C VAL A 50 -3.17 0.88 20.08
N LYS A 51 -4.39 0.51 20.47
CA LYS A 51 -4.92 0.81 21.78
C LYS A 51 -3.94 0.38 22.88
N SER A 52 -3.30 1.36 23.49
CA SER A 52 -2.35 1.12 24.55
C SER A 52 -3.11 0.87 25.86
N SER A 53 -2.88 -0.28 26.47
CA SER A 53 -3.61 -0.66 27.66
C SER A 53 -2.92 -0.11 28.91
N HIS A 54 -3.33 1.08 29.33
CA HIS A 54 -2.84 1.69 30.54
C HIS A 54 -3.75 2.86 30.93
N LYS A 55 -3.50 3.45 32.09
CA LYS A 55 -4.25 4.63 32.52
C LYS A 55 -3.44 5.89 32.24
N THR A 56 -3.86 6.64 31.24
CA THR A 56 -3.21 7.91 30.94
C THR A 56 -3.70 8.97 31.92
N LEU A 57 -2.96 10.06 32.03
CA LEU A 57 -3.25 11.06 33.04
C LEU A 57 -4.22 12.14 32.55
N LEU A 58 -4.91 11.88 31.46
CA LEU A 58 -5.92 12.82 30.97
C LEU A 58 -7.15 12.08 30.45
N ASN A 59 -8.14 12.87 30.04
CA ASN A 59 -9.39 12.37 29.49
C ASN A 59 -9.18 11.32 28.42
N THR A 60 -8.79 11.79 27.25
CA THR A 60 -8.53 10.94 26.10
C THR A 60 -7.04 10.86 25.89
N GLU A 61 -6.54 9.69 25.47
CA GLU A 61 -5.12 9.52 25.23
C GLU A 61 -4.62 10.57 24.23
N LEU A 62 -4.01 11.62 24.78
CA LEU A 62 -3.50 12.74 24.00
C LEU A 62 -2.76 12.25 22.76
N HIS A 63 -1.81 11.36 22.97
CA HIS A 63 -1.05 10.78 21.87
C HIS A 63 -0.58 9.38 22.25
N LEU A 64 -1.37 8.38 21.90
CA LEU A 64 -1.07 7.00 22.27
C LEU A 64 -0.16 6.36 21.23
N THR A 65 0.16 5.09 21.41
CA THR A 65 0.96 4.36 20.46
C THR A 65 0.21 4.21 19.15
N LYS A 66 0.65 4.95 18.15
CA LYS A 66 -0.01 4.93 16.86
C LYS A 66 1.00 4.61 15.77
N TYR A 67 0.51 4.02 14.69
CA TYR A 67 1.38 3.65 13.59
C TYR A 67 0.80 4.15 12.28
N TYR A 68 1.68 4.51 11.37
CA TYR A 68 1.25 4.92 10.05
C TYR A 68 0.89 3.70 9.21
N GLY A 69 -0.37 3.60 8.89
CA GLY A 69 -0.85 2.50 8.08
C GLY A 69 -0.63 2.76 6.61
N PHE A 70 0.59 2.52 6.15
CA PHE A 70 0.90 2.61 4.74
C PHE A 70 0.54 1.32 4.05
N SER A 71 -0.18 1.42 2.95
CA SER A 71 -0.63 0.25 2.24
C SER A 71 -0.95 0.61 0.80
N PHE A 72 -0.77 -0.34 -0.10
CA PHE A 72 -1.11 -0.12 -1.49
C PHE A 72 -2.41 -0.82 -1.83
N PHE A 73 -3.36 -0.03 -2.30
CA PHE A 73 -4.68 -0.53 -2.65
C PHE A 73 -4.74 -0.88 -4.13
N ARG A 74 -5.39 -1.99 -4.42
CA ARG A 74 -5.57 -2.48 -5.77
C ARG A 74 -6.98 -3.03 -5.93
N HIS A 75 -7.85 -2.28 -6.60
CA HIS A 75 -9.25 -2.68 -6.79
C HIS A 75 -9.98 -2.79 -5.47
N GLY A 76 -9.50 -2.07 -4.46
CA GLY A 76 -10.10 -2.15 -3.15
C GLY A 76 -9.51 -3.27 -2.32
N ASN A 77 -8.50 -3.93 -2.87
CA ASN A 77 -7.79 -4.98 -2.16
C ASN A 77 -6.44 -4.47 -1.73
N ILE A 78 -5.70 -5.28 -0.98
CA ILE A 78 -4.40 -4.89 -0.49
C ILE A 78 -3.30 -5.72 -1.14
N VAL A 79 -2.39 -5.03 -1.81
CA VAL A 79 -1.23 -5.68 -2.42
C VAL A 79 -0.01 -5.49 -1.54
N ALA A 80 0.15 -4.30 -0.99
CA ALA A 80 1.29 -3.99 -0.14
C ALA A 80 0.83 -3.40 1.17
N TYR A 81 1.50 -3.75 2.25
CA TYR A 81 1.19 -3.18 3.55
C TYR A 81 2.48 -2.97 4.34
N GLY A 82 2.59 -1.81 4.99
CA GLY A 82 3.73 -1.51 5.81
C GLY A 82 3.35 -0.58 6.94
N LYS A 83 3.16 -1.14 8.12
CA LYS A 83 2.78 -0.35 9.27
C LYS A 83 3.96 -0.04 10.16
N SER A 84 4.24 1.24 10.36
CA SER A 84 5.32 1.68 11.24
C SER A 84 5.02 3.07 11.78
N ARG A 85 5.64 3.41 12.91
CA ARG A 85 5.46 4.74 13.49
C ARG A 85 6.33 5.73 12.72
N LYS A 86 7.30 5.20 11.96
CA LYS A 86 8.11 6.01 11.08
C LYS A 86 7.49 6.01 9.69
N VAL A 87 7.17 7.19 9.19
CA VAL A 87 6.57 7.34 7.86
C VAL A 87 7.48 6.74 6.79
N ALA A 88 8.79 6.88 6.97
CA ALA A 88 9.76 6.41 5.99
C ALA A 88 9.93 4.89 6.06
N ASN A 89 9.68 4.32 7.23
CA ASN A 89 9.82 2.88 7.42
C ASN A 89 8.58 2.18 6.92
N ALA A 90 7.43 2.73 7.27
CA ALA A 90 6.15 2.21 6.84
C ALA A 90 6.06 2.16 5.32
N LYS A 91 6.38 3.29 4.70
CA LYS A 91 6.46 3.38 3.26
C LYS A 91 7.42 2.33 2.69
N TYR A 92 8.56 2.19 3.34
CA TYR A 92 9.61 1.27 2.88
C TYR A 92 9.08 -0.15 2.74
N ILE A 93 8.39 -0.63 3.77
CA ILE A 93 7.89 -1.98 3.81
C ILE A 93 6.95 -2.26 2.66
N MET A 94 5.91 -1.43 2.52
CA MET A 94 4.93 -1.63 1.46
C MET A 94 5.58 -1.53 0.09
N LYS A 95 6.54 -0.60 -0.05
CA LYS A 95 7.24 -0.43 -1.32
C LYS A 95 7.91 -1.72 -1.74
N GLN A 96 8.68 -2.31 -0.83
CA GLN A 96 9.41 -3.54 -1.12
C GLN A 96 8.48 -4.70 -1.47
N ARG A 97 7.22 -4.58 -1.08
CA ARG A 97 6.21 -5.60 -1.42
C ARG A 97 5.98 -5.61 -2.92
N LEU A 98 5.42 -4.53 -3.47
CA LEU A 98 5.17 -4.48 -4.91
C LEU A 98 6.46 -4.43 -5.70
N LEU A 99 7.50 -3.88 -5.08
CA LEU A 99 8.83 -3.77 -5.70
C LEU A 99 9.27 -5.14 -6.22
N LYS A 100 9.16 -6.14 -5.37
CA LYS A 100 9.56 -7.49 -5.75
C LYS A 100 8.56 -8.10 -6.72
N LEU A 101 7.31 -7.64 -6.64
CA LEU A 101 6.26 -8.18 -7.52
C LEU A 101 6.48 -7.75 -8.97
N LEU A 102 6.95 -6.53 -9.17
CA LEU A 102 7.22 -6.05 -10.52
C LEU A 102 8.60 -6.47 -10.99
N GLU A 103 9.52 -6.66 -10.04
CA GLU A 103 10.86 -7.16 -10.38
C GLU A 103 10.80 -8.63 -10.78
N ASP A 104 10.01 -9.41 -10.04
CA ASP A 104 9.90 -10.85 -10.27
C ASP A 104 8.81 -11.14 -11.30
N LYS A 105 8.00 -10.13 -11.58
CA LYS A 105 6.89 -10.23 -12.53
C LYS A 105 5.83 -11.22 -12.04
N SER A 106 5.46 -11.08 -10.78
CA SER A 106 4.44 -11.92 -10.18
C SER A 106 3.05 -11.30 -10.38
N ASN A 107 2.07 -12.15 -10.68
CA ASN A 107 0.73 -11.70 -11.06
C ASN A 107 -0.04 -11.10 -9.88
N LEU A 108 0.54 -11.15 -8.70
CA LEU A 108 -0.12 -10.65 -7.50
C LEU A 108 -0.39 -9.16 -7.60
N LEU A 109 0.48 -8.46 -8.28
CA LEU A 109 0.29 -7.04 -8.50
C LEU A 109 0.08 -6.75 -9.98
N LEU A 110 0.29 -7.77 -10.79
CA LEU A 110 0.29 -7.60 -12.24
C LEU A 110 -0.80 -8.44 -12.92
N TYR A 111 -1.83 -8.82 -12.19
CA TYR A 111 -2.89 -9.67 -12.76
C TYR A 111 -3.75 -8.89 -13.75
N SER A 112 -4.45 -9.63 -14.60
CA SER A 112 -5.34 -9.04 -15.59
C SER A 112 -6.70 -8.74 -14.99
N CYS A 113 -7.26 -7.61 -15.35
CA CYS A 113 -8.54 -7.15 -14.81
C CYS A 113 -9.37 -6.51 -15.92
N ASN A 114 -10.55 -6.02 -15.56
CA ASN A 114 -11.43 -5.39 -16.52
C ASN A 114 -11.67 -3.92 -16.19
N CYS A 115 -10.64 -3.08 -16.33
CA CYS A 115 -10.86 -1.64 -16.26
C CYS A 115 -11.03 -1.06 -17.67
N LYS A 116 -11.14 -1.94 -18.65
CA LYS A 116 -11.34 -1.56 -20.04
C LYS A 116 -11.87 -2.75 -20.83
N PHE A 117 -11.21 -3.89 -20.66
CA PHE A 117 -11.61 -5.14 -21.26
C PHE A 117 -10.82 -6.24 -20.59
N SER A 118 -11.15 -7.49 -20.88
CA SER A 118 -10.35 -8.60 -20.40
C SER A 118 -10.82 -9.93 -20.93
N LYS A 119 -10.00 -10.93 -20.67
CA LYS A 119 -10.27 -12.28 -21.08
C LYS A 119 -10.77 -13.09 -19.90
N LYS A 120 -10.46 -12.59 -18.70
CA LYS A 120 -10.96 -13.16 -17.47
C LYS A 120 -12.21 -12.39 -17.05
N LYS A 121 -13.11 -13.06 -16.34
CA LYS A 121 -14.38 -12.46 -15.95
C LYS A 121 -14.21 -11.56 -14.74
ZN ZN B . -8.13 -2.74 -12.92
N MET A 21 16.79 4.23 -3.10
CA MET A 21 15.92 4.15 -4.29
C MET A 21 15.48 5.54 -4.73
N LYS A 22 16.16 6.09 -5.73
CA LYS A 22 15.71 7.33 -6.34
C LYS A 22 14.78 7.00 -7.48
N GLY A 23 13.55 6.68 -7.11
CA GLY A 23 12.56 6.21 -8.05
C GLY A 23 11.52 5.37 -7.35
N ASP A 24 10.43 6.02 -6.95
CA ASP A 24 9.44 5.41 -6.08
C ASP A 24 8.75 4.20 -6.71
N ILE A 25 8.35 3.29 -5.84
CA ILE A 25 7.68 2.06 -6.24
C ILE A 25 6.29 2.39 -6.80
N GLU A 26 5.75 3.49 -6.33
CA GLU A 26 4.44 3.96 -6.77
C GLU A 26 4.46 4.19 -8.27
N HIS A 27 5.55 4.78 -8.76
CA HIS A 27 5.77 4.92 -10.19
C HIS A 27 5.76 3.56 -10.87
N LYS A 28 6.58 2.63 -10.36
CA LYS A 28 6.72 1.30 -10.99
C LYS A 28 5.37 0.60 -11.12
N VAL A 29 4.62 0.55 -10.03
CA VAL A 29 3.35 -0.15 -10.01
C VAL A 29 2.34 0.48 -10.94
N TYR A 30 2.35 1.81 -11.02
CA TYR A 30 1.45 2.51 -11.93
C TYR A 30 1.86 2.22 -13.37
N GLN A 31 3.17 2.08 -13.59
CA GLN A 31 3.73 1.93 -14.93
C GLN A 31 3.16 0.71 -15.66
N LEU A 32 3.15 -0.42 -14.98
CA LEU A 32 2.76 -1.68 -15.61
C LEU A 32 1.27 -1.95 -15.47
N LEU A 33 0.69 -1.53 -14.36
CA LEU A 33 -0.73 -1.77 -14.14
C LEU A 33 -1.59 -1.00 -15.11
N LYS A 34 -1.24 0.25 -15.35
CA LYS A 34 -1.97 1.07 -16.32
C LYS A 34 -1.83 0.49 -17.73
N ASP A 35 -0.72 -0.23 -17.95
CA ASP A 35 -0.46 -0.88 -19.22
C ASP A 35 -1.45 -2.01 -19.47
N GLN A 36 -1.66 -2.80 -18.44
CA GLN A 36 -2.52 -3.99 -18.54
C GLN A 36 -3.98 -3.60 -18.58
N GLY A 37 -4.26 -2.33 -18.41
CA GLY A 37 -5.63 -1.85 -18.43
C GLY A 37 -6.22 -1.76 -17.05
N CYS A 38 -5.40 -1.34 -16.10
CA CYS A 38 -5.89 -1.11 -14.75
C CYS A 38 -5.68 0.34 -14.35
N GLU A 39 -6.66 0.92 -13.69
CA GLU A 39 -6.47 2.22 -13.05
C GLU A 39 -6.88 2.15 -11.59
N ASP A 40 -7.48 1.02 -11.21
CA ASP A 40 -8.00 0.83 -9.86
C ASP A 40 -6.92 0.31 -8.93
N PHE A 41 -6.08 1.24 -8.48
CA PHE A 41 -5.02 0.94 -7.52
C PHE A 41 -4.51 2.23 -6.91
N GLY A 42 -3.78 2.11 -5.82
CA GLY A 42 -3.23 3.28 -5.16
C GLY A 42 -2.68 2.93 -3.79
N THR A 43 -2.12 3.92 -3.11
CA THR A 43 -1.56 3.68 -1.79
C THR A 43 -2.36 4.39 -0.71
N LYS A 44 -2.56 3.72 0.41
CA LYS A 44 -3.15 4.35 1.57
C LYS A 44 -2.03 4.77 2.52
N CYS A 45 -2.20 5.92 3.13
CA CYS A 45 -1.20 6.44 4.05
C CYS A 45 -1.90 6.91 5.31
N VAL A 46 -2.86 6.14 5.74
CA VAL A 46 -3.74 6.55 6.81
C VAL A 46 -3.10 6.29 8.17
N ILE A 47 -3.11 7.29 9.03
CA ILE A 47 -2.55 7.13 10.36
C ILE A 47 -3.46 6.25 11.21
N GLU A 48 -2.86 5.22 11.80
CA GLU A 48 -3.59 4.32 12.65
C GLU A 48 -3.02 4.37 14.06
N GLU A 49 -3.70 5.09 14.93
CA GLU A 49 -3.29 5.22 16.31
C GLU A 49 -3.66 3.95 17.07
N VAL A 50 -2.65 3.29 17.62
CA VAL A 50 -2.83 1.98 18.22
C VAL A 50 -3.26 2.10 19.68
N LYS A 51 -2.40 2.68 20.49
CA LYS A 51 -2.66 2.77 21.92
C LYS A 51 -2.10 4.08 22.46
N SER A 52 -2.54 4.45 23.66
CA SER A 52 -2.10 5.69 24.28
C SER A 52 -1.64 5.41 25.70
N SER A 53 -1.43 6.45 26.46
CA SER A 53 -1.03 6.34 27.85
C SER A 53 -1.91 7.23 28.71
N HIS A 54 -2.95 6.65 29.28
CA HIS A 54 -3.88 7.39 30.12
C HIS A 54 -3.17 7.85 31.40
N LYS A 55 -2.74 9.11 31.40
CA LYS A 55 -1.95 9.64 32.50
C LYS A 55 -1.85 11.15 32.40
N THR A 56 -1.57 11.64 31.20
CA THR A 56 -1.37 13.07 30.98
C THR A 56 -2.70 13.83 31.08
N LEU A 57 -3.74 13.30 30.44
CA LEU A 57 -5.09 13.87 30.49
C LEU A 57 -5.11 15.35 30.10
N LEU A 58 -5.27 15.61 28.81
CA LEU A 58 -5.35 16.97 28.31
C LEU A 58 -6.39 17.08 27.21
N ASN A 59 -6.33 18.17 26.46
CA ASN A 59 -7.17 18.38 25.27
C ASN A 59 -7.27 17.11 24.45
N THR A 60 -6.13 16.66 23.94
CA THR A 60 -6.03 15.41 23.23
C THR A 60 -5.22 14.42 24.06
N GLU A 61 -4.54 13.49 23.42
CA GLU A 61 -3.59 12.62 24.11
C GLU A 61 -2.18 13.15 23.94
N LEU A 62 -2.07 14.43 23.56
CA LEU A 62 -0.80 15.07 23.22
C LEU A 62 -0.22 14.47 21.93
N HIS A 63 0.26 13.24 22.02
CA HIS A 63 0.75 12.49 20.87
C HIS A 63 0.99 11.04 21.28
N LEU A 64 0.02 10.19 20.99
CA LEU A 64 0.06 8.81 21.42
C LEU A 64 0.86 7.94 20.45
N THR A 65 0.82 6.64 20.67
CA THR A 65 1.53 5.71 19.80
C THR A 65 0.71 5.42 18.57
N LYS A 66 1.02 6.12 17.51
CA LYS A 66 0.31 5.98 16.26
C LYS A 66 1.26 5.49 15.19
N TYR A 67 0.71 4.85 14.16
CA TYR A 67 1.51 4.32 13.09
C TYR A 67 1.00 4.81 11.75
N TYR A 68 1.91 4.99 10.82
CA TYR A 68 1.54 5.36 9.47
C TYR A 68 1.14 4.11 8.70
N GLY A 69 -0.16 3.96 8.49
CA GLY A 69 -0.67 2.80 7.82
C GLY A 69 -0.51 2.89 6.32
N PHE A 70 0.70 2.67 5.83
CA PHE A 70 0.98 2.60 4.41
C PHE A 70 0.60 1.24 3.87
N SER A 71 -0.04 1.22 2.71
CA SER A 71 -0.44 -0.02 2.09
C SER A 71 -0.88 0.25 0.65
N PHE A 72 -0.61 -0.68 -0.24
CA PHE A 72 -1.02 -0.54 -1.62
C PHE A 72 -2.28 -1.34 -1.89
N PHE A 73 -3.31 -0.64 -2.34
CA PHE A 73 -4.60 -1.24 -2.63
C PHE A 73 -4.70 -1.64 -4.09
N ARG A 74 -5.26 -2.80 -4.32
CA ARG A 74 -5.41 -3.34 -5.67
C ARG A 74 -6.75 -4.05 -5.78
N HIS A 75 -7.72 -3.42 -6.45
CA HIS A 75 -9.07 -3.99 -6.59
C HIS A 75 -9.69 -4.30 -5.23
N GLY A 76 -9.34 -3.50 -4.23
CA GLY A 76 -9.85 -3.71 -2.89
C GLY A 76 -8.99 -4.65 -2.07
N ASN A 77 -8.08 -5.34 -2.73
CA ASN A 77 -7.17 -6.24 -2.03
C ASN A 77 -5.92 -5.49 -1.62
N ILE A 78 -5.07 -6.15 -0.86
CA ILE A 78 -3.83 -5.56 -0.42
C ILE A 78 -2.64 -6.31 -1.00
N VAL A 79 -1.89 -5.61 -1.83
CA VAL A 79 -0.69 -6.18 -2.44
C VAL A 79 0.53 -5.83 -1.62
N ALA A 80 0.53 -4.61 -1.10
CA ALA A 80 1.63 -4.14 -0.28
C ALA A 80 1.11 -3.58 1.03
N TYR A 81 1.78 -3.86 2.12
CA TYR A 81 1.38 -3.31 3.40
C TYR A 81 2.62 -2.99 4.22
N GLY A 82 2.72 -1.76 4.66
CA GLY A 82 3.84 -1.33 5.45
C GLY A 82 3.42 -0.40 6.55
N LYS A 83 3.20 -0.93 7.73
CA LYS A 83 2.82 -0.11 8.87
C LYS A 83 4.03 0.15 9.75
N SER A 84 4.31 1.42 10.00
CA SER A 84 5.40 1.80 10.87
C SER A 84 5.13 3.18 11.46
N ARG A 85 5.81 3.50 12.56
CA ARG A 85 5.66 4.81 13.17
C ARG A 85 6.42 5.84 12.34
N LYS A 86 7.35 5.34 11.52
CA LYS A 86 8.11 6.16 10.61
C LYS A 86 7.53 6.04 9.20
N VAL A 87 7.22 7.18 8.59
CA VAL A 87 6.65 7.22 7.24
C VAL A 87 7.55 6.49 6.23
N ALA A 88 8.84 6.78 6.29
CA ALA A 88 9.80 6.20 5.37
C ALA A 88 9.89 4.69 5.55
N ASN A 89 9.86 4.22 6.79
CA ASN A 89 9.97 2.80 7.08
C ASN A 89 8.73 2.06 6.60
N ALA A 90 7.57 2.63 6.91
CA ALA A 90 6.30 2.08 6.48
C ALA A 90 6.24 1.98 4.96
N LYS A 91 6.65 3.08 4.34
CA LYS A 91 6.67 3.21 2.90
C LYS A 91 7.68 2.25 2.30
N TYR A 92 8.80 2.06 3.00
CA TYR A 92 9.83 1.11 2.61
C TYR A 92 9.26 -0.30 2.49
N ILE A 93 8.56 -0.72 3.52
CA ILE A 93 8.02 -2.08 3.59
C ILE A 93 7.08 -2.37 2.43
N MET A 94 6.10 -1.50 2.23
CA MET A 94 5.13 -1.69 1.18
C MET A 94 5.83 -1.70 -0.19
N LYS A 95 6.83 -0.84 -0.36
CA LYS A 95 7.62 -0.82 -1.60
C LYS A 95 8.20 -2.18 -1.92
N GLN A 96 8.82 -2.80 -0.91
CA GLN A 96 9.48 -4.10 -1.08
C GLN A 96 8.49 -5.17 -1.51
N ARG A 97 7.22 -4.98 -1.19
CA ARG A 97 6.18 -5.91 -1.57
C ARG A 97 5.98 -5.91 -3.09
N LEU A 98 5.44 -4.82 -3.64
CA LEU A 98 5.16 -4.77 -5.08
C LEU A 98 6.44 -4.91 -5.87
N LEU A 99 7.53 -4.38 -5.32
CA LEU A 99 8.84 -4.50 -5.93
C LEU A 99 9.10 -5.93 -6.35
N LYS A 100 8.95 -6.83 -5.40
CA LYS A 100 9.22 -8.24 -5.65
C LYS A 100 8.31 -8.78 -6.73
N LEU A 101 7.08 -8.29 -6.82
CA LEU A 101 6.17 -8.75 -7.86
C LEU A 101 6.64 -8.32 -9.24
N LEU A 102 7.11 -7.08 -9.36
CA LEU A 102 7.57 -6.57 -10.64
C LEU A 102 8.99 -7.04 -10.95
N GLU A 103 9.75 -7.39 -9.91
CA GLU A 103 11.08 -7.96 -10.09
C GLU A 103 10.99 -9.41 -10.56
N ASP A 104 10.17 -10.18 -9.87
CA ASP A 104 10.06 -11.62 -10.14
C ASP A 104 9.04 -11.86 -11.24
N LYS A 105 8.30 -10.81 -11.57
CA LYS A 105 7.26 -10.86 -12.58
C LYS A 105 6.18 -11.86 -12.19
N SER A 106 5.70 -11.72 -10.96
CA SER A 106 4.67 -12.60 -10.43
C SER A 106 3.28 -11.97 -10.60
N ASN A 107 2.28 -12.80 -10.89
CA ASN A 107 0.95 -12.31 -11.23
C ASN A 107 0.20 -11.74 -10.03
N LEU A 108 0.83 -11.76 -8.86
CA LEU A 108 0.20 -11.28 -7.65
C LEU A 108 -0.07 -9.78 -7.73
N LEU A 109 0.80 -9.06 -8.42
CA LEU A 109 0.55 -7.64 -8.67
C LEU A 109 0.32 -7.39 -10.16
N LEU A 110 0.68 -8.37 -10.96
CA LEU A 110 0.69 -8.18 -12.41
C LEU A 110 -0.40 -8.99 -13.12
N TYR A 111 -1.46 -9.34 -12.41
CA TYR A 111 -2.54 -10.12 -13.01
C TYR A 111 -3.40 -9.26 -13.93
N SER A 112 -4.20 -9.94 -14.75
CA SER A 112 -5.09 -9.28 -15.69
C SER A 112 -6.49 -9.09 -15.08
N CYS A 113 -7.16 -8.04 -15.52
CA CYS A 113 -8.50 -7.72 -15.04
C CYS A 113 -9.29 -7.06 -16.16
N ASN A 114 -10.52 -6.62 -15.86
CA ASN A 114 -11.32 -5.91 -16.86
C ASN A 114 -11.74 -4.53 -16.34
N CYS A 115 -10.77 -3.62 -16.19
CA CYS A 115 -11.10 -2.25 -15.84
C CYS A 115 -11.53 -1.48 -17.08
N LYS A 116 -11.26 -2.07 -18.24
CA LYS A 116 -11.62 -1.46 -19.51
C LYS A 116 -11.89 -2.56 -20.54
N PHE A 117 -11.00 -3.53 -20.58
CA PHE A 117 -11.13 -4.68 -21.44
C PHE A 117 -10.23 -5.78 -20.91
N SER A 118 -10.16 -6.90 -21.62
CA SER A 118 -9.24 -7.96 -21.27
C SER A 118 -8.46 -8.43 -22.50
N LYS A 119 -7.49 -9.31 -22.25
CA LYS A 119 -6.64 -9.86 -23.30
C LYS A 119 -5.67 -8.82 -23.82
N LYS A 120 -5.01 -8.15 -22.88
CA LYS A 120 -3.89 -7.27 -23.20
C LYS A 120 -2.68 -8.12 -23.50
N LYS A 121 -2.32 -8.94 -22.52
CA LYS A 121 -1.32 -9.97 -22.70
C LYS A 121 -1.73 -10.91 -23.83
ZN ZN B . -8.19 -3.44 -12.73
N MET A 21 15.39 1.35 -4.19
CA MET A 21 16.15 1.29 -5.47
C MET A 21 16.18 2.68 -6.10
N LYS A 22 16.80 2.79 -7.26
CA LYS A 22 16.83 4.06 -7.97
C LYS A 22 15.54 4.23 -8.78
N GLY A 23 14.71 5.16 -8.35
CA GLY A 23 13.39 5.30 -8.91
C GLY A 23 12.35 4.74 -7.96
N ASP A 24 11.30 5.52 -7.71
CA ASP A 24 10.30 5.11 -6.73
C ASP A 24 9.42 3.99 -7.25
N ILE A 25 9.06 3.10 -6.34
CA ILE A 25 8.28 1.91 -6.65
C ILE A 25 6.90 2.28 -7.20
N GLU A 26 6.34 3.38 -6.74
CA GLU A 26 4.98 3.76 -7.12
C GLU A 26 4.96 4.16 -8.59
N HIS A 27 6.05 4.75 -9.06
CA HIS A 27 6.17 5.08 -10.47
C HIS A 27 6.17 3.81 -11.29
N LYS A 28 6.84 2.78 -10.78
CA LYS A 28 6.88 1.48 -11.46
C LYS A 28 5.48 0.89 -11.56
N VAL A 29 4.77 0.89 -10.43
CA VAL A 29 3.41 0.35 -10.36
C VAL A 29 2.51 1.02 -11.39
N TYR A 30 2.54 2.35 -11.43
CA TYR A 30 1.70 3.08 -12.36
C TYR A 30 2.08 2.75 -13.80
N GLN A 31 3.39 2.69 -14.04
CA GLN A 31 3.92 2.48 -15.39
C GLN A 31 3.34 1.27 -16.08
N LEU A 32 3.31 0.15 -15.40
CA LEU A 32 2.89 -1.10 -16.02
C LEU A 32 1.40 -1.33 -15.87
N LEU A 33 0.85 -0.98 -14.72
CA LEU A 33 -0.56 -1.21 -14.45
C LEU A 33 -1.46 -0.42 -15.37
N LYS A 34 -1.14 0.85 -15.58
CA LYS A 34 -1.92 1.69 -16.48
C LYS A 34 -1.86 1.13 -17.90
N ASP A 35 -0.77 0.42 -18.17
CA ASP A 35 -0.52 -0.14 -19.49
C ASP A 35 -1.36 -1.40 -19.71
N GLN A 36 -1.44 -2.24 -18.68
CA GLN A 36 -2.21 -3.48 -18.76
C GLN A 36 -3.70 -3.18 -18.86
N GLY A 37 -4.06 -1.97 -18.46
CA GLY A 37 -5.44 -1.57 -18.48
C GLY A 37 -6.00 -1.41 -17.09
N CYS A 38 -5.22 -0.84 -16.20
CA CYS A 38 -5.72 -0.51 -14.88
C CYS A 38 -5.47 0.96 -14.57
N GLU A 39 -6.47 1.63 -14.03
CA GLU A 39 -6.27 2.98 -13.49
C GLU A 39 -6.69 3.01 -12.03
N ASP A 40 -7.05 1.85 -11.51
CA ASP A 40 -7.64 1.75 -10.18
C ASP A 40 -6.63 1.22 -9.18
N PHE A 41 -5.80 2.11 -8.67
CA PHE A 41 -4.78 1.77 -7.67
C PHE A 41 -4.18 3.04 -7.08
N GLY A 42 -3.67 2.94 -5.86
CA GLY A 42 -3.08 4.09 -5.21
C GLY A 42 -2.52 3.74 -3.84
N THR A 43 -1.68 4.60 -3.32
CA THR A 43 -1.06 4.38 -2.02
C THR A 43 -1.83 5.07 -0.90
N LYS A 44 -1.79 4.49 0.29
CA LYS A 44 -2.34 5.14 1.47
C LYS A 44 -1.43 4.94 2.66
N CYS A 45 -1.38 5.93 3.54
CA CYS A 45 -0.65 5.80 4.79
C CYS A 45 -1.51 6.31 5.93
N VAL A 46 -2.38 5.45 6.42
CA VAL A 46 -3.26 5.82 7.52
C VAL A 46 -2.59 5.43 8.83
N ILE A 47 -2.71 6.29 9.83
CA ILE A 47 -2.11 6.01 11.11
C ILE A 47 -2.89 4.93 11.85
N GLU A 48 -2.16 3.91 12.24
CA GLU A 48 -2.71 2.83 13.01
C GLU A 48 -2.38 3.06 14.47
N GLU A 49 -3.23 3.85 15.12
CA GLU A 49 -3.05 4.19 16.52
C GLU A 49 -3.55 3.05 17.39
N VAL A 50 -2.65 2.47 18.15
CA VAL A 50 -2.96 1.31 18.97
C VAL A 50 -3.64 1.76 20.27
N LYS A 51 -4.96 1.89 20.19
CA LYS A 51 -5.74 2.34 21.32
C LYS A 51 -5.93 1.22 22.33
N SER A 52 -4.95 1.07 23.21
CA SER A 52 -4.98 0.03 24.23
C SER A 52 -4.12 0.45 25.41
N SER A 53 -4.52 0.01 26.60
CA SER A 53 -3.78 0.29 27.82
C SER A 53 -3.65 1.80 28.06
N HIS A 54 -4.70 2.53 27.69
CA HIS A 54 -4.68 3.98 27.80
C HIS A 54 -5.42 4.45 29.06
N LYS A 55 -4.73 4.39 30.18
CA LYS A 55 -5.25 4.95 31.42
C LYS A 55 -4.79 6.39 31.52
N THR A 56 -5.73 7.31 31.47
CA THR A 56 -5.39 8.71 31.30
C THR A 56 -6.49 9.62 31.87
N LEU A 57 -6.41 10.90 31.54
CA LEU A 57 -7.33 11.89 32.08
C LEU A 57 -8.15 12.58 30.99
N LEU A 58 -7.95 12.14 29.74
CA LEU A 58 -8.71 12.71 28.63
C LEU A 58 -9.24 11.59 27.73
N ASN A 59 -9.87 11.98 26.62
CA ASN A 59 -10.45 11.06 25.65
C ASN A 59 -9.56 9.85 25.42
N THR A 60 -8.39 10.10 24.88
CA THR A 60 -7.40 9.08 24.67
C THR A 60 -6.05 9.62 25.07
N GLU A 61 -5.06 8.75 25.16
CA GLU A 61 -3.69 9.21 25.37
C GLU A 61 -3.32 10.18 24.26
N LEU A 62 -3.36 11.48 24.61
CA LEU A 62 -2.93 12.56 23.72
C LEU A 62 -1.77 12.14 22.82
N HIS A 63 -0.74 11.55 23.42
CA HIS A 63 0.33 10.93 22.65
C HIS A 63 0.21 9.41 22.77
N LEU A 64 -0.56 8.81 21.88
CA LEU A 64 -0.83 7.37 21.93
C LEU A 64 0.20 6.62 21.10
N THR A 65 0.40 5.34 21.42
CA THR A 65 1.27 4.49 20.62
C THR A 65 0.66 4.30 19.25
N LYS A 66 1.12 5.10 18.30
CA LYS A 66 0.56 5.10 16.98
C LYS A 66 1.60 4.65 15.97
N TYR A 67 1.15 4.06 14.88
CA TYR A 67 2.04 3.55 13.86
C TYR A 67 1.61 4.05 12.49
N TYR A 68 2.56 4.15 11.58
CA TYR A 68 2.26 4.56 10.22
C TYR A 68 1.90 3.34 9.37
N GLY A 69 0.63 3.22 9.05
CA GLY A 69 0.16 2.08 8.29
C GLY A 69 0.22 2.34 6.79
N PHE A 70 1.43 2.25 6.23
CA PHE A 70 1.62 2.40 4.80
C PHE A 70 1.11 1.17 4.06
N SER A 71 0.41 1.39 2.95
CA SER A 71 -0.15 0.30 2.18
C SER A 71 -0.39 0.74 0.73
N PHE A 72 -0.39 -0.22 -0.18
CA PHE A 72 -0.74 0.06 -1.56
C PHE A 72 -2.07 -0.61 -1.90
N PHE A 73 -3.02 0.19 -2.35
CA PHE A 73 -4.35 -0.28 -2.69
C PHE A 73 -4.47 -0.63 -4.17
N ARG A 74 -5.19 -1.71 -4.43
CA ARG A 74 -5.42 -2.18 -5.79
C ARG A 74 -6.82 -2.78 -5.89
N HIS A 75 -7.74 -2.06 -6.53
CA HIS A 75 -9.14 -2.50 -6.64
C HIS A 75 -9.77 -2.64 -5.27
N GLY A 76 -9.30 -1.86 -4.31
CA GLY A 76 -9.81 -1.96 -2.96
C GLY A 76 -9.13 -3.06 -2.16
N ASN A 77 -8.20 -3.78 -2.81
CA ASN A 77 -7.43 -4.81 -2.12
C ASN A 77 -6.08 -4.26 -1.70
N ILE A 78 -5.32 -5.08 -1.00
CA ILE A 78 -4.00 -4.67 -0.54
C ILE A 78 -2.91 -5.50 -1.21
N VAL A 79 -2.09 -4.82 -1.98
CA VAL A 79 -0.97 -5.46 -2.65
C VAL A 79 0.29 -5.30 -1.81
N ALA A 80 0.43 -4.14 -1.19
CA ALA A 80 1.56 -3.88 -0.33
C ALA A 80 1.09 -3.35 1.01
N TYR A 81 1.68 -3.85 2.09
CA TYR A 81 1.33 -3.38 3.42
C TYR A 81 2.57 -3.33 4.30
N GLY A 82 2.78 -2.22 4.95
CA GLY A 82 3.92 -2.06 5.83
C GLY A 82 3.67 -1.04 6.91
N LYS A 83 3.29 -1.51 8.08
CA LYS A 83 3.09 -0.66 9.22
C LYS A 83 4.36 -0.57 10.06
N SER A 84 4.81 0.64 10.33
CA SER A 84 5.98 0.86 11.14
C SER A 84 5.81 2.07 12.03
N ARG A 85 6.65 2.16 13.05
CA ARG A 85 6.61 3.29 13.99
C ARG A 85 7.08 4.57 13.29
N LYS A 86 7.88 4.42 12.24
CA LYS A 86 8.37 5.56 11.48
C LYS A 86 7.95 5.47 10.01
N VAL A 87 7.77 6.63 9.39
CA VAL A 87 7.32 6.71 8.00
C VAL A 87 8.31 6.02 7.04
N ALA A 88 9.60 6.26 7.27
CA ALA A 88 10.65 5.74 6.40
C ALA A 88 10.60 4.23 6.29
N ASN A 89 10.58 3.57 7.44
CA ASN A 89 10.59 2.10 7.47
C ASN A 89 9.33 1.55 6.84
N ALA A 90 8.20 2.14 7.19
CA ALA A 90 6.90 1.72 6.68
C ALA A 90 6.86 1.79 5.15
N LYS A 91 7.30 2.91 4.59
CA LYS A 91 7.40 3.06 3.15
C LYS A 91 8.26 1.96 2.56
N TYR A 92 9.40 1.75 3.19
CA TYR A 92 10.38 0.80 2.72
C TYR A 92 9.76 -0.57 2.51
N ILE A 93 9.03 -1.03 3.52
CA ILE A 93 8.39 -2.34 3.52
C ILE A 93 7.45 -2.50 2.33
N MET A 94 6.46 -1.61 2.23
CA MET A 94 5.46 -1.71 1.19
C MET A 94 6.09 -1.55 -0.20
N LYS A 95 7.07 -0.65 -0.32
CA LYS A 95 7.78 -0.44 -1.57
C LYS A 95 8.34 -1.76 -2.08
N GLN A 96 9.06 -2.45 -1.21
CA GLN A 96 9.70 -3.72 -1.55
C GLN A 96 8.68 -4.79 -1.95
N ARG A 97 7.46 -4.64 -1.47
CA ARG A 97 6.40 -5.61 -1.75
C ARG A 97 6.06 -5.64 -3.23
N LEU A 98 5.55 -4.54 -3.76
CA LEU A 98 5.23 -4.48 -5.19
C LEU A 98 6.49 -4.60 -6.03
N LEU A 99 7.60 -4.10 -5.47
CA LEU A 99 8.90 -4.17 -6.12
C LEU A 99 9.20 -5.60 -6.52
N LYS A 100 9.00 -6.52 -5.59
CA LYS A 100 9.23 -7.94 -5.85
C LYS A 100 8.25 -8.47 -6.88
N LEU A 101 7.04 -7.94 -6.86
CA LEU A 101 5.99 -8.39 -7.75
C LEU A 101 6.31 -8.04 -9.20
N LEU A 102 6.82 -6.85 -9.43
CA LEU A 102 7.16 -6.44 -10.80
C LEU A 102 8.52 -7.00 -11.23
N GLU A 103 9.34 -7.39 -10.26
CA GLU A 103 10.61 -8.04 -10.56
C GLU A 103 10.42 -9.51 -10.89
N ASP A 104 9.65 -10.19 -10.04
CA ASP A 104 9.44 -11.63 -10.16
C ASP A 104 8.28 -11.91 -11.10
N LYS A 105 7.52 -10.87 -11.39
CA LYS A 105 6.33 -10.97 -12.24
C LYS A 105 5.27 -11.83 -11.57
N SER A 106 4.93 -11.45 -10.34
CA SER A 106 3.88 -12.12 -9.59
C SER A 106 2.53 -11.48 -9.91
N ASN A 107 1.51 -12.29 -10.12
CA ASN A 107 0.21 -11.81 -10.58
C ASN A 107 -0.54 -11.04 -9.50
N LEU A 108 0.04 -10.95 -8.31
CA LEU A 108 -0.60 -10.27 -7.20
C LEU A 108 -0.78 -8.79 -7.50
N LEU A 109 0.22 -8.19 -8.13
CA LEU A 109 0.09 -6.80 -8.55
C LEU A 109 -0.12 -6.69 -10.05
N LEU A 110 0.12 -7.78 -10.75
CA LEU A 110 0.15 -7.76 -12.21
C LEU A 110 -0.95 -8.61 -12.85
N TYR A 111 -2.05 -8.81 -12.15
CA TYR A 111 -3.16 -9.59 -12.70
C TYR A 111 -3.96 -8.76 -13.72
N SER A 112 -4.72 -9.45 -14.55
CA SER A 112 -5.55 -8.78 -15.55
C SER A 112 -6.92 -8.46 -14.96
N CYS A 113 -7.49 -7.35 -15.39
CA CYS A 113 -8.77 -6.88 -14.88
C CYS A 113 -9.48 -6.09 -15.97
N ASN A 114 -10.79 -5.97 -15.88
CA ASN A 114 -11.53 -5.13 -16.80
C ASN A 114 -11.73 -3.73 -16.22
N CYS A 115 -10.69 -2.90 -16.28
CA CYS A 115 -10.89 -1.47 -16.09
C CYS A 115 -11.18 -0.82 -17.43
N LYS A 116 -10.89 -1.56 -18.50
CA LYS A 116 -11.16 -1.11 -19.85
C LYS A 116 -11.26 -2.32 -20.79
N PHE A 117 -10.34 -3.27 -20.64
CA PHE A 117 -10.38 -4.51 -21.41
C PHE A 117 -9.68 -5.62 -20.63
N SER A 118 -10.00 -6.86 -20.99
CA SER A 118 -9.31 -8.04 -20.45
C SER A 118 -9.92 -9.32 -20.99
N LYS A 119 -9.08 -10.35 -21.13
CA LYS A 119 -9.52 -11.71 -21.52
C LYS A 119 -9.94 -11.81 -22.99
N LYS A 120 -10.58 -10.76 -23.51
CA LYS A 120 -11.07 -10.77 -24.88
C LYS A 120 -9.90 -10.85 -25.85
N LYS A 121 -10.12 -11.51 -26.97
CA LYS A 121 -9.07 -11.75 -27.95
C LYS A 121 -8.85 -10.51 -28.81
ZN ZN B . -8.15 -2.59 -12.78
N MET A 21 13.87 -2.39 -8.61
CA MET A 21 14.32 -1.33 -7.68
C MET A 21 14.60 -0.03 -8.43
N LYS A 22 15.01 0.99 -7.67
CA LYS A 22 15.44 2.27 -8.22
C LYS A 22 14.27 3.12 -8.69
N GLY A 23 14.09 4.25 -8.03
CA GLY A 23 12.98 5.13 -8.33
C GLY A 23 11.94 5.09 -7.22
N ASP A 24 10.69 5.25 -7.60
CA ASP A 24 9.60 5.18 -6.65
C ASP A 24 8.58 4.15 -7.08
N ILE A 25 8.10 3.38 -6.12
CA ILE A 25 7.21 2.27 -6.39
C ILE A 25 5.87 2.74 -6.97
N GLU A 26 5.45 3.95 -6.60
CA GLU A 26 4.15 4.45 -7.04
C GLU A 26 4.17 4.73 -8.52
N HIS A 27 5.34 5.09 -9.02
CA HIS A 27 5.53 5.23 -10.46
C HIS A 27 5.37 3.88 -11.13
N LYS A 28 6.00 2.86 -10.54
CA LYS A 28 6.04 1.52 -11.11
C LYS A 28 4.63 0.93 -11.23
N VAL A 29 3.88 1.01 -10.14
CA VAL A 29 2.56 0.41 -10.08
C VAL A 29 1.59 1.07 -11.06
N TYR A 30 1.65 2.40 -11.17
CA TYR A 30 0.79 3.10 -12.11
C TYR A 30 1.23 2.76 -13.53
N GLN A 31 2.54 2.61 -13.72
CA GLN A 31 3.14 2.39 -15.03
C GLN A 31 2.48 1.24 -15.78
N LEU A 32 2.46 0.09 -15.14
CA LEU A 32 1.97 -1.11 -15.79
C LEU A 32 0.45 -1.24 -15.67
N LEU A 33 -0.09 -0.87 -14.53
CA LEU A 33 -1.53 -0.99 -14.29
C LEU A 33 -2.34 -0.14 -15.26
N LYS A 34 -1.93 1.10 -15.45
CA LYS A 34 -2.64 1.98 -16.37
C LYS A 34 -2.48 1.48 -17.81
N ASP A 35 -1.39 0.76 -18.05
CA ASP A 35 -1.13 0.17 -19.36
C ASP A 35 -2.04 -1.02 -19.60
N GLN A 36 -2.19 -1.84 -18.56
CA GLN A 36 -3.08 -3.00 -18.60
C GLN A 36 -4.53 -2.55 -18.69
N GLY A 37 -4.75 -1.27 -18.45
CA GLY A 37 -6.07 -0.73 -18.54
C GLY A 37 -6.77 -0.72 -17.20
N CYS A 38 -6.01 -0.58 -16.13
CA CYS A 38 -6.60 -0.47 -14.82
C CYS A 38 -6.62 1.00 -14.39
N GLU A 39 -7.68 1.38 -13.69
CA GLU A 39 -7.73 2.70 -13.06
C GLU A 39 -8.03 2.55 -11.57
N ASP A 40 -8.48 1.37 -11.20
CA ASP A 40 -8.91 1.11 -9.83
C ASP A 40 -7.72 0.70 -8.96
N PHE A 41 -7.00 1.70 -8.51
CA PHE A 41 -5.89 1.51 -7.58
C PHE A 41 -5.41 2.86 -7.04
N GLY A 42 -4.86 2.84 -5.84
CA GLY A 42 -4.37 4.06 -5.24
C GLY A 42 -3.81 3.80 -3.86
N THR A 43 -2.94 4.69 -3.40
CA THR A 43 -2.32 4.55 -2.10
C THR A 43 -3.16 5.18 -1.00
N LYS A 44 -3.17 4.55 0.16
CA LYS A 44 -3.85 5.12 1.32
C LYS A 44 -2.82 5.43 2.39
N CYS A 45 -2.92 6.62 2.95
CA CYS A 45 -2.00 7.05 3.98
C CYS A 45 -2.76 7.63 5.16
N VAL A 46 -2.94 6.80 6.19
CA VAL A 46 -3.65 7.22 7.38
C VAL A 46 -2.94 6.69 8.61
N ILE A 47 -2.88 7.48 9.66
CA ILE A 47 -2.26 7.03 10.89
C ILE A 47 -3.23 6.17 11.67
N GLU A 48 -2.76 5.01 12.08
CA GLU A 48 -3.57 4.07 12.81
C GLU A 48 -2.90 3.78 14.15
N GLU A 49 -3.36 4.48 15.17
CA GLU A 49 -2.77 4.38 16.50
C GLU A 49 -3.18 3.10 17.20
N VAL A 50 -2.26 2.53 17.95
CA VAL A 50 -2.50 1.28 18.65
C VAL A 50 -2.45 1.51 20.15
N LYS A 51 -3.59 1.94 20.67
CA LYS A 51 -3.73 2.29 22.08
C LYS A 51 -5.18 2.66 22.32
N SER A 52 -5.46 3.28 23.46
CA SER A 52 -6.81 3.78 23.73
C SER A 52 -7.17 4.87 22.71
N SER A 53 -7.98 4.49 21.72
CA SER A 53 -8.37 5.42 20.68
C SER A 53 -9.30 6.48 21.24
N HIS A 54 -10.06 6.10 22.26
CA HIS A 54 -10.94 7.02 22.96
C HIS A 54 -10.15 7.80 24.01
N LYS A 55 -8.98 8.29 23.60
CA LYS A 55 -8.09 9.03 24.48
C LYS A 55 -8.76 10.30 25.01
N THR A 56 -8.35 10.70 26.20
CA THR A 56 -8.99 11.81 26.90
C THR A 56 -8.61 13.16 26.29
N LEU A 57 -7.69 13.15 25.33
CA LEU A 57 -7.22 14.37 24.68
C LEU A 57 -6.62 15.33 25.71
N LEU A 58 -5.32 15.24 25.90
CA LEU A 58 -4.66 15.96 26.99
C LEU A 58 -3.28 16.43 26.54
N ASN A 59 -2.37 16.53 27.50
CA ASN A 59 -1.00 16.90 27.23
C ASN A 59 -0.17 15.71 26.77
N THR A 60 0.05 14.77 27.69
CA THR A 60 0.96 13.65 27.44
C THR A 60 0.36 12.60 26.51
N GLU A 61 -0.71 11.95 26.94
CA GLU A 61 -1.33 10.88 26.14
C GLU A 61 -2.08 11.43 24.92
N LEU A 62 -1.82 12.67 24.57
CA LEU A 62 -2.36 13.26 23.36
C LEU A 62 -1.81 12.50 22.16
N HIS A 63 -0.50 12.27 22.20
CA HIS A 63 0.18 11.51 21.16
C HIS A 63 0.72 10.20 21.71
N LEU A 64 -0.14 9.20 21.73
CA LEU A 64 0.21 7.89 22.25
C LEU A 64 0.82 7.02 21.14
N THR A 65 0.99 5.73 21.44
CA THR A 65 1.58 4.80 20.48
C THR A 65 0.76 4.76 19.19
N LYS A 66 1.31 5.35 18.15
CA LYS A 66 0.63 5.40 16.88
C LYS A 66 1.50 4.81 15.78
N TYR A 67 0.87 4.30 14.74
CA TYR A 67 1.60 3.76 13.61
C TYR A 67 1.04 4.35 12.33
N TYR A 68 1.88 4.47 11.32
CA TYR A 68 1.45 4.96 10.04
C TYR A 68 0.96 3.80 9.18
N GLY A 69 -0.33 3.80 8.89
CA GLY A 69 -0.92 2.73 8.12
C GLY A 69 -0.85 3.00 6.64
N PHE A 70 0.31 2.73 6.05
CA PHE A 70 0.48 2.83 4.61
C PHE A 70 -0.01 1.55 3.94
N SER A 71 -0.77 1.71 2.87
CA SER A 71 -1.26 0.59 2.11
C SER A 71 -1.55 0.99 0.67
N PHE A 72 -1.47 0.04 -0.23
CA PHE A 72 -1.84 0.28 -1.60
C PHE A 72 -3.13 -0.46 -1.92
N PHE A 73 -4.14 0.29 -2.34
CA PHE A 73 -5.45 -0.27 -2.64
C PHE A 73 -5.56 -0.65 -4.11
N ARG A 74 -6.20 -1.77 -4.35
CA ARG A 74 -6.37 -2.31 -5.69
C ARG A 74 -7.74 -2.98 -5.81
N HIS A 75 -8.69 -2.33 -6.47
CA HIS A 75 -10.03 -2.88 -6.64
C HIS A 75 -10.73 -3.09 -5.30
N GLY A 76 -10.31 -2.34 -4.29
CA GLY A 76 -10.87 -2.49 -2.96
C GLY A 76 -10.11 -3.50 -2.13
N ASN A 77 -9.11 -4.12 -2.74
CA ASN A 77 -8.26 -5.07 -2.04
C ASN A 77 -6.96 -4.40 -1.63
N ILE A 78 -6.12 -5.14 -0.94
CA ILE A 78 -4.85 -4.62 -0.47
C ILE A 78 -3.71 -5.38 -1.10
N VAL A 79 -2.95 -4.70 -1.94
CA VAL A 79 -1.78 -5.29 -2.57
C VAL A 79 -0.56 -5.04 -1.71
N ALA A 80 -0.51 -3.86 -1.10
CA ALA A 80 0.60 -3.52 -0.23
C ALA A 80 0.10 -3.06 1.11
N TYR A 81 0.74 -3.53 2.17
CA TYR A 81 0.44 -3.07 3.50
C TYR A 81 1.72 -2.88 4.29
N GLY A 82 1.86 -1.71 4.88
CA GLY A 82 3.03 -1.40 5.66
C GLY A 82 2.71 -0.48 6.81
N LYS A 83 2.42 -1.07 7.96
CA LYS A 83 2.15 -0.31 9.15
C LYS A 83 3.40 -0.27 10.04
N SER A 84 3.93 0.92 10.26
CA SER A 84 5.14 1.04 11.07
C SER A 84 5.10 2.32 11.89
N ARG A 85 5.98 2.39 12.88
CA ARG A 85 6.05 3.54 13.78
C ARG A 85 6.59 4.76 13.03
N LYS A 86 7.45 4.50 12.06
CA LYS A 86 8.01 5.55 11.25
C LYS A 86 7.29 5.62 9.91
N VAL A 87 6.94 6.84 9.50
CA VAL A 87 6.16 7.07 8.28
C VAL A 87 6.88 6.52 7.05
N ALA A 88 8.17 6.81 6.95
CA ALA A 88 8.98 6.36 5.83
C ALA A 88 9.18 4.85 5.85
N ASN A 89 9.28 4.27 7.04
CA ASN A 89 9.50 2.84 7.15
C ASN A 89 8.25 2.08 6.75
N ALA A 90 7.11 2.57 7.24
CA ALA A 90 5.80 2.04 6.87
C ALA A 90 5.64 2.07 5.36
N LYS A 91 5.99 3.22 4.81
CA LYS A 91 5.93 3.47 3.39
C LYS A 91 6.87 2.52 2.65
N TYR A 92 8.06 2.34 3.19
CA TYR A 92 9.05 1.41 2.66
C TYR A 92 8.47 0.01 2.54
N ILE A 93 7.83 -0.44 3.61
CA ILE A 93 7.26 -1.78 3.67
C ILE A 93 6.25 -2.01 2.56
N MET A 94 5.28 -1.12 2.45
CA MET A 94 4.24 -1.26 1.43
C MET A 94 4.87 -1.15 0.03
N LYS A 95 5.83 -0.25 -0.14
CA LYS A 95 6.50 -0.10 -1.42
C LYS A 95 7.15 -1.41 -1.85
N GLN A 96 7.86 -2.04 -0.94
CA GLN A 96 8.53 -3.32 -1.23
C GLN A 96 7.52 -4.40 -1.63
N ARG A 97 6.29 -4.26 -1.16
CA ARG A 97 5.24 -5.24 -1.45
C ARG A 97 4.96 -5.29 -2.96
N LEU A 98 4.53 -4.17 -3.53
CA LEU A 98 4.27 -4.14 -4.97
C LEU A 98 5.56 -4.24 -5.75
N LEU A 99 6.62 -3.66 -5.19
CA LEU A 99 7.94 -3.65 -5.82
C LEU A 99 8.34 -5.07 -6.20
N LYS A 100 8.23 -5.98 -5.25
CA LYS A 100 8.56 -7.36 -5.50
C LYS A 100 7.60 -7.99 -6.50
N LEU A 101 6.35 -7.56 -6.46
CA LEU A 101 5.33 -8.10 -7.34
C LEU A 101 5.65 -7.78 -8.79
N LEU A 102 6.05 -6.55 -9.07
CA LEU A 102 6.35 -6.16 -10.45
C LEU A 102 7.71 -6.68 -10.90
N GLU A 103 8.66 -6.81 -9.96
CA GLU A 103 9.98 -7.34 -10.27
C GLU A 103 9.93 -8.84 -10.51
N ASP A 104 9.21 -9.53 -9.64
CA ASP A 104 9.09 -10.99 -9.71
C ASP A 104 8.00 -11.38 -10.70
N LYS A 105 7.14 -10.41 -11.01
CA LYS A 105 6.01 -10.61 -11.89
C LYS A 105 4.98 -11.54 -11.25
N SER A 106 4.69 -11.26 -9.99
CA SER A 106 3.66 -11.96 -9.25
C SER A 106 2.29 -11.41 -9.64
N ASN A 107 1.34 -12.32 -9.88
CA ASN A 107 0.02 -11.94 -10.38
C ASN A 107 -0.81 -11.19 -9.35
N LEU A 108 -0.27 -11.03 -8.15
CA LEU A 108 -1.01 -10.38 -7.07
C LEU A 108 -1.32 -8.92 -7.41
N LEU A 109 -0.35 -8.23 -8.02
CA LEU A 109 -0.59 -6.85 -8.45
C LEU A 109 -0.78 -6.78 -9.97
N LEU A 110 -0.45 -7.85 -10.64
CA LEU A 110 -0.38 -7.85 -12.09
C LEU A 110 -1.42 -8.78 -12.73
N TYR A 111 -2.48 -9.08 -11.99
CA TYR A 111 -3.55 -9.91 -12.54
C TYR A 111 -4.37 -9.15 -13.57
N SER A 112 -5.05 -9.88 -14.42
CA SER A 112 -5.89 -9.28 -15.44
C SER A 112 -7.27 -8.94 -14.87
N CYS A 113 -7.77 -7.77 -15.21
CA CYS A 113 -9.06 -7.31 -14.70
C CYS A 113 -9.86 -6.67 -15.82
N ASN A 114 -11.10 -6.32 -15.53
CA ASN A 114 -11.96 -5.74 -16.54
C ASN A 114 -12.29 -4.28 -16.23
N CYS A 115 -11.29 -3.42 -16.28
CA CYS A 115 -11.55 -1.97 -16.20
C CYS A 115 -11.79 -1.40 -17.59
N LYS A 116 -11.70 -2.24 -18.61
CA LYS A 116 -11.91 -1.83 -19.99
C LYS A 116 -12.27 -3.03 -20.86
N PHE A 117 -11.54 -4.13 -20.69
CA PHE A 117 -11.81 -5.37 -21.39
C PHE A 117 -11.06 -6.50 -20.71
N SER A 118 -11.47 -7.74 -21.01
CA SER A 118 -10.75 -8.92 -20.55
C SER A 118 -11.43 -10.18 -21.06
N LYS A 119 -10.82 -11.32 -20.81
CA LYS A 119 -11.37 -12.59 -21.22
C LYS A 119 -12.15 -13.19 -20.07
N LYS A 120 -11.70 -12.89 -18.86
CA LYS A 120 -12.40 -13.32 -17.67
C LYS A 120 -13.30 -12.21 -17.16
N LYS A 121 -14.58 -12.52 -16.99
CA LYS A 121 -15.54 -11.56 -16.49
C LYS A 121 -16.08 -12.04 -15.15
ZN ZN B . -8.78 -2.86 -12.81
N MET A 21 16.83 0.49 -11.64
CA MET A 21 16.67 -0.50 -10.56
C MET A 21 15.88 0.08 -9.39
N LYS A 22 16.28 1.26 -8.93
CA LYS A 22 15.63 1.88 -7.78
C LYS A 22 14.51 2.83 -8.22
N GLY A 23 13.89 3.48 -7.26
CA GLY A 23 12.84 4.43 -7.55
C GLY A 23 11.64 4.20 -6.66
N ASP A 24 10.67 5.09 -6.74
CA ASP A 24 9.47 4.97 -5.93
C ASP A 24 8.51 3.96 -6.56
N ILE A 25 7.88 3.15 -5.72
CA ILE A 25 7.02 2.07 -6.22
C ILE A 25 5.75 2.63 -6.84
N GLU A 26 5.34 3.81 -6.40
CA GLU A 26 4.11 4.42 -6.90
C GLU A 26 4.27 4.71 -8.37
N HIS A 27 5.49 5.03 -8.78
CA HIS A 27 5.79 5.22 -10.19
C HIS A 27 5.65 3.89 -10.91
N LYS A 28 6.33 2.88 -10.38
CA LYS A 28 6.42 1.57 -11.01
C LYS A 28 5.03 0.94 -11.19
N VAL A 29 4.27 0.91 -10.11
CA VAL A 29 2.96 0.27 -10.12
C VAL A 29 2.01 0.94 -11.10
N TYR A 30 2.08 2.26 -11.19
CA TYR A 30 1.25 2.98 -12.14
C TYR A 30 1.72 2.68 -13.55
N GLN A 31 3.03 2.51 -13.71
CA GLN A 31 3.64 2.35 -15.04
C GLN A 31 3.04 1.17 -15.81
N LEU A 32 2.98 0.02 -15.17
CA LEU A 32 2.50 -1.18 -15.83
C LEU A 32 1.00 -1.32 -15.73
N LEU A 33 0.43 -1.00 -14.58
CA LEU A 33 -1.01 -1.16 -14.38
C LEU A 33 -1.82 -0.31 -15.35
N LYS A 34 -1.41 0.94 -15.52
CA LYS A 34 -2.09 1.82 -16.46
C LYS A 34 -1.91 1.29 -17.89
N ASP A 35 -0.78 0.64 -18.12
CA ASP A 35 -0.46 0.07 -19.43
C ASP A 35 -1.37 -1.11 -19.74
N GLN A 36 -1.59 -1.94 -18.74
CA GLN A 36 -2.49 -3.08 -18.86
C GLN A 36 -3.93 -2.64 -19.07
N GLY A 37 -4.15 -1.34 -18.97
CA GLY A 37 -5.48 -0.79 -19.13
C GLY A 37 -6.22 -0.75 -17.82
N CYS A 38 -5.48 -0.53 -16.74
CA CYS A 38 -6.11 -0.43 -15.43
C CYS A 38 -6.12 1.00 -14.93
N GLU A 39 -7.27 1.45 -14.44
CA GLU A 39 -7.33 2.68 -13.67
C GLU A 39 -8.17 2.45 -12.42
N ASP A 40 -7.63 1.63 -11.52
CA ASP A 40 -8.29 1.34 -10.25
C ASP A 40 -7.28 0.83 -9.25
N PHE A 41 -6.50 1.77 -8.70
CA PHE A 41 -5.42 1.45 -7.78
C PHE A 41 -4.87 2.72 -7.15
N GLY A 42 -4.41 2.60 -5.91
CA GLY A 42 -3.85 3.75 -5.21
C GLY A 42 -3.31 3.36 -3.84
N THR A 43 -2.56 4.25 -3.22
CA THR A 43 -1.98 3.98 -1.91
C THR A 43 -2.84 4.60 -0.80
N LYS A 44 -3.07 3.83 0.26
CA LYS A 44 -3.81 4.34 1.40
C LYS A 44 -2.85 4.53 2.57
N CYS A 45 -2.90 5.71 3.16
CA CYS A 45 -2.05 6.01 4.29
C CYS A 45 -2.86 6.54 5.45
N VAL A 46 -2.99 5.72 6.48
CA VAL A 46 -3.73 6.10 7.67
C VAL A 46 -3.00 5.59 8.91
N ILE A 47 -3.03 6.37 9.98
CA ILE A 47 -2.36 5.98 11.19
C ILE A 47 -3.22 5.03 12.02
N GLU A 48 -2.59 3.95 12.48
CA GLU A 48 -3.24 2.99 13.33
C GLU A 48 -2.58 3.03 14.71
N GLU A 49 -3.24 3.68 15.65
CA GLU A 49 -2.72 3.82 16.99
C GLU A 49 -2.85 2.51 17.75
N VAL A 50 -1.79 2.11 18.42
CA VAL A 50 -1.79 0.86 19.16
C VAL A 50 -2.13 1.10 20.62
N LYS A 51 -3.42 1.13 20.93
CA LYS A 51 -3.86 1.29 22.30
C LYS A 51 -3.79 -0.04 23.04
N SER A 52 -2.57 -0.41 23.41
CA SER A 52 -2.31 -1.63 24.15
C SER A 52 -2.16 -1.32 25.64
N SER A 53 -2.41 -0.07 25.99
CA SER A 53 -2.28 0.38 27.35
C SER A 53 -3.66 0.63 27.96
N HIS A 54 -3.70 1.26 29.12
CA HIS A 54 -4.94 1.59 29.78
C HIS A 54 -5.64 2.75 29.07
N LYS A 55 -6.94 2.87 29.31
CA LYS A 55 -7.78 3.81 28.57
C LYS A 55 -7.38 5.25 28.85
N THR A 56 -7.64 6.12 27.89
CA THR A 56 -7.38 7.53 28.04
C THR A 56 -8.59 8.25 28.61
N LEU A 57 -8.35 9.03 29.65
CA LEU A 57 -9.42 9.77 30.31
C LEU A 57 -8.98 11.22 30.49
N LEU A 58 -8.54 11.82 29.39
CA LEU A 58 -8.11 13.21 29.40
C LEU A 58 -8.93 13.98 28.37
N ASN A 59 -8.44 15.16 28.00
CA ASN A 59 -9.06 16.01 26.99
C ASN A 59 -9.46 15.19 25.76
N THR A 60 -8.46 14.75 25.03
CA THR A 60 -8.66 13.88 23.88
C THR A 60 -7.95 12.57 24.16
N GLU A 61 -7.50 11.88 23.13
CA GLU A 61 -6.57 10.79 23.34
C GLU A 61 -5.16 11.34 23.22
N LEU A 62 -4.42 11.28 24.32
CA LEU A 62 -3.03 11.73 24.38
C LEU A 62 -2.19 11.10 23.27
N HIS A 63 -1.00 11.66 23.06
CA HIS A 63 -0.10 11.16 22.01
C HIS A 63 0.40 9.77 22.36
N LEU A 64 -0.24 8.79 21.77
CA LEU A 64 0.00 7.39 22.08
C LEU A 64 0.97 6.77 21.07
N THR A 65 1.46 5.58 21.39
CA THR A 65 2.28 4.81 20.46
C THR A 65 1.45 4.47 19.23
N LYS A 66 1.79 5.09 18.12
CA LYS A 66 1.00 4.95 16.91
C LYS A 66 1.85 4.42 15.77
N TYR A 67 1.20 3.75 14.83
CA TYR A 67 1.89 3.19 13.68
C TYR A 67 1.22 3.67 12.41
N TYR A 68 2.01 3.86 11.37
CA TYR A 68 1.47 4.25 10.08
C TYR A 68 1.07 3.02 9.28
N GLY A 69 -0.21 2.91 9.00
CA GLY A 69 -0.72 1.77 8.26
C GLY A 69 -0.72 2.03 6.77
N PHE A 70 0.42 1.80 6.13
CA PHE A 70 0.54 1.96 4.69
C PHE A 70 0.06 0.71 3.97
N SER A 71 -0.67 0.90 2.90
CA SER A 71 -1.14 -0.20 2.08
C SER A 71 -1.40 0.25 0.66
N PHE A 72 -1.22 -0.66 -0.28
CA PHE A 72 -1.55 -0.36 -1.67
C PHE A 72 -2.83 -1.09 -2.05
N PHE A 73 -3.81 -0.33 -2.49
CA PHE A 73 -5.08 -0.87 -2.92
C PHE A 73 -5.11 -1.06 -4.42
N ARG A 74 -5.59 -2.22 -4.85
CA ARG A 74 -5.73 -2.50 -6.26
C ARG A 74 -7.00 -3.32 -6.47
N HIS A 75 -8.04 -2.65 -6.98
CA HIS A 75 -9.37 -3.26 -7.15
C HIS A 75 -10.00 -3.63 -5.83
N GLY A 76 -9.58 -2.96 -4.76
CA GLY A 76 -10.14 -3.23 -3.46
C GLY A 76 -9.35 -4.26 -2.69
N ASN A 77 -8.38 -4.88 -3.34
CA ASN A 77 -7.53 -5.85 -2.67
C ASN A 77 -6.29 -5.15 -2.13
N ILE A 78 -5.56 -5.86 -1.31
CA ILE A 78 -4.33 -5.33 -0.73
C ILE A 78 -3.12 -6.00 -1.36
N VAL A 79 -2.45 -5.26 -2.21
CA VAL A 79 -1.26 -5.75 -2.86
C VAL A 79 -0.05 -5.50 -1.97
N ALA A 80 -0.06 -4.37 -1.28
CA ALA A 80 1.04 -4.02 -0.40
C ALA A 80 0.53 -3.62 0.96
N TYR A 81 1.21 -4.09 1.99
CA TYR A 81 0.92 -3.67 3.34
C TYR A 81 2.22 -3.43 4.09
N GLY A 82 2.32 -2.29 4.73
CA GLY A 82 3.51 -1.96 5.47
C GLY A 82 3.22 -1.01 6.61
N LYS A 83 3.03 -1.56 7.79
CA LYS A 83 2.82 -0.75 8.97
C LYS A 83 4.12 -0.60 9.74
N SER A 84 4.43 0.62 10.15
CA SER A 84 5.65 0.88 10.89
C SER A 84 5.47 2.04 11.85
N ARG A 85 6.41 2.18 12.79
CA ARG A 85 6.42 3.27 13.73
C ARG A 85 6.58 4.60 12.99
N LYS A 86 7.29 4.55 11.87
CA LYS A 86 7.58 5.74 11.10
C LYS A 86 7.01 5.63 9.69
N VAL A 87 6.57 6.77 9.16
CA VAL A 87 5.85 6.83 7.89
C VAL A 87 6.70 6.31 6.72
N ALA A 88 7.98 6.64 6.72
CA ALA A 88 8.86 6.29 5.61
C ALA A 88 9.23 4.81 5.63
N ASN A 89 9.28 4.22 6.82
CA ASN A 89 9.60 2.79 6.94
C ASN A 89 8.40 1.99 6.48
N ALA A 90 7.23 2.48 6.86
CA ALA A 90 5.97 1.87 6.44
C ALA A 90 5.86 1.89 4.93
N LYS A 91 6.24 3.01 4.33
CA LYS A 91 6.32 3.13 2.88
C LYS A 91 7.21 2.06 2.32
N TYR A 92 8.39 1.94 2.91
CA TYR A 92 9.41 1.03 2.42
C TYR A 92 8.85 -0.38 2.26
N ILE A 93 8.20 -0.88 3.29
CA ILE A 93 7.63 -2.21 3.31
C ILE A 93 6.56 -2.35 2.23
N MET A 94 5.65 -1.39 2.20
CA MET A 94 4.62 -1.32 1.18
C MET A 94 5.22 -1.37 -0.22
N LYS A 95 6.21 -0.51 -0.45
CA LYS A 95 6.84 -0.39 -1.74
C LYS A 95 7.56 -1.68 -2.14
N GLN A 96 8.23 -2.31 -1.20
CA GLN A 96 8.94 -3.57 -1.45
C GLN A 96 7.96 -4.67 -1.85
N ARG A 97 6.73 -4.58 -1.37
CA ARG A 97 5.70 -5.54 -1.74
C ARG A 97 5.50 -5.57 -3.24
N LEU A 98 5.02 -4.45 -3.80
CA LEU A 98 4.78 -4.41 -5.25
C LEU A 98 6.10 -4.51 -6.01
N LEU A 99 7.16 -3.96 -5.42
CA LEU A 99 8.48 -3.94 -6.05
C LEU A 99 8.88 -5.35 -6.49
N LYS A 100 8.75 -6.32 -5.60
CA LYS A 100 9.09 -7.68 -5.94
C LYS A 100 8.11 -8.26 -6.94
N LEU A 101 6.86 -7.83 -6.86
CA LEU A 101 5.81 -8.33 -7.73
C LEU A 101 6.08 -7.98 -9.19
N LEU A 102 6.53 -6.76 -9.44
CA LEU A 102 6.78 -6.33 -10.82
C LEU A 102 8.12 -6.85 -11.34
N GLU A 103 9.03 -7.19 -10.43
CA GLU A 103 10.31 -7.77 -10.82
C GLU A 103 10.18 -9.26 -11.07
N ASP A 104 9.37 -9.90 -10.22
CA ASP A 104 9.18 -11.35 -10.27
C ASP A 104 8.05 -11.70 -11.22
N LYS A 105 7.25 -10.70 -11.55
CA LYS A 105 6.09 -10.84 -12.43
C LYS A 105 5.01 -11.70 -11.77
N SER A 106 4.79 -11.41 -10.49
CA SER A 106 3.79 -12.10 -9.71
C SER A 106 2.40 -11.55 -10.04
N ASN A 107 1.47 -12.46 -10.29
CA ASN A 107 0.10 -12.09 -10.66
C ASN A 107 -0.62 -11.34 -9.55
N LEU A 108 -0.01 -11.29 -8.37
CA LEU A 108 -0.63 -10.66 -7.22
C LEU A 108 -0.92 -9.18 -7.49
N LEU A 109 0.02 -8.48 -8.11
CA LEU A 109 -0.22 -7.09 -8.50
C LEU A 109 -0.55 -6.99 -9.98
N LEU A 110 -0.09 -7.97 -10.74
CA LEU A 110 -0.11 -7.87 -12.20
C LEU A 110 -1.15 -8.78 -12.83
N TYR A 111 -2.21 -9.12 -12.12
CA TYR A 111 -3.26 -9.95 -12.70
C TYR A 111 -4.08 -9.15 -13.71
N SER A 112 -4.78 -9.86 -14.58
CA SER A 112 -5.59 -9.25 -15.61
C SER A 112 -6.95 -8.88 -15.06
N CYS A 113 -7.45 -7.73 -15.48
CA CYS A 113 -8.76 -7.24 -15.05
C CYS A 113 -9.49 -6.61 -16.24
N ASN A 114 -10.76 -6.31 -16.08
CA ASN A 114 -11.54 -5.72 -17.16
C ASN A 114 -11.85 -4.25 -16.87
N CYS A 115 -10.83 -3.39 -16.89
CA CYS A 115 -11.08 -1.96 -16.83
C CYS A 115 -11.37 -1.40 -18.23
N LYS A 116 -10.82 -2.08 -19.24
CA LYS A 116 -11.06 -1.71 -20.62
C LYS A 116 -11.58 -2.91 -21.40
N PHE A 117 -10.99 -4.07 -21.13
CA PHE A 117 -11.42 -5.32 -21.74
C PHE A 117 -10.67 -6.47 -21.07
N SER A 118 -10.97 -7.69 -21.50
CA SER A 118 -10.16 -8.85 -21.15
C SER A 118 -10.37 -9.95 -22.16
N LYS A 119 -9.41 -10.87 -22.20
CA LYS A 119 -9.57 -12.14 -22.89
C LYS A 119 -9.90 -11.96 -24.36
N LYS A 120 -9.08 -11.19 -25.05
CA LYS A 120 -9.15 -11.15 -26.51
C LYS A 120 -8.84 -12.55 -27.02
N LYS A 121 -7.79 -13.12 -26.47
CA LYS A 121 -7.47 -14.51 -26.65
C LYS A 121 -8.06 -15.34 -25.52
ZN ZN B . -8.40 -2.70 -13.37
N MET A 21 13.47 9.56 -11.39
CA MET A 21 14.86 9.83 -10.99
C MET A 21 15.18 9.17 -9.64
N LYS A 22 14.19 8.55 -9.01
CA LYS A 22 14.40 7.96 -7.70
C LYS A 22 14.14 6.46 -7.72
N GLY A 23 13.59 5.97 -8.83
CA GLY A 23 13.25 4.56 -8.92
C GLY A 23 12.07 4.22 -8.03
N ASP A 24 11.08 5.11 -8.02
CA ASP A 24 9.93 4.98 -7.14
C ASP A 24 9.03 3.83 -7.57
N ILE A 25 8.48 3.14 -6.58
CA ILE A 25 7.71 1.93 -6.79
C ILE A 25 6.31 2.26 -7.34
N GLU A 26 5.78 3.42 -6.96
CA GLU A 26 4.45 3.81 -7.43
C GLU A 26 4.49 4.06 -8.91
N HIS A 27 5.59 4.66 -9.34
CA HIS A 27 5.86 4.87 -10.75
C HIS A 27 5.79 3.54 -11.49
N LYS A 28 6.40 2.51 -10.88
CA LYS A 28 6.43 1.18 -11.47
C LYS A 28 5.04 0.60 -11.61
N VAL A 29 4.29 0.64 -10.51
CA VAL A 29 2.94 0.10 -10.50
C VAL A 29 2.10 0.73 -11.61
N TYR A 30 2.27 2.02 -11.80
CA TYR A 30 1.55 2.73 -12.84
C TYR A 30 2.01 2.25 -14.21
N GLN A 31 3.33 2.22 -14.40
CA GLN A 31 3.94 1.91 -15.70
C GLN A 31 3.37 0.66 -16.36
N LEU A 32 3.22 -0.41 -15.59
CA LEU A 32 2.79 -1.68 -16.14
C LEU A 32 1.29 -1.88 -16.04
N LEU A 33 0.70 -1.52 -14.92
CA LEU A 33 -0.71 -1.77 -14.70
C LEU A 33 -1.59 -0.97 -15.65
N LYS A 34 -1.23 0.30 -15.87
CA LYS A 34 -1.99 1.15 -16.79
C LYS A 34 -1.88 0.61 -18.22
N ASP A 35 -0.80 -0.12 -18.51
CA ASP A 35 -0.61 -0.72 -19.82
C ASP A 35 -1.53 -1.90 -20.00
N GLN A 36 -1.60 -2.75 -18.96
CA GLN A 36 -2.42 -3.95 -19.00
C GLN A 36 -3.89 -3.59 -19.14
N GLY A 37 -4.21 -2.39 -18.70
CA GLY A 37 -5.57 -1.93 -18.76
C GLY A 37 -6.14 -1.71 -17.39
N CYS A 38 -5.33 -1.19 -16.48
CA CYS A 38 -5.83 -0.86 -15.16
C CYS A 38 -5.55 0.58 -14.81
N GLU A 39 -6.54 1.25 -14.26
CA GLU A 39 -6.36 2.58 -13.68
C GLU A 39 -6.73 2.56 -12.20
N ASP A 40 -7.27 1.42 -11.77
CA ASP A 40 -7.83 1.28 -10.44
C ASP A 40 -6.78 0.76 -9.46
N PHE A 41 -5.97 1.68 -8.97
CA PHE A 41 -4.95 1.38 -7.96
C PHE A 41 -4.40 2.67 -7.37
N GLY A 42 -3.88 2.59 -6.15
CA GLY A 42 -3.33 3.76 -5.48
C GLY A 42 -2.79 3.42 -4.11
N THR A 43 -2.23 4.40 -3.43
CA THR A 43 -1.66 4.18 -2.12
C THR A 43 -2.54 4.79 -1.03
N LYS A 44 -2.53 4.18 0.15
CA LYS A 44 -3.23 4.75 1.29
C LYS A 44 -2.29 4.79 2.50
N CYS A 45 -2.42 5.85 3.27
CA CYS A 45 -1.70 5.97 4.52
C CYS A 45 -2.69 6.07 5.66
N VAL A 46 -3.04 4.94 6.24
CA VAL A 46 -3.99 4.93 7.34
C VAL A 46 -3.25 4.82 8.67
N ILE A 47 -3.23 5.92 9.41
CA ILE A 47 -2.59 5.93 10.71
C ILE A 47 -3.32 5.03 11.68
N GLU A 48 -2.58 4.14 12.29
CA GLU A 48 -3.10 3.29 13.33
C GLU A 48 -2.44 3.61 14.65
N GLU A 49 -3.15 4.36 15.48
CA GLU A 49 -2.68 4.68 16.81
C GLU A 49 -2.83 3.46 17.71
N VAL A 50 -1.70 2.83 18.04
CA VAL A 50 -1.72 1.61 18.82
C VAL A 50 -2.24 1.87 20.22
N LYS A 51 -3.45 1.39 20.46
CA LYS A 51 -4.12 1.60 21.74
C LYS A 51 -3.49 0.71 22.81
N SER A 52 -2.38 1.16 23.36
CA SER A 52 -1.73 0.47 24.44
C SER A 52 -2.30 0.93 25.76
N SER A 53 -2.70 -0.02 26.59
CA SER A 53 -3.26 0.29 27.89
C SER A 53 -2.15 0.62 28.89
N HIS A 54 -2.54 1.07 30.08
CA HIS A 54 -1.60 1.48 31.13
C HIS A 54 -0.93 2.78 30.75
N LYS A 55 -1.66 3.60 29.99
CA LYS A 55 -1.17 4.91 29.57
C LYS A 55 -1.59 5.98 30.58
N THR A 56 -1.11 7.19 30.37
CA THR A 56 -1.37 8.28 31.29
C THR A 56 -2.80 8.80 31.14
N LEU A 57 -3.39 9.23 32.27
CA LEU A 57 -4.73 9.80 32.27
C LEU A 57 -4.67 11.26 32.71
N LEU A 58 -5.19 12.13 31.86
CA LEU A 58 -5.12 13.56 32.12
C LEU A 58 -6.43 14.24 31.71
N ASN A 59 -6.66 14.29 30.41
CA ASN A 59 -7.89 14.83 29.84
C ASN A 59 -8.22 14.01 28.61
N THR A 60 -7.50 14.27 27.55
CA THR A 60 -7.39 13.34 26.46
C THR A 60 -6.05 12.64 26.58
N GLU A 61 -5.90 11.47 25.99
CA GLU A 61 -4.61 10.82 25.99
C GLU A 61 -3.63 11.65 25.16
N LEU A 62 -2.83 12.45 25.89
CA LEU A 62 -1.88 13.42 25.35
C LEU A 62 -1.43 13.08 23.93
N HIS A 63 -0.60 12.05 23.79
CA HIS A 63 -0.17 11.61 22.47
C HIS A 63 0.06 10.10 22.49
N LEU A 64 -0.86 9.37 21.89
CA LEU A 64 -0.74 7.93 21.81
C LEU A 64 0.27 7.54 20.73
N THR A 65 1.05 6.51 20.98
CA THR A 65 2.01 6.03 20.01
C THR A 65 1.31 5.51 18.77
N LYS A 66 1.36 6.29 17.70
CA LYS A 66 0.65 5.94 16.48
C LYS A 66 1.63 5.46 15.42
N TYR A 67 1.13 4.62 14.53
CA TYR A 67 1.95 4.04 13.47
C TYR A 67 1.32 4.32 12.12
N TYR A 68 2.15 4.50 11.11
CA TYR A 68 1.67 4.72 9.76
C TYR A 68 1.37 3.40 9.07
N GLY A 69 0.09 3.12 8.88
CA GLY A 69 -0.31 1.93 8.18
C GLY A 69 -0.37 2.15 6.69
N PHE A 70 0.79 2.15 6.05
CA PHE A 70 0.87 2.31 4.62
C PHE A 70 0.38 1.05 3.92
N SER A 71 -0.50 1.21 2.94
CA SER A 71 -0.98 0.08 2.17
C SER A 71 -1.19 0.48 0.73
N PHE A 72 -0.97 -0.45 -0.19
CA PHE A 72 -1.25 -0.20 -1.59
C PHE A 72 -2.53 -0.89 -1.99
N PHE A 73 -3.47 -0.11 -2.50
CA PHE A 73 -4.77 -0.62 -2.89
C PHE A 73 -4.83 -0.92 -4.38
N ARG A 74 -5.46 -2.01 -4.72
CA ARG A 74 -5.64 -2.41 -6.10
C ARG A 74 -6.98 -3.14 -6.23
N HIS A 75 -7.97 -2.47 -6.82
CA HIS A 75 -9.34 -3.00 -6.93
C HIS A 75 -9.97 -3.20 -5.56
N GLY A 76 -9.52 -2.45 -4.58
CA GLY A 76 -10.06 -2.58 -3.24
C GLY A 76 -9.39 -3.68 -2.47
N ASN A 77 -8.41 -4.33 -3.08
CA ASN A 77 -7.63 -5.35 -2.40
C ASN A 77 -6.33 -4.74 -1.93
N ILE A 78 -5.60 -5.50 -1.15
CA ILE A 78 -4.32 -5.05 -0.62
C ILE A 78 -3.19 -5.80 -1.29
N VAL A 79 -2.38 -5.05 -2.02
CA VAL A 79 -1.23 -5.61 -2.69
C VAL A 79 0.02 -5.40 -1.84
N ALA A 80 0.08 -4.25 -1.19
CA ALA A 80 1.22 -3.93 -0.34
C ALA A 80 0.75 -3.44 1.02
N TYR A 81 1.52 -3.75 2.05
CA TYR A 81 1.21 -3.29 3.39
C TYR A 81 2.52 -3.08 4.15
N GLY A 82 2.62 -1.97 4.86
CA GLY A 82 3.81 -1.67 5.62
C GLY A 82 3.53 -0.69 6.74
N LYS A 83 3.46 -1.21 7.96
CA LYS A 83 3.18 -0.38 9.11
C LYS A 83 4.44 -0.09 9.91
N SER A 84 4.76 1.18 10.08
CA SER A 84 5.91 1.59 10.85
C SER A 84 5.63 2.90 11.57
N ARG A 85 6.40 3.18 12.60
CA ARG A 85 6.27 4.42 13.34
C ARG A 85 6.87 5.57 12.54
N LYS A 86 7.69 5.22 11.57
CA LYS A 86 8.26 6.20 10.67
C LYS A 86 7.67 6.04 9.27
N VAL A 87 7.16 7.13 8.71
CA VAL A 87 6.56 7.14 7.38
C VAL A 87 7.51 6.53 6.35
N ALA A 88 8.79 6.89 6.44
CA ALA A 88 9.79 6.39 5.51
C ALA A 88 9.88 4.87 5.53
N ASN A 89 9.97 4.29 6.71
CA ASN A 89 10.11 2.84 6.86
C ASN A 89 8.82 2.14 6.41
N ALA A 90 7.68 2.74 6.77
CA ALA A 90 6.38 2.20 6.39
C ALA A 90 6.25 2.14 4.88
N LYS A 91 6.61 3.22 4.21
CA LYS A 91 6.59 3.28 2.75
C LYS A 91 7.54 2.24 2.19
N TYR A 92 8.69 2.13 2.83
CA TYR A 92 9.73 1.22 2.39
C TYR A 92 9.21 -0.21 2.27
N ILE A 93 8.54 -0.66 3.33
CA ILE A 93 8.01 -2.01 3.39
C ILE A 93 7.00 -2.27 2.29
N MET A 94 5.99 -1.42 2.20
CA MET A 94 4.93 -1.60 1.20
C MET A 94 5.51 -1.55 -0.21
N LYS A 95 6.46 -0.65 -0.45
CA LYS A 95 7.07 -0.53 -1.75
C LYS A 95 7.76 -1.83 -2.16
N GLN A 96 8.51 -2.43 -1.25
CA GLN A 96 9.21 -3.68 -1.52
C GLN A 96 8.22 -4.80 -1.85
N ARG A 97 7.00 -4.68 -1.35
CA ARG A 97 5.96 -5.66 -1.61
C ARG A 97 5.65 -5.73 -3.10
N LEU A 98 5.17 -4.63 -3.68
CA LEU A 98 4.87 -4.60 -5.10
C LEU A 98 6.16 -4.74 -5.92
N LEU A 99 7.24 -4.18 -5.38
CA LEU A 99 8.55 -4.25 -6.03
C LEU A 99 8.89 -5.70 -6.38
N LYS A 100 8.76 -6.58 -5.41
CA LYS A 100 9.04 -7.99 -5.63
C LYS A 100 8.04 -8.61 -6.59
N LEU A 101 6.84 -8.07 -6.62
CA LEU A 101 5.81 -8.59 -7.48
C LEU A 101 6.08 -8.26 -8.95
N LEU A 102 6.57 -7.05 -9.21
CA LEU A 102 6.87 -6.65 -10.58
C LEU A 102 8.25 -7.15 -11.02
N GLU A 103 9.13 -7.39 -10.06
CA GLU A 103 10.43 -7.99 -10.36
C GLU A 103 10.27 -9.47 -10.67
N ASP A 104 9.52 -10.17 -9.83
CA ASP A 104 9.34 -11.61 -9.95
C ASP A 104 8.25 -11.91 -10.98
N LYS A 105 7.48 -10.88 -11.31
CA LYS A 105 6.35 -10.99 -12.21
C LYS A 105 5.31 -11.93 -11.61
N SER A 106 4.80 -11.52 -10.45
CA SER A 106 3.78 -12.28 -9.74
C SER A 106 2.41 -11.64 -9.91
N ASN A 107 1.38 -12.47 -10.02
CA ASN A 107 0.04 -12.00 -10.38
C ASN A 107 -0.61 -11.16 -9.29
N LEU A 108 -0.02 -11.15 -8.10
CA LEU A 108 -0.62 -10.48 -6.95
C LEU A 108 -0.89 -9.00 -7.24
N LEU A 109 0.00 -8.38 -7.98
CA LEU A 109 -0.20 -6.98 -8.38
C LEU A 109 -0.53 -6.88 -9.85
N LEU A 110 -0.05 -7.85 -10.61
CA LEU A 110 -0.03 -7.75 -12.06
C LEU A 110 -1.11 -8.60 -12.72
N TYR A 111 -2.14 -9.00 -11.98
CA TYR A 111 -3.19 -9.83 -12.56
C TYR A 111 -4.01 -9.04 -13.56
N SER A 112 -4.66 -9.76 -14.46
CA SER A 112 -5.48 -9.16 -15.49
C SER A 112 -6.87 -8.90 -14.96
N CYS A 113 -7.47 -7.81 -15.40
CA CYS A 113 -8.78 -7.38 -14.93
C CYS A 113 -9.53 -6.73 -16.07
N ASN A 114 -10.75 -6.30 -15.79
CA ASN A 114 -11.55 -5.62 -16.79
C ASN A 114 -11.78 -4.16 -16.40
N CYS A 115 -10.74 -3.34 -16.51
CA CYS A 115 -10.94 -1.89 -16.43
C CYS A 115 -11.10 -1.31 -17.83
N LYS A 116 -11.08 -2.20 -18.82
CA LYS A 116 -11.27 -1.85 -20.21
C LYS A 116 -11.79 -3.07 -20.96
N PHE A 117 -11.19 -4.22 -20.64
CA PHE A 117 -11.62 -5.51 -21.14
C PHE A 117 -10.76 -6.58 -20.48
N SER A 118 -11.07 -7.85 -20.71
CA SER A 118 -10.22 -8.93 -20.26
C SER A 118 -10.59 -10.23 -20.93
N LYS A 119 -9.83 -11.26 -20.59
CA LYS A 119 -9.96 -12.56 -21.21
C LYS A 119 -10.69 -13.51 -20.28
N LYS A 120 -11.50 -14.39 -20.85
CA LYS A 120 -12.34 -15.26 -20.05
C LYS A 120 -11.93 -16.72 -20.20
N LYS A 121 -12.78 -17.59 -19.68
CA LYS A 121 -12.55 -19.02 -19.75
C LYS A 121 -13.44 -19.59 -20.84
ZN ZN B . -8.29 -2.97 -13.06
N MET A 21 16.59 3.57 -5.13
CA MET A 21 17.11 2.31 -5.71
C MET A 21 16.78 2.25 -7.20
N LYS A 22 15.50 2.27 -7.53
CA LYS A 22 15.06 2.26 -8.92
C LYS A 22 14.04 3.38 -9.17
N GLY A 23 13.81 4.19 -8.16
CA GLY A 23 12.80 5.22 -8.25
C GLY A 23 11.61 4.90 -7.37
N ASP A 24 10.53 5.65 -7.50
CA ASP A 24 9.35 5.42 -6.69
C ASP A 24 8.53 4.25 -7.22
N ILE A 25 8.16 3.38 -6.31
CA ILE A 25 7.42 2.16 -6.64
C ILE A 25 6.05 2.51 -7.22
N GLU A 26 5.54 3.67 -6.82
CA GLU A 26 4.25 4.14 -7.27
C GLU A 26 4.24 4.34 -8.78
N HIS A 27 5.34 4.85 -9.30
CA HIS A 27 5.47 5.01 -10.73
C HIS A 27 5.46 3.66 -11.41
N LYS A 28 6.19 2.71 -10.81
CA LYS A 28 6.33 1.37 -11.37
C LYS A 28 4.98 0.68 -11.50
N VAL A 29 4.23 0.69 -10.41
CA VAL A 29 2.94 0.02 -10.37
C VAL A 29 1.96 0.66 -11.35
N TYR A 30 2.05 1.97 -11.53
CA TYR A 30 1.21 2.65 -12.50
C TYR A 30 1.59 2.21 -13.90
N GLN A 31 2.90 2.04 -14.10
CA GLN A 31 3.46 1.76 -15.43
C GLN A 31 2.83 0.54 -16.08
N LEU A 32 2.84 -0.56 -15.36
CA LEU A 32 2.39 -1.82 -15.91
C LEU A 32 0.89 -2.01 -15.77
N LEU A 33 0.34 -1.60 -14.64
CA LEU A 33 -1.09 -1.79 -14.39
C LEU A 33 -1.95 -1.03 -15.38
N LYS A 34 -1.57 0.20 -15.68
CA LYS A 34 -2.29 0.99 -16.67
C LYS A 34 -2.21 0.32 -18.04
N ASP A 35 -1.08 -0.36 -18.28
CA ASP A 35 -0.84 -1.07 -19.53
C ASP A 35 -1.73 -2.29 -19.63
N GLN A 36 -1.91 -2.96 -18.50
CA GLN A 36 -2.77 -4.15 -18.42
C GLN A 36 -4.23 -3.79 -18.61
N GLY A 37 -4.50 -2.50 -18.62
CA GLY A 37 -5.86 -2.04 -18.77
C GLY A 37 -6.51 -1.81 -17.42
N CYS A 38 -5.74 -1.27 -16.48
CA CYS A 38 -6.29 -0.92 -15.19
C CYS A 38 -6.12 0.56 -14.91
N GLU A 39 -7.13 1.15 -14.26
CA GLU A 39 -6.99 2.50 -13.72
C GLU A 39 -7.34 2.47 -12.24
N ASP A 40 -7.61 1.27 -11.74
CA ASP A 40 -8.15 1.09 -10.41
C ASP A 40 -7.06 0.62 -9.46
N PHE A 41 -6.31 1.57 -8.93
CA PHE A 41 -5.23 1.29 -7.98
C PHE A 41 -4.65 2.59 -7.41
N GLY A 42 -4.18 2.51 -6.18
CA GLY A 42 -3.62 3.67 -5.52
C GLY A 42 -3.04 3.32 -4.17
N THR A 43 -2.73 4.32 -3.37
CA THR A 43 -2.15 4.09 -2.04
C THR A 43 -2.99 4.73 -0.96
N LYS A 44 -3.04 4.12 0.21
CA LYS A 44 -3.66 4.75 1.36
C LYS A 44 -2.57 5.16 2.34
N CYS A 45 -2.72 6.33 2.92
CA CYS A 45 -1.78 6.80 3.93
C CYS A 45 -2.55 7.33 5.13
N VAL A 46 -3.01 6.42 5.96
CA VAL A 46 -3.83 6.77 7.10
C VAL A 46 -3.13 6.34 8.39
N ILE A 47 -3.18 7.20 9.39
CA ILE A 47 -2.63 6.84 10.68
C ILE A 47 -3.65 6.01 11.46
N GLU A 48 -3.20 4.85 11.92
CA GLU A 48 -4.05 3.95 12.64
C GLU A 48 -3.47 3.73 14.04
N GLU A 49 -4.09 4.36 15.02
CA GLU A 49 -3.67 4.24 16.39
C GLU A 49 -4.13 2.91 16.97
N VAL A 50 -3.22 2.22 17.64
CA VAL A 50 -3.51 0.86 18.10
C VAL A 50 -4.12 0.87 19.50
N LYS A 51 -3.29 0.67 20.52
CA LYS A 51 -3.79 0.53 21.89
C LYS A 51 -2.79 1.10 22.89
N SER A 52 -3.32 1.72 23.93
CA SER A 52 -2.52 2.22 25.03
C SER A 52 -3.42 2.37 26.26
N SER A 53 -2.99 3.13 27.25
CA SER A 53 -3.83 3.46 28.37
C SER A 53 -4.87 4.49 27.95
N HIS A 54 -6.13 4.06 27.89
CA HIS A 54 -7.21 4.91 27.41
C HIS A 54 -7.78 5.76 28.54
N LYS A 55 -7.23 5.59 29.74
CA LYS A 55 -7.65 6.36 30.90
C LYS A 55 -6.99 7.74 30.91
N THR A 56 -6.37 8.12 29.81
CA THR A 56 -5.73 9.42 29.71
C THR A 56 -6.66 10.43 29.05
N LEU A 57 -6.94 11.52 29.76
CA LEU A 57 -7.78 12.58 29.24
C LEU A 57 -6.94 13.81 28.96
N LEU A 58 -6.51 13.96 27.70
CA LEU A 58 -5.62 15.05 27.34
C LEU A 58 -6.22 15.93 26.26
N ASN A 59 -7.02 15.34 25.39
CA ASN A 59 -7.70 16.05 24.32
C ASN A 59 -8.43 15.02 23.44
N THR A 60 -7.68 14.44 22.52
CA THR A 60 -8.11 13.25 21.84
C THR A 60 -7.32 12.09 22.42
N GLU A 61 -7.09 11.03 21.68
CA GLU A 61 -6.20 9.98 22.16
C GLU A 61 -4.75 10.35 21.82
N LEU A 62 -4.29 11.47 22.36
CA LEU A 62 -2.95 11.95 22.08
C LEU A 62 -1.92 11.15 22.84
N HIS A 63 -0.72 11.04 22.26
CA HIS A 63 0.39 10.28 22.85
C HIS A 63 0.06 8.80 22.99
N LEU A 64 -0.91 8.34 22.22
CA LEU A 64 -1.26 6.93 22.17
C LEU A 64 -0.44 6.27 21.07
N THR A 65 0.00 5.04 21.30
CA THR A 65 0.83 4.32 20.33
C THR A 65 0.11 4.19 18.98
N LYS A 66 0.57 4.95 18.02
CA LYS A 66 -0.06 4.99 16.71
C LYS A 66 0.88 4.47 15.64
N TYR A 67 0.31 3.96 14.56
CA TYR A 67 1.08 3.47 13.44
C TYR A 67 0.59 4.11 12.15
N TYR A 68 1.48 4.26 11.20
CA TYR A 68 1.10 4.74 9.88
C TYR A 68 0.70 3.55 9.03
N GLY A 69 -0.55 3.53 8.62
CA GLY A 69 -1.06 2.43 7.83
C GLY A 69 -0.88 2.68 6.35
N PHE A 70 0.30 2.35 5.84
CA PHE A 70 0.57 2.46 4.42
C PHE A 70 0.17 1.18 3.71
N SER A 71 -0.63 1.30 2.68
CA SER A 71 -1.08 0.15 1.93
C SER A 71 -1.38 0.54 0.49
N PHE A 72 -1.10 -0.37 -0.42
CA PHE A 72 -1.42 -0.15 -1.82
C PHE A 72 -2.71 -0.89 -2.17
N PHE A 73 -3.67 -0.13 -2.65
CA PHE A 73 -4.97 -0.65 -3.02
C PHE A 73 -5.04 -0.92 -4.51
N ARG A 74 -5.60 -2.06 -4.86
CA ARG A 74 -5.80 -2.42 -6.26
C ARG A 74 -7.10 -3.19 -6.37
N HIS A 75 -8.14 -2.52 -6.90
CA HIS A 75 -9.50 -3.09 -6.95
C HIS A 75 -10.11 -3.21 -5.57
N GLY A 76 -9.61 -2.40 -4.64
CA GLY A 76 -10.12 -2.44 -3.29
C GLY A 76 -9.44 -3.51 -2.47
N ASN A 77 -8.59 -4.30 -3.11
CA ASN A 77 -7.81 -5.30 -2.42
C ASN A 77 -6.50 -4.70 -1.96
N ILE A 78 -5.75 -5.48 -1.22
CA ILE A 78 -4.46 -5.02 -0.71
C ILE A 78 -3.33 -5.81 -1.34
N VAL A 79 -2.57 -5.13 -2.16
CA VAL A 79 -1.40 -5.73 -2.78
C VAL A 79 -0.17 -5.49 -1.92
N ALA A 80 -0.10 -4.30 -1.35
CA ALA A 80 1.01 -3.92 -0.50
C ALA A 80 0.50 -3.42 0.84
N TYR A 81 1.06 -3.94 1.92
CA TYR A 81 0.72 -3.44 3.23
C TYR A 81 1.99 -3.23 4.05
N GLY A 82 2.09 -2.08 4.66
CA GLY A 82 3.21 -1.78 5.53
C GLY A 82 2.77 -0.98 6.73
N LYS A 83 2.64 -1.65 7.86
CA LYS A 83 2.23 -1.00 9.08
C LYS A 83 3.44 -0.75 9.97
N SER A 84 3.70 0.52 10.25
CA SER A 84 4.84 0.89 11.08
C SER A 84 4.58 2.21 11.79
N ARG A 85 5.20 2.37 12.94
CA ARG A 85 5.10 3.61 13.70
C ARG A 85 5.77 4.73 12.92
N LYS A 86 6.76 4.35 12.12
CA LYS A 86 7.49 5.27 11.27
C LYS A 86 6.84 5.36 9.89
N VAL A 87 6.50 6.58 9.49
CA VAL A 87 5.86 6.83 8.19
C VAL A 87 6.72 6.28 7.04
N ALA A 88 8.02 6.56 7.11
CA ALA A 88 8.96 6.12 6.09
C ALA A 88 9.15 4.60 6.09
N ASN A 89 9.15 4.00 7.27
CA ASN A 89 9.37 2.55 7.39
C ASN A 89 8.18 1.80 6.84
N ALA A 90 6.99 2.26 7.22
CA ALA A 90 5.73 1.70 6.74
C ALA A 90 5.67 1.75 5.23
N LYS A 91 6.01 2.93 4.73
CA LYS A 91 6.01 3.21 3.30
C LYS A 91 7.03 2.31 2.60
N TYR A 92 8.17 2.13 3.24
CA TYR A 92 9.24 1.27 2.71
C TYR A 92 8.72 -0.14 2.49
N ILE A 93 8.07 -0.69 3.51
CA ILE A 93 7.56 -2.05 3.48
C ILE A 93 6.62 -2.27 2.32
N MET A 94 5.59 -1.44 2.23
CA MET A 94 4.59 -1.58 1.17
C MET A 94 5.25 -1.43 -0.20
N LYS A 95 6.20 -0.49 -0.33
CA LYS A 95 6.92 -0.29 -1.58
C LYS A 95 7.60 -1.59 -2.02
N GLN A 96 8.29 -2.24 -1.08
CA GLN A 96 9.02 -3.48 -1.38
C GLN A 96 8.07 -4.63 -1.69
N ARG A 97 6.79 -4.46 -1.35
CA ARG A 97 5.79 -5.48 -1.66
C ARG A 97 5.60 -5.55 -3.17
N LEU A 98 5.10 -4.46 -3.78
CA LEU A 98 4.87 -4.44 -5.22
C LEU A 98 6.18 -4.47 -5.97
N LEU A 99 7.21 -3.86 -5.37
CA LEU A 99 8.54 -3.82 -5.98
C LEU A 99 8.99 -5.22 -6.38
N LYS A 100 8.88 -6.15 -5.45
CA LYS A 100 9.25 -7.53 -5.72
C LYS A 100 8.30 -8.19 -6.71
N LEU A 101 7.05 -7.74 -6.70
CA LEU A 101 6.05 -8.29 -7.59
C LEU A 101 6.30 -7.92 -9.05
N LEU A 102 6.86 -6.73 -9.29
CA LEU A 102 7.16 -6.32 -10.66
C LEU A 102 8.56 -6.81 -11.08
N GLU A 103 9.39 -7.11 -10.09
CA GLU A 103 10.71 -7.70 -10.36
C GLU A 103 10.56 -9.17 -10.74
N ASP A 104 9.77 -9.88 -9.94
CA ASP A 104 9.56 -11.32 -10.11
C ASP A 104 8.38 -11.57 -11.05
N LYS A 105 7.60 -10.53 -11.29
CA LYS A 105 6.44 -10.59 -12.17
C LYS A 105 5.37 -11.49 -11.58
N SER A 106 5.23 -11.42 -10.27
CA SER A 106 4.22 -12.19 -9.56
C SER A 106 2.82 -11.68 -9.91
N ASN A 107 1.90 -12.61 -10.17
CA ASN A 107 0.54 -12.25 -10.59
C ASN A 107 -0.24 -11.56 -9.47
N LEU A 108 0.36 -11.52 -8.28
CA LEU A 108 -0.32 -10.95 -7.12
C LEU A 108 -0.69 -9.48 -7.35
N LEU A 109 0.24 -8.71 -7.92
CA LEU A 109 -0.06 -7.33 -8.28
C LEU A 109 -0.50 -7.23 -9.74
N LEU A 110 0.01 -8.15 -10.53
CA LEU A 110 -0.04 -8.03 -11.98
C LEU A 110 -1.09 -8.92 -12.63
N TYR A 111 -2.10 -9.33 -11.87
CA TYR A 111 -3.15 -10.16 -12.44
C TYR A 111 -3.99 -9.37 -13.44
N SER A 112 -4.66 -10.08 -14.34
CA SER A 112 -5.43 -9.46 -15.40
C SER A 112 -6.86 -9.20 -14.95
N CYS A 113 -7.35 -8.00 -15.24
CA CYS A 113 -8.71 -7.62 -14.92
C CYS A 113 -9.38 -7.07 -16.16
N ASN A 114 -10.63 -6.63 -16.03
CA ASN A 114 -11.31 -6.02 -17.15
C ASN A 114 -11.86 -4.65 -16.76
N CYS A 115 -10.97 -3.68 -16.61
CA CYS A 115 -11.39 -2.30 -16.39
C CYS A 115 -11.79 -1.65 -17.70
N LYS A 116 -10.91 -1.75 -18.68
CA LYS A 116 -11.18 -1.22 -20.02
C LYS A 116 -11.15 -2.36 -21.03
N PHE A 117 -10.25 -3.31 -20.80
CA PHE A 117 -10.14 -4.51 -21.62
C PHE A 117 -9.40 -5.58 -20.82
N SER A 118 -9.09 -6.69 -21.47
CA SER A 118 -8.19 -7.68 -20.88
C SER A 118 -7.25 -8.26 -21.94
N LYS A 119 -6.64 -9.39 -21.61
CA LYS A 119 -5.55 -9.92 -22.40
C LYS A 119 -5.98 -11.07 -23.28
N LYS A 120 -5.38 -11.14 -24.46
CA LYS A 120 -5.40 -12.35 -25.25
C LYS A 120 -3.97 -12.69 -25.62
N LYS A 121 -3.09 -11.73 -25.41
CA LYS A 121 -1.67 -11.89 -25.63
C LYS A 121 -0.91 -11.48 -24.37
ZN ZN B . -8.61 -3.14 -13.06
N MET A 21 18.57 -0.18 -8.19
CA MET A 21 18.30 1.18 -8.71
C MET A 21 17.67 2.04 -7.63
N LYS A 22 17.51 3.33 -7.91
CA LYS A 22 16.87 4.24 -6.99
C LYS A 22 15.67 4.90 -7.64
N GLY A 23 14.61 5.10 -6.87
CA GLY A 23 13.41 5.70 -7.39
C GLY A 23 12.25 5.50 -6.43
N ASP A 24 11.03 5.56 -6.94
CA ASP A 24 9.87 5.34 -6.09
C ASP A 24 8.97 4.26 -6.68
N ILE A 25 8.50 3.37 -5.80
CA ILE A 25 7.71 2.23 -6.19
C ILE A 25 6.35 2.63 -6.77
N GLU A 26 5.82 3.76 -6.34
CA GLU A 26 4.48 4.15 -6.74
C GLU A 26 4.48 4.59 -8.18
N HIS A 27 5.62 5.09 -8.63
CA HIS A 27 5.80 5.37 -10.04
C HIS A 27 5.77 4.06 -10.81
N LYS A 28 6.51 3.07 -10.31
CA LYS A 28 6.62 1.76 -10.96
C LYS A 28 5.26 1.11 -11.13
N VAL A 29 4.49 1.06 -10.05
CA VAL A 29 3.20 0.39 -10.08
C VAL A 29 2.23 1.07 -11.04
N TYR A 30 2.36 2.39 -11.20
CA TYR A 30 1.53 3.09 -12.16
C TYR A 30 2.00 2.74 -13.56
N GLN A 31 3.32 2.59 -13.71
CA GLN A 31 3.94 2.40 -15.03
C GLN A 31 3.39 1.19 -15.75
N LEU A 32 3.28 0.08 -15.04
CA LEU A 32 2.88 -1.16 -15.65
C LEU A 32 1.37 -1.38 -15.58
N LEU A 33 0.78 -1.13 -14.42
CA LEU A 33 -0.65 -1.39 -14.23
C LEU A 33 -1.52 -0.59 -15.19
N LYS A 34 -1.21 0.69 -15.36
CA LYS A 34 -1.97 1.53 -16.28
C LYS A 34 -1.83 1.03 -17.71
N ASP A 35 -0.71 0.37 -17.99
CA ASP A 35 -0.42 -0.16 -19.31
C ASP A 35 -1.23 -1.42 -19.57
N GLN A 36 -1.46 -2.17 -18.50
CA GLN A 36 -2.22 -3.43 -18.58
C GLN A 36 -3.72 -3.16 -18.62
N GLY A 37 -4.08 -1.89 -18.57
CA GLY A 37 -5.48 -1.54 -18.59
C GLY A 37 -6.06 -1.45 -17.20
N CYS A 38 -5.25 -0.97 -16.26
CA CYS A 38 -5.75 -0.73 -14.92
C CYS A 38 -5.53 0.71 -14.52
N GLU A 39 -6.58 1.36 -14.06
CA GLU A 39 -6.49 2.70 -13.51
C GLU A 39 -6.98 2.73 -12.08
N ASP A 40 -7.33 1.54 -11.58
CA ASP A 40 -7.93 1.42 -10.26
C ASP A 40 -6.91 0.90 -9.25
N PHE A 41 -6.16 1.83 -8.70
CA PHE A 41 -5.18 1.54 -7.65
C PHE A 41 -4.70 2.84 -6.99
N GLY A 42 -4.01 2.69 -5.87
CA GLY A 42 -3.50 3.85 -5.16
C GLY A 42 -2.96 3.47 -3.78
N THR A 43 -2.41 4.44 -3.08
CA THR A 43 -1.86 4.20 -1.76
C THR A 43 -2.65 4.94 -0.68
N LYS A 44 -2.86 4.29 0.45
CA LYS A 44 -3.48 4.95 1.59
C LYS A 44 -2.51 4.96 2.77
N CYS A 45 -2.71 5.91 3.67
CA CYS A 45 -1.90 6.00 4.87
C CYS A 45 -2.77 6.37 6.06
N VAL A 46 -3.58 5.42 6.50
CA VAL A 46 -4.49 5.66 7.60
C VAL A 46 -3.83 5.22 8.91
N ILE A 47 -3.95 6.03 9.94
CA ILE A 47 -3.34 5.70 11.21
C ILE A 47 -4.11 4.63 11.95
N GLU A 48 -3.39 3.59 12.35
CA GLU A 48 -3.94 2.56 13.20
C GLU A 48 -3.27 2.62 14.56
N GLU A 49 -3.96 3.21 15.51
CA GLU A 49 -3.50 3.28 16.88
C GLU A 49 -3.44 1.86 17.46
N VAL A 50 -2.34 1.52 18.10
CA VAL A 50 -2.18 0.20 18.66
C VAL A 50 -2.75 0.16 20.08
N LYS A 51 -4.05 -0.09 20.15
CA LYS A 51 -4.73 -0.24 21.42
C LYS A 51 -4.53 -1.66 21.92
N SER A 52 -3.62 -1.81 22.87
CA SER A 52 -3.27 -3.10 23.41
C SER A 52 -3.47 -3.12 24.92
N SER A 53 -3.40 -1.94 25.52
CA SER A 53 -3.54 -1.81 26.95
C SER A 53 -4.37 -0.57 27.27
N HIS A 54 -4.51 -0.25 28.55
CA HIS A 54 -5.28 0.91 28.97
C HIS A 54 -4.55 2.19 28.60
N LYS A 55 -5.07 2.89 27.60
CA LYS A 55 -4.47 4.13 27.16
C LYS A 55 -5.15 5.31 27.85
N THR A 56 -4.63 6.50 27.61
CA THR A 56 -5.24 7.71 28.13
C THR A 56 -6.55 8.01 27.40
N LEU A 57 -7.56 8.40 28.16
CA LEU A 57 -8.87 8.70 27.60
C LEU A 57 -9.12 10.20 27.65
N LEU A 58 -9.18 10.83 26.48
CA LEU A 58 -9.45 12.25 26.40
C LEU A 58 -10.05 12.61 25.04
N ASN A 59 -10.17 13.91 24.80
CA ASN A 59 -10.73 14.47 23.56
C ASN A 59 -10.25 13.71 22.33
N THR A 60 -8.95 13.78 22.08
CA THR A 60 -8.34 13.09 20.98
C THR A 60 -7.32 12.10 21.52
N GLU A 61 -6.35 11.70 20.71
CA GLU A 61 -5.31 10.83 21.21
C GLU A 61 -4.11 11.63 21.63
N LEU A 62 -4.02 11.86 22.94
CA LEU A 62 -2.89 12.57 23.54
C LEU A 62 -1.57 12.00 23.01
N HIS A 63 -1.36 10.72 23.28
CA HIS A 63 -0.18 10.02 22.79
C HIS A 63 -0.30 8.52 23.06
N LEU A 64 -0.69 7.77 22.05
CA LEU A 64 -0.66 6.33 22.12
C LEU A 64 0.28 5.81 21.05
N THR A 65 0.90 4.67 21.30
CA THR A 65 1.73 4.03 20.28
C THR A 65 0.88 3.71 19.07
N LYS A 66 1.02 4.52 18.04
CA LYS A 66 0.18 4.41 16.87
C LYS A 66 1.03 4.21 15.63
N TYR A 67 0.48 3.53 14.64
CA TYR A 67 1.22 3.17 13.45
C TYR A 67 0.54 3.73 12.22
N TYR A 68 1.33 4.07 11.22
CA TYR A 68 0.81 4.49 9.94
C TYR A 68 0.50 3.27 9.10
N GLY A 69 -0.78 3.06 8.83
CA GLY A 69 -1.18 1.95 8.00
C GLY A 69 -1.00 2.27 6.53
N PHE A 70 0.24 2.20 6.07
CA PHE A 70 0.55 2.42 4.67
C PHE A 70 0.19 1.21 3.85
N SER A 71 -0.83 1.35 3.03
CA SER A 71 -1.33 0.22 2.26
C SER A 71 -1.47 0.58 0.79
N PHE A 72 -1.14 -0.35 -0.09
CA PHE A 72 -1.37 -0.16 -1.51
C PHE A 72 -2.62 -0.92 -1.93
N PHE A 73 -3.56 -0.18 -2.47
CA PHE A 73 -4.82 -0.73 -2.93
C PHE A 73 -4.83 -0.94 -4.43
N ARG A 74 -5.32 -2.10 -4.84
CA ARG A 74 -5.68 -2.33 -6.23
C ARG A 74 -7.04 -3.02 -6.26
N HIS A 75 -8.03 -2.35 -6.84
CA HIS A 75 -9.41 -2.87 -6.91
C HIS A 75 -10.03 -2.98 -5.52
N GLY A 76 -9.50 -2.23 -4.57
CA GLY A 76 -9.99 -2.31 -3.22
C GLY A 76 -9.33 -3.43 -2.44
N ASN A 77 -8.41 -4.13 -3.07
CA ASN A 77 -7.65 -5.18 -2.40
C ASN A 77 -6.35 -4.63 -1.89
N ILE A 78 -5.67 -5.41 -1.08
CA ILE A 78 -4.38 -5.02 -0.54
C ILE A 78 -3.27 -5.80 -1.18
N VAL A 79 -2.48 -5.10 -1.97
CA VAL A 79 -1.32 -5.69 -2.60
C VAL A 79 -0.10 -5.50 -1.70
N ALA A 80 -0.07 -4.37 -1.02
CA ALA A 80 1.03 -4.06 -0.12
C ALA A 80 0.53 -3.42 1.17
N TYR A 81 1.12 -3.79 2.28
CA TYR A 81 0.82 -3.15 3.55
C TYR A 81 2.09 -3.05 4.40
N GLY A 82 2.39 -1.83 4.83
CA GLY A 82 3.52 -1.60 5.71
C GLY A 82 3.11 -0.81 6.93
N LYS A 83 3.01 -1.49 8.06
CA LYS A 83 2.59 -0.86 9.30
C LYS A 83 3.81 -0.46 10.13
N SER A 84 3.95 0.83 10.39
CA SER A 84 5.05 1.33 11.21
C SER A 84 4.69 2.69 11.81
N ARG A 85 5.28 3.00 12.96
CA ARG A 85 5.08 4.29 13.60
C ARG A 85 5.81 5.35 12.79
N LYS A 86 6.88 4.92 12.14
CA LYS A 86 7.68 5.78 11.28
C LYS A 86 7.13 5.75 9.87
N VAL A 87 6.79 6.92 9.34
CA VAL A 87 6.25 7.04 7.98
C VAL A 87 7.21 6.42 6.97
N ALA A 88 8.49 6.73 7.11
CA ALA A 88 9.52 6.23 6.20
C ALA A 88 9.64 4.72 6.24
N ASN A 89 9.49 4.15 7.44
CA ASN A 89 9.61 2.71 7.61
C ASN A 89 8.37 2.01 7.05
N ALA A 90 7.21 2.58 7.35
CA ALA A 90 5.93 2.06 6.89
C ALA A 90 5.86 2.07 5.37
N LYS A 91 6.20 3.21 4.77
CA LYS A 91 6.25 3.34 3.32
C LYS A 91 7.17 2.29 2.75
N TYR A 92 8.33 2.16 3.37
CA TYR A 92 9.36 1.27 2.88
C TYR A 92 8.84 -0.15 2.72
N ILE A 93 8.19 -0.65 3.75
CA ILE A 93 7.69 -2.02 3.78
C ILE A 93 6.74 -2.29 2.63
N MET A 94 5.69 -1.48 2.52
CA MET A 94 4.70 -1.68 1.47
C MET A 94 5.32 -1.52 0.09
N LYS A 95 6.23 -0.56 -0.05
CA LYS A 95 6.88 -0.33 -1.32
C LYS A 95 7.71 -1.54 -1.76
N GLN A 96 8.43 -2.15 -0.81
CA GLN A 96 9.21 -3.36 -1.10
C GLN A 96 8.32 -4.51 -1.54
N ARG A 97 7.06 -4.47 -1.12
CA ARG A 97 6.09 -5.50 -1.48
C ARG A 97 5.87 -5.52 -2.99
N LEU A 98 5.29 -4.46 -3.54
CA LEU A 98 5.04 -4.41 -4.98
C LEU A 98 6.36 -4.37 -5.75
N LEU A 99 7.39 -3.77 -5.13
CA LEU A 99 8.72 -3.69 -5.74
C LEU A 99 9.18 -5.08 -6.14
N LYS A 100 9.01 -6.02 -5.24
CA LYS A 100 9.41 -7.40 -5.51
C LYS A 100 8.43 -8.08 -6.45
N LEU A 101 7.19 -7.61 -6.44
CA LEU A 101 6.16 -8.21 -7.29
C LEU A 101 6.37 -7.85 -8.76
N LEU A 102 6.86 -6.65 -9.02
CA LEU A 102 7.14 -6.24 -10.39
C LEU A 102 8.51 -6.76 -10.85
N GLU A 103 9.37 -7.06 -9.90
CA GLU A 103 10.69 -7.63 -10.20
C GLU A 103 10.59 -9.14 -10.39
N ASP A 104 9.75 -9.79 -9.59
CA ASP A 104 9.57 -11.23 -9.69
C ASP A 104 8.44 -11.56 -10.65
N LYS A 105 7.70 -10.52 -11.04
CA LYS A 105 6.60 -10.65 -12.01
C LYS A 105 5.48 -11.51 -11.46
N SER A 106 5.26 -11.42 -10.16
CA SER A 106 4.20 -12.17 -9.51
C SER A 106 2.83 -11.60 -9.87
N ASN A 107 1.88 -12.48 -10.17
CA ASN A 107 0.55 -12.06 -10.63
C ASN A 107 -0.26 -11.41 -9.51
N LEU A 108 0.32 -11.32 -8.32
CA LEU A 108 -0.40 -10.75 -7.18
C LEU A 108 -0.69 -9.28 -7.40
N LEU A 109 0.24 -8.56 -8.01
CA LEU A 109 0.03 -7.15 -8.31
C LEU A 109 -0.26 -6.97 -9.80
N LEU A 110 0.04 -7.98 -10.57
CA LEU A 110 0.05 -7.86 -12.03
C LEU A 110 -1.00 -8.74 -12.70
N TYR A 111 -2.04 -9.14 -11.96
CA TYR A 111 -3.08 -10.00 -12.53
C TYR A 111 -3.90 -9.28 -13.60
N SER A 112 -4.63 -10.06 -14.39
CA SER A 112 -5.48 -9.52 -15.45
C SER A 112 -6.81 -9.03 -14.89
N CYS A 113 -7.29 -7.91 -15.42
CA CYS A 113 -8.56 -7.34 -15.04
C CYS A 113 -9.17 -6.60 -16.22
N ASN A 114 -10.44 -6.27 -16.13
CA ASN A 114 -11.07 -5.45 -17.15
C ASN A 114 -11.51 -4.11 -16.56
N CYS A 115 -10.58 -3.18 -16.48
CA CYS A 115 -10.94 -1.80 -16.15
C CYS A 115 -11.32 -1.04 -17.41
N LYS A 116 -11.07 -1.67 -18.55
CA LYS A 116 -11.26 -1.05 -19.85
C LYS A 116 -11.09 -2.10 -20.95
N PHE A 117 -10.13 -2.99 -20.71
CA PHE A 117 -9.89 -4.12 -21.60
C PHE A 117 -9.00 -5.12 -20.85
N SER A 118 -8.54 -6.14 -21.54
CA SER A 118 -7.53 -7.03 -21.02
C SER A 118 -6.66 -7.57 -22.14
N LYS A 119 -5.67 -8.36 -21.75
CA LYS A 119 -4.73 -8.98 -22.67
C LYS A 119 -5.46 -9.81 -23.72
N LYS A 120 -6.05 -10.90 -23.23
CA LYS A 120 -6.76 -11.88 -24.05
C LYS A 120 -7.18 -13.02 -23.14
N LYS A 121 -6.38 -13.20 -22.08
CA LYS A 121 -6.66 -14.16 -21.04
C LYS A 121 -7.57 -13.55 -19.98
ZN ZN B . -8.18 -2.98 -12.93
N MET A 21 17.72 4.30 -12.95
CA MET A 21 17.96 4.12 -11.51
C MET A 21 16.64 3.80 -10.81
N LYS A 22 16.71 3.14 -9.66
CA LYS A 22 15.50 2.88 -8.89
C LYS A 22 15.13 4.13 -8.09
N GLY A 23 13.88 4.55 -8.22
CA GLY A 23 13.45 5.77 -7.59
C GLY A 23 12.26 5.58 -6.68
N ASP A 24 11.08 5.64 -7.24
CA ASP A 24 9.86 5.49 -6.47
C ASP A 24 9.03 4.32 -6.97
N ILE A 25 8.53 3.54 -6.02
CA ILE A 25 7.82 2.32 -6.33
C ILE A 25 6.46 2.63 -6.96
N GLU A 26 5.95 3.82 -6.68
CA GLU A 26 4.64 4.21 -7.17
C GLU A 26 4.68 4.39 -8.67
N HIS A 27 5.76 5.01 -9.16
CA HIS A 27 5.98 5.16 -10.59
C HIS A 27 6.00 3.79 -11.24
N LYS A 28 6.65 2.84 -10.58
CA LYS A 28 6.72 1.47 -11.09
C LYS A 28 5.33 0.88 -11.24
N VAL A 29 4.53 0.94 -10.17
CA VAL A 29 3.16 0.43 -10.20
C VAL A 29 2.37 1.07 -11.32
N TYR A 30 2.52 2.38 -11.48
CA TYR A 30 1.82 3.09 -12.53
C TYR A 30 2.30 2.59 -13.89
N GLN A 31 3.62 2.50 -14.05
CA GLN A 31 4.24 2.17 -15.33
C GLN A 31 3.66 0.93 -15.97
N LEU A 32 3.52 -0.12 -15.19
CA LEU A 32 3.06 -1.39 -15.73
C LEU A 32 1.54 -1.50 -15.70
N LEU A 33 0.94 -1.14 -14.58
CA LEU A 33 -0.50 -1.31 -14.42
C LEU A 33 -1.29 -0.50 -15.43
N LYS A 34 -0.91 0.75 -15.64
CA LYS A 34 -1.59 1.60 -16.61
C LYS A 34 -1.43 1.03 -18.02
N ASP A 35 -0.33 0.32 -18.23
CA ASP A 35 -0.01 -0.24 -19.53
C ASP A 35 -0.87 -1.48 -19.79
N GLN A 36 -1.16 -2.21 -18.72
CA GLN A 36 -2.03 -3.38 -18.80
C GLN A 36 -3.48 -2.93 -18.90
N GLY A 37 -3.67 -1.63 -18.84
CA GLY A 37 -5.00 -1.09 -18.91
C GLY A 37 -5.64 -1.03 -17.55
N CYS A 38 -4.90 -0.54 -16.58
CA CYS A 38 -5.49 -0.29 -15.29
C CYS A 38 -5.29 1.16 -14.87
N GLU A 39 -6.35 1.77 -14.35
CA GLU A 39 -6.23 3.08 -13.72
C GLU A 39 -6.77 3.01 -12.28
N ASP A 40 -7.29 1.84 -11.93
CA ASP A 40 -7.94 1.64 -10.64
C ASP A 40 -6.96 1.08 -9.62
N PHE A 41 -6.18 1.99 -9.04
CA PHE A 41 -5.23 1.66 -7.98
C PHE A 41 -4.69 2.94 -7.34
N GLY A 42 -4.11 2.79 -6.15
CA GLY A 42 -3.55 3.94 -5.46
C GLY A 42 -3.08 3.59 -4.05
N THR A 43 -2.33 4.49 -3.44
CA THR A 43 -1.82 4.27 -2.09
C THR A 43 -2.73 4.91 -1.05
N LYS A 44 -2.78 4.33 0.14
CA LYS A 44 -3.46 4.94 1.27
C LYS A 44 -2.57 4.89 2.49
N CYS A 45 -2.64 5.92 3.32
CA CYS A 45 -1.87 5.97 4.54
C CYS A 45 -2.75 6.41 5.69
N VAL A 46 -3.28 5.44 6.42
CA VAL A 46 -4.14 5.72 7.55
C VAL A 46 -3.44 5.31 8.83
N ILE A 47 -3.60 6.09 9.88
CA ILE A 47 -2.99 5.74 11.14
C ILE A 47 -3.81 4.68 11.86
N GLU A 48 -3.14 3.61 12.22
CA GLU A 48 -3.75 2.57 13.00
C GLU A 48 -3.10 2.56 14.39
N GLU A 49 -3.68 3.37 15.27
CA GLU A 49 -3.11 3.59 16.59
C GLU A 49 -3.23 2.36 17.48
N VAL A 50 -2.29 2.20 18.37
CA VAL A 50 -2.31 1.11 19.32
C VAL A 50 -2.55 1.66 20.72
N LYS A 51 -3.74 1.35 21.25
CA LYS A 51 -4.16 1.84 22.56
C LYS A 51 -3.20 1.42 23.67
N SER A 52 -3.06 2.28 24.66
CA SER A 52 -2.22 1.98 25.81
C SER A 52 -2.96 1.07 26.78
N SER A 53 -2.21 0.35 27.61
CA SER A 53 -2.80 -0.54 28.59
C SER A 53 -3.54 0.25 29.66
N HIS A 54 -3.01 1.42 30.01
CA HIS A 54 -3.66 2.30 30.97
C HIS A 54 -4.37 3.43 30.25
N LYS A 55 -5.23 4.14 30.95
CA LYS A 55 -5.92 5.28 30.38
C LYS A 55 -5.07 6.54 30.54
N THR A 56 -5.44 7.59 29.84
CA THR A 56 -4.73 8.85 29.92
C THR A 56 -5.36 9.79 30.93
N LEU A 57 -4.55 10.67 31.51
CA LEU A 57 -5.03 11.62 32.50
C LEU A 57 -5.07 13.04 31.92
N LEU A 58 -4.76 13.16 30.63
CA LEU A 58 -4.75 14.46 29.98
C LEU A 58 -5.97 14.59 29.08
N ASN A 59 -6.00 15.65 28.28
CA ASN A 59 -7.10 15.91 27.34
C ASN A 59 -7.34 14.71 26.42
N THR A 60 -6.43 14.46 25.50
CA THR A 60 -6.57 13.36 24.57
C THR A 60 -5.84 12.11 25.07
N GLU A 61 -4.76 11.77 24.37
CA GLU A 61 -3.95 10.63 24.74
C GLU A 61 -2.46 10.97 24.63
N LEU A 62 -2.19 12.28 24.49
CA LEU A 62 -0.81 12.80 24.38
C LEU A 62 -0.13 12.30 23.10
N HIS A 63 -0.95 11.80 22.18
CA HIS A 63 -0.47 11.16 20.96
C HIS A 63 0.34 9.91 21.31
N LEU A 64 -0.38 8.81 21.48
CA LEU A 64 0.22 7.56 21.91
C LEU A 64 0.91 6.82 20.76
N THR A 65 1.38 5.62 21.04
CA THR A 65 2.04 4.80 20.03
C THR A 65 1.10 4.49 18.88
N LYS A 66 1.33 5.15 17.76
CA LYS A 66 0.50 4.96 16.60
C LYS A 66 1.32 4.36 15.47
N TYR A 67 0.64 3.73 14.53
CA TYR A 67 1.31 3.09 13.41
C TYR A 67 0.76 3.61 12.10
N TYR A 68 1.65 3.97 11.20
CA TYR A 68 1.28 4.40 9.88
C TYR A 68 0.95 3.20 9.02
N GLY A 69 -0.34 2.98 8.82
CA GLY A 69 -0.78 1.86 8.01
C GLY A 69 -0.69 2.16 6.53
N PHE A 70 0.53 2.10 6.00
CA PHE A 70 0.76 2.31 4.59
C PHE A 70 0.29 1.11 3.80
N SER A 71 -0.67 1.33 2.92
CA SER A 71 -1.25 0.24 2.15
C SER A 71 -1.39 0.64 0.69
N PHE A 72 -1.18 -0.30 -0.21
CA PHE A 72 -1.44 -0.05 -1.61
C PHE A 72 -2.71 -0.78 -2.04
N PHE A 73 -3.64 0.00 -2.57
CA PHE A 73 -4.91 -0.53 -3.04
C PHE A 73 -4.93 -0.73 -4.54
N ARG A 74 -5.42 -1.88 -4.96
CA ARG A 74 -5.76 -2.09 -6.36
C ARG A 74 -7.12 -2.76 -6.44
N HIS A 75 -8.07 -2.09 -7.09
CA HIS A 75 -9.44 -2.61 -7.23
C HIS A 75 -10.12 -2.85 -5.89
N GLY A 76 -9.60 -2.21 -4.84
CA GLY A 76 -10.19 -2.37 -3.53
C GLY A 76 -9.49 -3.41 -2.69
N ASN A 77 -8.52 -4.09 -3.26
CA ASN A 77 -7.75 -5.08 -2.52
C ASN A 77 -6.46 -4.49 -2.03
N ILE A 78 -5.77 -5.25 -1.20
CA ILE A 78 -4.49 -4.82 -0.66
C ILE A 78 -3.37 -5.57 -1.34
N VAL A 79 -2.63 -4.85 -2.15
CA VAL A 79 -1.48 -5.41 -2.84
C VAL A 79 -0.25 -5.29 -1.95
N ALA A 80 -0.17 -4.19 -1.23
CA ALA A 80 0.93 -3.96 -0.31
C ALA A 80 0.43 -3.41 1.00
N TYR A 81 1.00 -3.89 2.09
CA TYR A 81 0.71 -3.35 3.39
C TYR A 81 1.97 -3.32 4.24
N GLY A 82 2.20 -2.19 4.88
CA GLY A 82 3.30 -2.08 5.79
C GLY A 82 3.06 -0.98 6.79
N LYS A 83 2.72 -1.34 8.02
CA LYS A 83 2.54 -0.35 9.06
C LYS A 83 3.77 -0.30 9.94
N SER A 84 4.02 0.86 10.52
CA SER A 84 5.16 1.06 11.39
C SER A 84 4.98 2.35 12.17
N ARG A 85 5.75 2.50 13.24
CA ARG A 85 5.70 3.72 14.04
C ARG A 85 6.27 4.90 13.26
N LYS A 86 7.11 4.58 12.28
CA LYS A 86 7.70 5.59 11.42
C LYS A 86 7.10 5.53 10.03
N VAL A 87 6.85 6.71 9.45
CA VAL A 87 6.33 6.82 8.10
C VAL A 87 7.30 6.20 7.08
N ALA A 88 8.59 6.47 7.23
CA ALA A 88 9.60 5.98 6.30
C ALA A 88 9.66 4.46 6.29
N ASN A 89 9.61 3.85 7.46
CA ASN A 89 9.69 2.40 7.56
C ASN A 89 8.44 1.76 7.00
N ALA A 90 7.28 2.30 7.38
CA ALA A 90 6.01 1.81 6.89
C ALA A 90 5.95 1.87 5.36
N LYS A 91 6.36 3.00 4.80
CA LYS A 91 6.46 3.16 3.36
C LYS A 91 7.34 2.07 2.77
N TYR A 92 8.49 1.88 3.41
CA TYR A 92 9.50 0.97 2.93
C TYR A 92 8.92 -0.43 2.75
N ILE A 93 8.21 -0.90 3.75
CA ILE A 93 7.64 -2.24 3.74
C ILE A 93 6.69 -2.44 2.56
N MET A 94 5.70 -1.56 2.44
CA MET A 94 4.70 -1.69 1.41
C MET A 94 5.33 -1.55 0.03
N LYS A 95 6.28 -0.62 -0.11
CA LYS A 95 6.96 -0.42 -1.38
C LYS A 95 7.70 -1.68 -1.82
N GLN A 96 8.41 -2.30 -0.89
CA GLN A 96 9.14 -3.53 -1.18
C GLN A 96 8.20 -4.67 -1.55
N ARG A 97 6.93 -4.54 -1.17
CA ARG A 97 5.93 -5.53 -1.51
C ARG A 97 5.69 -5.55 -3.01
N LEU A 98 5.12 -4.45 -3.55
CA LEU A 98 4.88 -4.37 -4.99
C LEU A 98 6.19 -4.45 -5.74
N LEU A 99 7.25 -3.91 -5.15
CA LEU A 99 8.59 -3.98 -5.74
C LEU A 99 8.94 -5.43 -6.08
N LYS A 100 8.75 -6.31 -5.11
CA LYS A 100 9.02 -7.73 -5.33
C LYS A 100 8.04 -8.33 -6.31
N LEU A 101 6.83 -7.78 -6.37
CA LEU A 101 5.80 -8.28 -7.26
C LEU A 101 6.12 -7.97 -8.71
N LEU A 102 6.66 -6.78 -8.97
CA LEU A 102 7.06 -6.41 -10.32
C LEU A 102 8.42 -7.02 -10.67
N GLU A 103 9.22 -7.31 -9.65
CA GLU A 103 10.50 -8.00 -9.83
C GLU A 103 10.30 -9.48 -10.14
N ASP A 104 9.36 -10.09 -9.42
CA ASP A 104 9.11 -11.52 -9.52
C ASP A 104 8.09 -11.79 -10.61
N LYS A 105 7.31 -10.76 -10.92
CA LYS A 105 6.20 -10.87 -11.87
C LYS A 105 5.13 -11.79 -11.30
N SER A 106 4.64 -11.42 -10.12
CA SER A 106 3.61 -12.16 -9.44
C SER A 106 2.24 -11.51 -9.67
N ASN A 107 1.21 -12.32 -9.78
CA ASN A 107 -0.14 -11.86 -10.14
C ASN A 107 -0.76 -10.97 -9.06
N LEU A 108 -0.14 -10.92 -7.89
CA LEU A 108 -0.69 -10.17 -6.76
C LEU A 108 -0.93 -8.71 -7.11
N LEU A 109 -0.01 -8.13 -7.89
CA LEU A 109 -0.16 -6.75 -8.32
C LEU A 109 -0.45 -6.68 -9.83
N LEU A 110 -0.03 -7.70 -10.54
CA LEU A 110 -0.01 -7.67 -12.00
C LEU A 110 -1.07 -8.55 -12.64
N TYR A 111 -2.11 -8.91 -11.88
CA TYR A 111 -3.17 -9.77 -12.43
C TYR A 111 -3.97 -9.04 -13.50
N SER A 112 -4.64 -9.82 -14.33
CA SER A 112 -5.45 -9.29 -15.41
C SER A 112 -6.78 -8.76 -14.86
N CYS A 113 -7.16 -7.58 -15.30
CA CYS A 113 -8.42 -6.96 -14.89
C CYS A 113 -9.10 -6.32 -16.08
N ASN A 114 -10.33 -5.90 -15.90
CA ASN A 114 -11.06 -5.27 -16.97
C ASN A 114 -11.29 -3.78 -16.71
N CYS A 115 -10.26 -2.98 -16.87
CA CYS A 115 -10.46 -1.54 -16.94
C CYS A 115 -10.56 -1.09 -18.41
N LYS A 116 -10.26 -2.03 -19.31
CA LYS A 116 -10.43 -1.82 -20.74
C LYS A 116 -10.79 -3.15 -21.43
N PHE A 117 -9.96 -4.16 -21.21
CA PHE A 117 -10.20 -5.50 -21.76
C PHE A 117 -9.55 -6.52 -20.83
N SER A 118 -9.84 -7.80 -21.06
CA SER A 118 -9.25 -8.88 -20.28
C SER A 118 -9.75 -10.24 -20.73
N LYS A 119 -9.36 -11.26 -19.99
CA LYS A 119 -9.71 -12.62 -20.30
C LYS A 119 -10.90 -13.05 -19.45
N LYS A 120 -11.99 -13.37 -20.12
CA LYS A 120 -13.25 -13.61 -19.43
C LYS A 120 -13.45 -15.10 -19.17
N LYS A 121 -13.59 -15.42 -17.89
CA LYS A 121 -13.91 -16.78 -17.48
C LYS A 121 -15.40 -16.90 -17.19
ZN ZN B . -8.02 -2.44 -13.33
N MET A 21 18.08 4.50 -12.58
CA MET A 21 18.29 5.64 -11.66
C MET A 21 17.31 5.54 -10.49
N LYS A 22 17.11 6.65 -9.80
CA LYS A 22 16.25 6.69 -8.62
C LYS A 22 14.78 6.59 -9.03
N GLY A 23 14.23 5.40 -8.92
CA GLY A 23 12.85 5.18 -9.31
C GLY A 23 11.99 4.72 -8.15
N ASP A 24 10.79 5.27 -8.05
CA ASP A 24 9.87 4.92 -6.98
C ASP A 24 8.93 3.79 -7.39
N ILE A 25 8.45 3.08 -6.39
CA ILE A 25 7.63 1.90 -6.59
C ILE A 25 6.25 2.29 -7.14
N GLU A 26 5.82 3.51 -6.84
CA GLU A 26 4.51 3.97 -7.24
C GLU A 26 4.46 4.12 -8.75
N HIS A 27 5.53 4.67 -9.31
CA HIS A 27 5.69 4.75 -10.75
C HIS A 27 5.54 3.37 -11.37
N LYS A 28 6.23 2.40 -10.79
CA LYS A 28 6.23 1.02 -11.32
C LYS A 28 4.82 0.49 -11.47
N VAL A 29 4.04 0.56 -10.38
CA VAL A 29 2.67 0.08 -10.39
C VAL A 29 1.86 0.71 -11.51
N TYR A 30 2.04 2.01 -11.67
CA TYR A 30 1.28 2.75 -12.68
C TYR A 30 1.76 2.35 -14.07
N GLN A 31 3.07 2.15 -14.21
CA GLN A 31 3.68 1.88 -15.51
C GLN A 31 3.03 0.69 -16.20
N LEU A 32 2.89 -0.39 -15.46
CA LEU A 32 2.41 -1.63 -16.05
C LEU A 32 0.90 -1.79 -15.94
N LEU A 33 0.35 -1.51 -14.77
CA LEU A 33 -1.09 -1.75 -14.55
C LEU A 33 -1.97 -0.90 -15.44
N LYS A 34 -1.62 0.37 -15.59
CA LYS A 34 -2.41 1.27 -16.42
C LYS A 34 -2.32 0.85 -17.88
N ASP A 35 -1.24 0.13 -18.21
CA ASP A 35 -1.00 -0.30 -19.57
C ASP A 35 -1.77 -1.57 -19.88
N GLN A 36 -1.89 -2.44 -18.88
CA GLN A 36 -2.66 -3.68 -19.03
C GLN A 36 -4.12 -3.36 -19.21
N GLY A 37 -4.58 -2.36 -18.47
CA GLY A 37 -5.97 -1.99 -18.50
C GLY A 37 -6.54 -1.80 -17.12
N CYS A 38 -5.75 -1.21 -16.24
CA CYS A 38 -6.26 -0.84 -14.93
C CYS A 38 -5.99 0.63 -14.63
N GLU A 39 -6.99 1.32 -14.13
CA GLU A 39 -6.80 2.67 -13.62
C GLU A 39 -7.23 2.73 -12.15
N ASP A 40 -7.64 1.58 -11.64
CA ASP A 40 -8.25 1.50 -10.32
C ASP A 40 -7.25 0.97 -9.30
N PHE A 41 -6.41 1.86 -8.78
CA PHE A 41 -5.42 1.53 -7.77
C PHE A 41 -4.81 2.79 -7.19
N GLY A 42 -4.19 2.66 -6.03
CA GLY A 42 -3.55 3.80 -5.39
C GLY A 42 -3.08 3.46 -3.99
N THR A 43 -2.33 4.37 -3.37
CA THR A 43 -1.81 4.14 -2.03
C THR A 43 -2.72 4.75 -0.97
N LYS A 44 -2.73 4.15 0.20
CA LYS A 44 -3.40 4.71 1.35
C LYS A 44 -2.46 4.68 2.55
N CYS A 45 -2.36 5.78 3.26
CA CYS A 45 -1.56 5.83 4.47
C CYS A 45 -2.37 6.46 5.59
N VAL A 46 -3.21 5.65 6.19
CA VAL A 46 -4.09 6.10 7.24
C VAL A 46 -3.60 5.56 8.58
N ILE A 47 -3.66 6.37 9.61
CA ILE A 47 -3.20 5.96 10.92
C ILE A 47 -4.10 4.88 11.51
N GLU A 48 -3.47 3.80 11.93
CA GLU A 48 -4.14 2.74 12.63
C GLU A 48 -3.56 2.63 14.03
N GLU A 49 -4.27 3.17 15.00
CA GLU A 49 -3.79 3.23 16.36
C GLU A 49 -4.13 1.95 17.11
N VAL A 50 -3.13 1.33 17.70
CA VAL A 50 -3.32 0.09 18.43
C VAL A 50 -3.71 0.41 19.86
N LYS A 51 -5.01 0.52 20.10
CA LYS A 51 -5.52 0.87 21.41
C LYS A 51 -5.31 -0.28 22.38
N SER A 52 -4.76 0.04 23.54
CA SER A 52 -4.48 -0.95 24.55
C SER A 52 -5.69 -1.11 25.46
N SER A 53 -5.67 -2.15 26.29
CA SER A 53 -6.69 -2.36 27.29
C SER A 53 -6.66 -1.20 28.30
N HIS A 54 -5.47 -0.69 28.54
CA HIS A 54 -5.32 0.52 29.33
C HIS A 54 -5.24 1.72 28.39
N LYS A 55 -6.27 2.55 28.43
CA LYS A 55 -6.36 3.70 27.54
C LYS A 55 -5.24 4.70 27.81
N THR A 56 -5.36 5.43 28.91
CA THR A 56 -4.38 6.44 29.28
C THR A 56 -4.61 6.88 30.71
N LEU A 57 -3.54 7.27 31.40
CA LEU A 57 -3.66 7.72 32.77
C LEU A 57 -3.26 9.20 32.87
N LEU A 58 -4.07 10.05 32.28
CA LEU A 58 -3.87 11.50 32.35
C LEU A 58 -5.09 12.23 31.82
N ASN A 59 -4.92 13.50 31.49
CA ASN A 59 -5.99 14.36 31.00
C ASN A 59 -6.72 13.72 29.81
N THR A 60 -6.06 13.74 28.67
CA THR A 60 -6.58 13.16 27.46
C THR A 60 -5.62 12.07 27.00
N GLU A 61 -5.85 11.46 25.86
CA GLU A 61 -4.89 10.51 25.33
C GLU A 61 -3.64 11.25 24.87
N LEU A 62 -2.64 11.30 25.77
CA LEU A 62 -1.36 11.94 25.50
C LEU A 62 -0.86 11.55 24.11
N HIS A 63 -0.66 10.27 23.92
CA HIS A 63 -0.24 9.71 22.64
C HIS A 63 -0.56 8.23 22.61
N LEU A 64 -1.62 7.87 21.93
CA LEU A 64 -1.96 6.47 21.78
C LEU A 64 -1.01 5.85 20.77
N THR A 65 -0.43 4.71 21.12
CA THR A 65 0.52 4.02 20.26
C THR A 65 -0.11 3.72 18.91
N LYS A 66 0.17 4.57 17.96
CA LYS A 66 -0.44 4.48 16.66
C LYS A 66 0.58 4.05 15.63
N TYR A 67 0.11 3.49 14.54
CA TYR A 67 0.98 3.04 13.49
C TYR A 67 0.47 3.52 12.15
N TYR A 68 1.37 3.91 11.28
CA TYR A 68 1.01 4.33 9.94
C TYR A 68 0.59 3.14 9.11
N GLY A 69 -0.69 3.03 8.83
CA GLY A 69 -1.19 1.94 8.01
C GLY A 69 -0.93 2.20 6.54
N PHE A 70 0.31 2.01 6.13
CA PHE A 70 0.70 2.16 4.74
C PHE A 70 0.28 0.96 3.94
N SER A 71 -0.47 1.18 2.89
CA SER A 71 -0.97 0.09 2.08
C SER A 71 -1.16 0.54 0.64
N PHE A 72 -1.10 -0.40 -0.27
CA PHE A 72 -1.42 -0.13 -1.65
C PHE A 72 -2.69 -0.85 -2.03
N PHE A 73 -3.66 -0.09 -2.51
CA PHE A 73 -4.96 -0.62 -2.87
C PHE A 73 -5.07 -0.84 -4.37
N ARG A 74 -5.71 -1.93 -4.73
CA ARG A 74 -6.13 -2.17 -6.11
C ARG A 74 -7.48 -2.88 -6.10
N HIS A 75 -8.50 -2.23 -6.66
CA HIS A 75 -9.86 -2.79 -6.69
C HIS A 75 -10.43 -2.98 -5.29
N GLY A 76 -9.89 -2.26 -4.33
CA GLY A 76 -10.35 -2.43 -2.96
C GLY A 76 -9.65 -3.58 -2.27
N ASN A 77 -8.66 -4.17 -2.90
CA ASN A 77 -7.87 -5.22 -2.29
C ASN A 77 -6.55 -4.64 -1.82
N ILE A 78 -5.76 -5.46 -1.14
CA ILE A 78 -4.46 -5.03 -0.65
C ILE A 78 -3.36 -5.78 -1.38
N VAL A 79 -2.59 -5.04 -2.13
CA VAL A 79 -1.43 -5.59 -2.80
C VAL A 79 -0.20 -5.41 -1.93
N ALA A 80 -0.17 -4.30 -1.22
CA ALA A 80 0.93 -3.99 -0.32
C ALA A 80 0.41 -3.53 1.02
N TYR A 81 0.99 -4.04 2.09
CA TYR A 81 0.63 -3.59 3.43
C TYR A 81 1.85 -3.52 4.31
N GLY A 82 2.05 -2.38 4.94
CA GLY A 82 3.14 -2.21 5.86
C GLY A 82 2.78 -1.25 6.96
N LYS A 83 2.42 -1.78 8.11
CA LYS A 83 2.07 -0.95 9.25
C LYS A 83 3.28 -0.78 10.17
N SER A 84 3.66 0.47 10.41
CA SER A 84 4.76 0.76 11.30
C SER A 84 4.59 2.13 11.94
N ARG A 85 5.24 2.35 13.07
CA ARG A 85 5.13 3.61 13.79
C ARG A 85 5.81 4.73 13.02
N LYS A 86 6.84 4.37 12.25
CA LYS A 86 7.53 5.34 11.43
C LYS A 86 7.13 5.18 9.96
N VAL A 87 6.75 6.30 9.35
CA VAL A 87 6.28 6.32 7.96
C VAL A 87 7.27 5.63 7.02
N ALA A 88 8.54 5.97 7.15
CA ALA A 88 9.59 5.43 6.30
C ALA A 88 9.63 3.89 6.35
N ASN A 89 9.46 3.31 7.53
CA ASN A 89 9.52 1.85 7.68
C ASN A 89 8.27 1.22 7.09
N ALA A 90 7.13 1.79 7.45
CA ALA A 90 5.83 1.33 6.95
C ALA A 90 5.80 1.37 5.43
N LYS A 91 6.24 2.49 4.91
CA LYS A 91 6.28 2.75 3.48
C LYS A 91 7.24 1.78 2.79
N TYR A 92 8.34 1.49 3.48
CA TYR A 92 9.35 0.55 2.99
C TYR A 92 8.73 -0.83 2.76
N ILE A 93 8.01 -1.31 3.76
CA ILE A 93 7.35 -2.61 3.68
C ILE A 93 6.37 -2.65 2.51
N MET A 94 5.52 -1.62 2.45
CA MET A 94 4.56 -1.48 1.36
C MET A 94 5.25 -1.56 0.00
N LYS A 95 6.28 -0.73 -0.17
CA LYS A 95 6.99 -0.66 -1.43
C LYS A 95 7.60 -1.99 -1.81
N GLN A 96 8.29 -2.63 -0.86
CA GLN A 96 8.94 -3.92 -1.11
C GLN A 96 7.93 -4.99 -1.52
N ARG A 97 6.68 -4.81 -1.12
CA ARG A 97 5.62 -5.74 -1.49
C ARG A 97 5.41 -5.75 -3.00
N LEU A 98 4.94 -4.63 -3.55
CA LEU A 98 4.67 -4.58 -4.99
C LEU A 98 5.97 -4.64 -5.77
N LEU A 99 7.03 -4.07 -5.20
CA LEU A 99 8.35 -4.08 -5.82
C LEU A 99 8.70 -5.51 -6.22
N LYS A 100 8.52 -6.43 -5.29
CA LYS A 100 8.82 -7.82 -5.54
C LYS A 100 7.87 -8.41 -6.57
N LEU A 101 6.64 -7.94 -6.56
CA LEU A 101 5.63 -8.45 -7.46
C LEU A 101 5.91 -8.07 -8.91
N LEU A 102 6.46 -6.88 -9.14
CA LEU A 102 6.77 -6.45 -10.50
C LEU A 102 8.16 -6.92 -10.93
N GLU A 103 9.01 -7.22 -9.96
CA GLU A 103 10.34 -7.77 -10.24
C GLU A 103 10.24 -9.27 -10.51
N ASP A 104 9.54 -9.97 -9.62
CA ASP A 104 9.36 -11.42 -9.74
C ASP A 104 8.27 -11.73 -10.76
N LYS A 105 7.42 -10.72 -11.00
CA LYS A 105 6.28 -10.83 -11.91
C LYS A 105 5.19 -11.70 -11.30
N SER A 106 4.99 -11.54 -10.00
CA SER A 106 3.94 -12.21 -9.28
C SER A 106 2.58 -11.61 -9.67
N ASN A 107 1.64 -12.46 -10.07
CA ASN A 107 0.34 -12.01 -10.58
C ASN A 107 -0.51 -11.36 -9.49
N LEU A 108 0.01 -11.25 -8.28
CA LEU A 108 -0.73 -10.66 -7.18
C LEU A 108 -0.97 -9.17 -7.41
N LEU A 109 0.03 -8.48 -7.95
CA LEU A 109 -0.15 -7.08 -8.31
C LEU A 109 -0.52 -6.95 -9.78
N LEU A 110 -0.25 -7.97 -10.55
CA LEU A 110 -0.29 -7.88 -12.00
C LEU A 110 -1.43 -8.70 -12.64
N TYR A 111 -2.43 -9.08 -11.85
CA TYR A 111 -3.53 -9.89 -12.39
C TYR A 111 -4.36 -9.11 -13.41
N SER A 112 -5.11 -9.84 -14.21
CA SER A 112 -5.95 -9.25 -15.24
C SER A 112 -7.32 -8.86 -14.69
N CYS A 113 -7.86 -7.78 -15.21
CA CYS A 113 -9.17 -7.27 -14.82
C CYS A 113 -9.79 -6.53 -16.00
N ASN A 114 -11.10 -6.33 -15.96
CA ASN A 114 -11.78 -5.58 -17.02
C ASN A 114 -12.15 -4.17 -16.55
N CYS A 115 -11.16 -3.29 -16.42
CA CYS A 115 -11.46 -1.88 -16.18
C CYS A 115 -11.81 -1.19 -17.49
N LYS A 116 -11.02 -1.45 -18.51
CA LYS A 116 -11.30 -0.94 -19.85
C LYS A 116 -11.62 -2.10 -20.79
N PHE A 117 -10.91 -3.20 -20.60
CA PHE A 117 -11.14 -4.43 -21.35
C PHE A 117 -10.34 -5.55 -20.70
N SER A 118 -10.37 -6.73 -21.30
CA SER A 118 -9.51 -7.83 -20.91
C SER A 118 -9.29 -8.78 -22.07
N LYS A 119 -8.42 -9.74 -21.85
CA LYS A 119 -8.11 -10.75 -22.84
C LYS A 119 -8.79 -12.06 -22.45
N LYS A 120 -9.57 -12.60 -23.35
CA LYS A 120 -10.32 -13.81 -23.05
C LYS A 120 -9.46 -15.04 -23.27
N LYS A 121 -9.06 -15.63 -22.16
CA LYS A 121 -8.21 -16.81 -22.15
C LYS A 121 -6.86 -16.55 -22.83
ZN ZN B . -8.75 -2.90 -12.82
N MET A 21 16.30 8.65 -0.59
CA MET A 21 15.62 7.34 -0.73
C MET A 21 15.10 7.16 -2.15
N LYS A 22 15.77 6.34 -2.93
CA LYS A 22 15.30 6.02 -4.27
C LYS A 22 14.38 4.82 -4.20
N GLY A 23 13.49 4.71 -5.17
CA GLY A 23 12.55 3.61 -5.17
C GLY A 23 11.14 4.09 -5.35
N ASP A 24 10.89 4.80 -6.44
CA ASP A 24 9.56 5.27 -6.78
C ASP A 24 8.72 4.11 -7.30
N ILE A 25 8.33 3.26 -6.37
CA ILE A 25 7.54 2.08 -6.65
C ILE A 25 6.19 2.47 -7.26
N GLU A 26 5.75 3.66 -6.92
CA GLU A 26 4.45 4.16 -7.36
C GLU A 26 4.45 4.33 -8.87
N HIS A 27 5.58 4.76 -9.41
CA HIS A 27 5.71 4.87 -10.86
C HIS A 27 5.70 3.50 -11.48
N LYS A 28 6.42 2.56 -10.87
CA LYS A 28 6.54 1.21 -11.41
C LYS A 28 5.17 0.55 -11.52
N VAL A 29 4.40 0.63 -10.46
CA VAL A 29 3.08 0.02 -10.43
C VAL A 29 2.14 0.68 -11.43
N TYR A 30 2.27 1.99 -11.61
CA TYR A 30 1.45 2.69 -12.60
C TYR A 30 1.88 2.28 -14.01
N GLN A 31 3.18 2.01 -14.17
CA GLN A 31 3.75 1.71 -15.48
C GLN A 31 3.06 0.53 -16.15
N LEU A 32 3.11 -0.60 -15.49
CA LEU A 32 2.63 -1.85 -16.07
C LEU A 32 1.12 -2.01 -15.93
N LEU A 33 0.57 -1.55 -14.83
CA LEU A 33 -0.87 -1.67 -14.61
C LEU A 33 -1.67 -0.91 -15.65
N LYS A 34 -1.28 0.34 -15.90
CA LYS A 34 -1.96 1.14 -16.91
C LYS A 34 -1.75 0.54 -18.29
N ASP A 35 -0.66 -0.22 -18.43
CA ASP A 35 -0.32 -0.90 -19.67
C ASP A 35 -1.25 -2.09 -19.90
N GLN A 36 -1.44 -2.88 -18.85
CA GLN A 36 -2.33 -4.03 -18.92
C GLN A 36 -3.75 -3.58 -19.12
N GLY A 37 -4.07 -2.43 -18.55
CA GLY A 37 -5.41 -1.89 -18.66
C GLY A 37 -6.04 -1.70 -17.31
N CYS A 38 -5.24 -1.29 -16.34
CA CYS A 38 -5.79 -0.96 -15.03
C CYS A 38 -5.70 0.54 -14.78
N GLU A 39 -6.69 1.08 -14.08
CA GLU A 39 -6.71 2.48 -13.71
C GLU A 39 -7.09 2.62 -12.22
N ASP A 40 -7.44 1.50 -11.61
CA ASP A 40 -7.96 1.50 -10.25
C ASP A 40 -6.91 0.98 -9.27
N PHE A 41 -6.10 1.91 -8.79
CA PHE A 41 -5.05 1.60 -7.82
C PHE A 41 -4.49 2.88 -7.23
N GLY A 42 -4.08 2.82 -5.97
CA GLY A 42 -3.55 3.98 -5.29
C GLY A 42 -2.89 3.61 -3.98
N THR A 43 -2.53 4.61 -3.19
CA THR A 43 -1.87 4.37 -1.92
C THR A 43 -2.59 5.09 -0.79
N LYS A 44 -2.59 4.49 0.41
CA LYS A 44 -3.13 5.16 1.58
C LYS A 44 -2.01 5.47 2.56
N CYS A 45 -2.05 6.66 3.13
CA CYS A 45 -1.10 7.06 4.16
C CYS A 45 -1.87 7.44 5.43
N VAL A 46 -2.34 6.42 6.12
CA VAL A 46 -3.23 6.62 7.26
C VAL A 46 -2.50 6.39 8.57
N ILE A 47 -2.43 7.39 9.41
CA ILE A 47 -1.90 7.18 10.74
C ILE A 47 -2.90 6.44 11.60
N GLU A 48 -2.45 5.37 12.21
CA GLU A 48 -3.29 4.52 13.03
C GLU A 48 -2.60 4.27 14.36
N GLU A 49 -3.13 4.88 15.41
CA GLU A 49 -2.46 4.86 16.71
C GLU A 49 -2.70 3.53 17.42
N VAL A 50 -1.84 3.23 18.39
CA VAL A 50 -1.96 2.02 19.20
C VAL A 50 -1.80 2.39 20.66
N LYS A 51 -2.80 2.08 21.47
CA LYS A 51 -2.77 2.41 22.89
C LYS A 51 -1.77 1.52 23.64
N SER A 52 -0.49 1.88 23.51
CA SER A 52 0.58 1.13 24.17
C SER A 52 0.82 1.70 25.57
N SER A 53 0.67 3.00 25.71
CA SER A 53 0.86 3.65 27.00
C SER A 53 -0.48 3.84 27.68
N HIS A 54 -0.51 3.65 28.98
CA HIS A 54 -1.74 3.78 29.76
C HIS A 54 -1.73 5.04 30.60
N LYS A 55 -0.77 5.92 30.34
CA LYS A 55 -0.66 7.17 31.06
C LYS A 55 -0.55 8.35 30.11
N THR A 56 -1.67 8.76 29.54
CA THR A 56 -1.69 9.94 28.70
C THR A 56 -2.45 11.07 29.36
N LEU A 57 -1.75 11.78 30.23
CA LEU A 57 -2.34 12.87 31.00
C LEU A 57 -2.03 14.21 30.38
N LEU A 58 -1.31 14.19 29.26
CA LEU A 58 -0.97 15.43 28.57
C LEU A 58 -2.19 15.97 27.85
N ASN A 59 -2.47 17.26 28.06
CA ASN A 59 -3.53 17.99 27.36
C ASN A 59 -4.73 17.10 27.01
N THR A 60 -4.70 16.55 25.79
CA THR A 60 -5.70 15.57 25.38
C THR A 60 -5.06 14.47 24.55
N GLU A 61 -4.33 13.59 25.23
CA GLU A 61 -3.71 12.41 24.63
C GLU A 61 -2.88 12.76 23.38
N LEU A 62 -2.27 13.95 23.40
CA LEU A 62 -1.51 14.42 22.25
C LEU A 62 -0.34 13.51 21.89
N HIS A 63 0.33 12.98 22.90
CA HIS A 63 1.45 12.07 22.68
C HIS A 63 1.05 10.65 23.02
N LEU A 64 0.57 9.93 22.02
CA LEU A 64 0.20 8.55 22.16
C LEU A 64 0.91 7.75 21.06
N THR A 65 1.27 6.52 21.37
CA THR A 65 1.97 5.67 20.41
C THR A 65 1.17 5.52 19.12
N LYS A 66 1.64 6.17 18.08
CA LYS A 66 0.95 6.13 16.81
C LYS A 66 1.84 5.53 15.73
N TYR A 67 1.23 4.90 14.75
CA TYR A 67 1.96 4.30 13.65
C TYR A 67 1.39 4.78 12.33
N TYR A 68 2.22 4.84 11.32
CA TYR A 68 1.76 5.14 9.99
C TYR A 68 1.35 3.85 9.29
N GLY A 69 0.08 3.76 8.94
CA GLY A 69 -0.41 2.57 8.26
C GLY A 69 -0.38 2.75 6.76
N PHE A 70 0.79 2.51 6.17
CA PHE A 70 0.94 2.60 4.73
C PHE A 70 0.38 1.36 4.06
N SER A 71 -0.30 1.55 2.95
CA SER A 71 -0.86 0.42 2.22
C SER A 71 -1.19 0.82 0.79
N PHE A 72 -0.94 -0.09 -0.15
CA PHE A 72 -1.26 0.14 -1.54
C PHE A 72 -2.58 -0.55 -1.87
N PHE A 73 -3.51 0.24 -2.39
CA PHE A 73 -4.84 -0.24 -2.72
C PHE A 73 -4.95 -0.63 -4.19
N ARG A 74 -5.62 -1.74 -4.43
CA ARG A 74 -5.81 -2.27 -5.77
C ARG A 74 -7.21 -2.85 -5.89
N HIS A 75 -8.10 -2.13 -6.58
CA HIS A 75 -9.50 -2.59 -6.73
C HIS A 75 -10.18 -2.75 -5.38
N GLY A 76 -9.74 -1.95 -4.41
CA GLY A 76 -10.30 -2.06 -3.07
C GLY A 76 -9.62 -3.14 -2.25
N ASN A 77 -8.71 -3.87 -2.87
CA ASN A 77 -7.95 -4.88 -2.16
C ASN A 77 -6.61 -4.31 -1.74
N ILE A 78 -5.85 -5.10 -1.01
CA ILE A 78 -4.55 -4.66 -0.53
C ILE A 78 -3.44 -5.49 -1.13
N VAL A 79 -2.54 -4.83 -1.81
CA VAL A 79 -1.38 -5.46 -2.40
C VAL A 79 -0.15 -5.20 -1.53
N ALA A 80 -0.05 -3.98 -1.02
CA ALA A 80 1.06 -3.61 -0.18
C ALA A 80 0.56 -3.09 1.15
N TYR A 81 1.24 -3.45 2.23
CA TYR A 81 0.91 -2.93 3.54
C TYR A 81 2.17 -2.83 4.39
N GLY A 82 2.31 -1.72 5.09
CA GLY A 82 3.45 -1.54 5.96
C GLY A 82 3.12 -0.62 7.12
N LYS A 83 2.97 -1.22 8.29
CA LYS A 83 2.72 -0.45 9.51
C LYS A 83 4.02 -0.15 10.22
N SER A 84 4.33 1.12 10.40
CA SER A 84 5.57 1.51 11.08
C SER A 84 5.43 2.83 11.81
N ARG A 85 6.26 3.01 12.83
CA ARG A 85 6.33 4.26 13.57
C ARG A 85 6.89 5.38 12.70
N LYS A 86 7.65 4.99 11.69
CA LYS A 86 8.23 5.93 10.75
C LYS A 86 7.49 5.91 9.42
N VAL A 87 7.06 7.09 8.97
CA VAL A 87 6.34 7.24 7.71
C VAL A 87 7.17 6.69 6.54
N ALA A 88 8.48 6.92 6.58
CA ALA A 88 9.38 6.42 5.56
C ALA A 88 9.53 4.91 5.61
N ASN A 89 9.66 4.36 6.83
CA ASN A 89 9.85 2.92 7.01
C ASN A 89 8.61 2.17 6.54
N ALA A 90 7.45 2.66 6.94
CA ALA A 90 6.17 2.09 6.54
C ALA A 90 6.05 2.11 5.01
N LYS A 91 6.44 3.25 4.46
CA LYS A 91 6.42 3.48 3.03
C LYS A 91 7.37 2.51 2.33
N TYR A 92 8.52 2.28 2.95
CA TYR A 92 9.53 1.36 2.45
C TYR A 92 8.96 -0.04 2.32
N ILE A 93 8.31 -0.51 3.37
CA ILE A 93 7.70 -1.83 3.40
C ILE A 93 6.64 -1.96 2.30
N MET A 94 5.75 -0.98 2.23
CA MET A 94 4.74 -0.91 1.17
C MET A 94 5.39 -1.05 -0.21
N LYS A 95 6.42 -0.24 -0.44
CA LYS A 95 7.13 -0.24 -1.70
C LYS A 95 7.72 -1.61 -2.02
N GLN A 96 8.43 -2.18 -1.04
CA GLN A 96 9.07 -3.49 -1.20
C GLN A 96 8.05 -4.58 -1.54
N ARG A 97 6.80 -4.39 -1.11
CA ARG A 97 5.72 -5.32 -1.42
C ARG A 97 5.53 -5.45 -2.92
N LEU A 98 5.09 -4.37 -3.57
CA LEU A 98 4.87 -4.41 -5.02
C LEU A 98 6.18 -4.59 -5.76
N LEU A 99 7.25 -4.03 -5.18
CA LEU A 99 8.59 -4.09 -5.76
C LEU A 99 8.95 -5.54 -6.12
N LYS A 100 8.73 -6.46 -5.18
CA LYS A 100 9.02 -7.86 -5.43
C LYS A 100 8.04 -8.45 -6.42
N LEU A 101 6.81 -7.96 -6.41
CA LEU A 101 5.77 -8.47 -7.28
C LEU A 101 6.10 -8.19 -8.74
N LEU A 102 6.56 -6.98 -9.04
CA LEU A 102 6.88 -6.61 -10.41
C LEU A 102 8.24 -7.18 -10.84
N GLU A 103 9.06 -7.54 -9.88
CA GLU A 103 10.35 -8.17 -10.16
C GLU A 103 10.19 -9.67 -10.37
N ASP A 104 9.37 -10.28 -9.52
CA ASP A 104 9.18 -11.73 -9.55
C ASP A 104 8.08 -12.09 -10.54
N LYS A 105 7.36 -11.06 -10.99
CA LYS A 105 6.28 -11.22 -11.97
C LYS A 105 5.14 -12.06 -11.42
N SER A 106 4.84 -11.86 -10.15
CA SER A 106 3.73 -12.53 -9.51
C SER A 106 2.42 -11.84 -9.87
N ASN A 107 1.41 -12.62 -10.23
CA ASN A 107 0.16 -12.07 -10.75
C ASN A 107 -0.68 -11.42 -9.66
N LEU A 108 -0.15 -11.34 -8.46
CA LEU A 108 -0.87 -10.73 -7.35
C LEU A 108 -1.09 -9.25 -7.58
N LEU A 109 -0.06 -8.55 -8.05
CA LEU A 109 -0.23 -7.14 -8.41
C LEU A 109 -0.37 -6.99 -9.93
N LEU A 110 -0.01 -8.03 -10.65
CA LEU A 110 0.09 -7.94 -12.10
C LEU A 110 -1.00 -8.73 -12.83
N TYR A 111 -2.13 -8.94 -12.19
CA TYR A 111 -3.23 -9.68 -12.81
C TYR A 111 -4.01 -8.79 -13.79
N SER A 112 -4.73 -9.43 -14.70
CA SER A 112 -5.59 -8.71 -15.64
C SER A 112 -6.99 -8.53 -15.04
N CYS A 113 -7.62 -7.43 -15.38
CA CYS A 113 -8.91 -7.06 -14.81
C CYS A 113 -9.80 -6.44 -15.88
N ASN A 114 -10.95 -5.93 -15.48
CA ASN A 114 -11.88 -5.29 -16.41
C ASN A 114 -12.00 -3.78 -16.13
N CYS A 115 -10.91 -3.04 -16.34
CA CYS A 115 -10.99 -1.58 -16.26
C CYS A 115 -11.26 -0.97 -17.63
N LYS A 116 -11.25 -1.82 -18.67
CA LYS A 116 -11.47 -1.36 -20.04
C LYS A 116 -11.92 -2.52 -20.92
N PHE A 117 -11.29 -3.67 -20.74
CA PHE A 117 -11.69 -4.89 -21.44
C PHE A 117 -11.50 -6.06 -20.49
N SER A 118 -11.77 -7.27 -20.97
CA SER A 118 -11.47 -8.48 -20.21
C SER A 118 -11.75 -9.72 -21.04
N LYS A 119 -10.95 -10.75 -20.80
CA LYS A 119 -11.11 -12.04 -21.46
C LYS A 119 -10.96 -11.93 -22.97
N LYS A 120 -9.71 -11.84 -23.41
CA LYS A 120 -9.39 -11.92 -24.83
C LYS A 120 -8.90 -13.33 -25.11
N LYS A 121 -7.96 -13.76 -24.29
CA LYS A 121 -7.46 -15.12 -24.32
C LYS A 121 -7.24 -15.59 -22.90
ZN ZN B . -8.28 -2.66 -12.91
N MET A 21 17.51 9.45 0.30
CA MET A 21 16.88 8.11 0.18
C MET A 21 15.38 8.23 -0.03
N LYS A 22 14.97 8.09 -1.28
CA LYS A 22 13.55 8.11 -1.64
C LYS A 22 13.26 7.00 -2.65
N GLY A 23 12.45 6.04 -2.24
CA GLY A 23 12.10 4.93 -3.13
C GLY A 23 10.90 5.26 -4.00
N ASP A 24 11.07 5.09 -5.30
CA ASP A 24 10.02 5.44 -6.27
C ASP A 24 9.17 4.25 -6.64
N ILE A 25 8.79 3.45 -5.66
CA ILE A 25 8.01 2.26 -5.91
C ILE A 25 6.65 2.62 -6.53
N GLU A 26 6.11 3.79 -6.15
CA GLU A 26 4.82 4.23 -6.65
C GLU A 26 4.90 4.48 -8.15
N HIS A 27 6.07 4.95 -8.59
CA HIS A 27 6.30 5.17 -10.00
C HIS A 27 6.22 3.83 -10.73
N LYS A 28 6.89 2.82 -10.16
CA LYS A 28 6.99 1.51 -10.79
C LYS A 28 5.61 0.86 -10.96
N VAL A 29 4.85 0.81 -9.88
CA VAL A 29 3.56 0.14 -9.89
C VAL A 29 2.59 0.78 -10.87
N TYR A 30 2.57 2.11 -10.93
CA TYR A 30 1.68 2.79 -11.86
C TYR A 30 2.17 2.61 -13.29
N GLN A 31 3.49 2.42 -13.43
CA GLN A 31 4.11 2.27 -14.75
C GLN A 31 3.50 1.13 -15.53
N LEU A 32 3.50 -0.04 -14.92
CA LEU A 32 3.04 -1.25 -15.58
C LEU A 32 1.53 -1.40 -15.45
N LEU A 33 0.99 -1.11 -14.27
CA LEU A 33 -0.43 -1.21 -14.04
C LEU A 33 -1.26 -0.48 -15.07
N LYS A 34 -0.88 0.74 -15.38
CA LYS A 34 -1.61 1.52 -16.37
C LYS A 34 -1.49 0.86 -17.75
N ASP A 35 -0.36 0.18 -17.97
CA ASP A 35 -0.10 -0.52 -19.24
C ASP A 35 -0.95 -1.76 -19.35
N GLN A 36 -1.06 -2.48 -18.23
CA GLN A 36 -1.88 -3.69 -18.14
C GLN A 36 -3.35 -3.37 -18.34
N GLY A 37 -3.65 -2.08 -18.37
CA GLY A 37 -5.01 -1.65 -18.54
C GLY A 37 -5.70 -1.45 -17.22
N CYS A 38 -4.95 -1.01 -16.22
CA CYS A 38 -5.56 -0.66 -14.96
C CYS A 38 -5.40 0.82 -14.67
N GLU A 39 -6.44 1.43 -14.13
CA GLU A 39 -6.32 2.78 -13.57
C GLU A 39 -6.71 2.78 -12.10
N ASP A 40 -7.23 1.65 -11.65
CA ASP A 40 -7.78 1.51 -10.30
C ASP A 40 -6.72 1.00 -9.33
N PHE A 41 -6.00 1.93 -8.75
CA PHE A 41 -4.97 1.63 -7.75
C PHE A 41 -4.50 2.91 -7.06
N GLY A 42 -3.81 2.74 -5.93
CA GLY A 42 -3.28 3.89 -5.21
C GLY A 42 -2.75 3.48 -3.84
N THR A 43 -2.24 4.46 -3.09
CA THR A 43 -1.71 4.18 -1.77
C THR A 43 -2.56 4.83 -0.69
N LYS A 44 -2.85 4.07 0.36
CA LYS A 44 -3.63 4.60 1.47
C LYS A 44 -2.71 4.93 2.64
N CYS A 45 -3.09 5.94 3.41
CA CYS A 45 -2.31 6.36 4.55
C CYS A 45 -3.22 6.82 5.68
N VAL A 46 -3.49 5.92 6.61
CA VAL A 46 -4.33 6.24 7.75
C VAL A 46 -3.72 5.64 9.00
N ILE A 47 -3.83 6.35 10.12
CA ILE A 47 -3.29 5.86 11.37
C ILE A 47 -4.16 4.75 11.93
N GLU A 48 -3.52 3.64 12.24
CA GLU A 48 -4.18 2.50 12.84
C GLU A 48 -3.55 2.25 14.20
N GLU A 49 -4.17 2.85 15.21
CA GLU A 49 -3.59 2.90 16.54
C GLU A 49 -3.86 1.61 17.30
N VAL A 50 -2.87 1.19 18.07
CA VAL A 50 -2.98 0.00 18.88
C VAL A 50 -3.39 0.39 20.29
N LYS A 51 -4.51 -0.15 20.76
CA LYS A 51 -5.09 0.28 22.03
C LYS A 51 -4.35 -0.31 23.22
N SER A 52 -3.07 0.05 23.33
CA SER A 52 -2.26 -0.33 24.46
C SER A 52 -2.54 0.63 25.62
N SER A 53 -2.60 1.91 25.29
CA SER A 53 -2.94 2.94 26.26
C SER A 53 -4.38 3.41 26.03
N HIS A 54 -5.33 2.70 26.63
CA HIS A 54 -6.74 3.04 26.48
C HIS A 54 -7.18 3.90 27.67
N LYS A 55 -6.71 3.54 28.85
CA LYS A 55 -6.97 4.33 30.03
C LYS A 55 -5.88 5.37 30.20
N THR A 56 -6.27 6.63 30.14
CA THR A 56 -5.32 7.72 30.15
C THR A 56 -5.77 8.79 31.13
N LEU A 57 -4.93 9.79 31.35
CA LEU A 57 -5.20 10.79 32.38
C LEU A 57 -5.85 12.04 31.82
N LEU A 58 -6.47 11.94 30.65
CA LEU A 58 -7.22 13.05 30.10
C LEU A 58 -8.48 12.54 29.39
N ASN A 59 -9.25 13.47 28.84
CA ASN A 59 -10.53 13.17 28.20
C ASN A 59 -10.40 12.06 27.16
N THR A 60 -9.81 12.41 26.03
CA THR A 60 -9.65 11.48 24.94
C THR A 60 -8.18 11.16 24.78
N GLU A 61 -7.87 10.13 24.00
CA GLU A 61 -6.49 9.74 23.75
C GLU A 61 -5.70 10.90 23.14
N LEU A 62 -4.99 11.62 23.99
CA LEU A 62 -4.05 12.65 23.53
C LEU A 62 -3.19 12.08 22.40
N HIS A 63 -2.48 11.01 22.73
CA HIS A 63 -1.78 10.20 21.75
C HIS A 63 -1.42 8.88 22.42
N LEU A 64 -1.11 7.87 21.62
CA LEU A 64 -0.77 6.56 22.15
C LEU A 64 0.09 5.82 21.15
N THR A 65 0.34 4.54 21.42
CA THR A 65 1.09 3.72 20.50
C THR A 65 0.32 3.52 19.20
N LYS A 66 0.62 4.36 18.24
CA LYS A 66 -0.10 4.35 16.98
C LYS A 66 0.81 3.93 15.85
N TYR A 67 0.22 3.37 14.80
CA TYR A 67 1.00 2.93 13.67
C TYR A 67 0.39 3.45 12.38
N TYR A 68 1.23 4.00 11.53
CA TYR A 68 0.81 4.48 10.23
C TYR A 68 0.48 3.31 9.33
N GLY A 69 -0.79 3.12 9.06
CA GLY A 69 -1.22 2.04 8.21
C GLY A 69 -1.01 2.37 6.75
N PHE A 70 0.20 2.15 6.27
CA PHE A 70 0.50 2.33 4.86
C PHE A 70 0.17 1.06 4.10
N SER A 71 -0.55 1.21 3.01
CA SER A 71 -0.95 0.08 2.20
C SER A 71 -1.16 0.50 0.76
N PHE A 72 -0.97 -0.43 -0.16
CA PHE A 72 -1.24 -0.16 -1.56
C PHE A 72 -2.49 -0.89 -1.99
N PHE A 73 -3.42 -0.15 -2.57
CA PHE A 73 -4.69 -0.69 -3.01
C PHE A 73 -4.69 -0.98 -4.50
N ARG A 74 -5.22 -2.14 -4.85
CA ARG A 74 -5.38 -2.54 -6.23
C ARG A 74 -6.72 -3.25 -6.38
N HIS A 75 -7.71 -2.55 -6.95
CA HIS A 75 -9.09 -3.05 -7.03
C HIS A 75 -9.71 -3.21 -5.66
N GLY A 76 -9.32 -2.34 -4.73
CA GLY A 76 -9.85 -2.42 -3.39
C GLY A 76 -9.18 -3.51 -2.57
N ASN A 77 -8.31 -4.29 -3.21
CA ASN A 77 -7.54 -5.31 -2.51
C ASN A 77 -6.27 -4.71 -1.98
N ILE A 78 -5.54 -5.49 -1.21
CA ILE A 78 -4.29 -5.03 -0.66
C ILE A 78 -3.12 -5.75 -1.30
N VAL A 79 -2.29 -4.98 -1.98
CA VAL A 79 -1.09 -5.53 -2.59
C VAL A 79 0.10 -5.32 -1.67
N ALA A 80 0.13 -4.18 -1.01
CA ALA A 80 1.20 -3.87 -0.08
C ALA A 80 0.63 -3.43 1.25
N TYR A 81 1.28 -3.83 2.33
CA TYR A 81 0.89 -3.40 3.66
C TYR A 81 2.13 -3.24 4.53
N GLY A 82 2.14 -2.19 5.32
CA GLY A 82 3.21 -1.99 6.26
C GLY A 82 2.89 -0.89 7.24
N LYS A 83 2.61 -1.25 8.48
CA LYS A 83 2.33 -0.26 9.49
C LYS A 83 3.56 -0.07 10.38
N SER A 84 3.77 1.16 10.80
CA SER A 84 4.91 1.49 11.62
C SER A 84 4.66 2.80 12.35
N ARG A 85 5.42 3.06 13.41
CA ARG A 85 5.23 4.27 14.21
C ARG A 85 5.68 5.50 13.41
N LYS A 86 6.50 5.28 12.39
CA LYS A 86 7.00 6.37 11.57
C LYS A 86 6.54 6.20 10.12
N VAL A 87 6.27 7.33 9.48
CA VAL A 87 5.79 7.34 8.09
C VAL A 87 6.80 6.70 7.13
N ALA A 88 8.08 7.05 7.29
CA ALA A 88 9.12 6.54 6.40
C ALA A 88 9.28 5.03 6.52
N ASN A 89 9.23 4.54 7.74
CA ASN A 89 9.38 3.11 8.00
C ASN A 89 8.21 2.34 7.41
N ALA A 90 7.01 2.85 7.68
CA ALA A 90 5.78 2.26 7.15
C ALA A 90 5.79 2.22 5.62
N LYS A 91 6.11 3.34 5.00
CA LYS A 91 6.21 3.43 3.55
C LYS A 91 7.21 2.41 3.03
N TYR A 92 8.33 2.32 3.71
CA TYR A 92 9.41 1.44 3.30
C TYR A 92 8.92 -0.01 3.16
N ILE A 93 8.17 -0.45 4.15
CA ILE A 93 7.65 -1.81 4.18
C ILE A 93 6.74 -2.10 2.99
N MET A 94 5.73 -1.25 2.80
CA MET A 94 4.77 -1.45 1.72
C MET A 94 5.48 -1.37 0.36
N LYS A 95 6.45 -0.47 0.25
CA LYS A 95 7.20 -0.33 -1.00
C LYS A 95 7.87 -1.63 -1.37
N GLN A 96 8.58 -2.24 -0.41
CA GLN A 96 9.29 -3.50 -0.65
C GLN A 96 8.33 -4.61 -1.06
N ARG A 97 7.06 -4.47 -0.68
CA ARG A 97 6.04 -5.44 -1.04
C ARG A 97 5.87 -5.51 -2.57
N LEU A 98 5.39 -4.42 -3.17
CA LEU A 98 5.19 -4.40 -4.62
C LEU A 98 6.52 -4.45 -5.34
N LEU A 99 7.54 -3.86 -4.71
CA LEU A 99 8.89 -3.81 -5.28
C LEU A 99 9.35 -5.19 -5.70
N LYS A 100 9.13 -6.18 -4.85
CA LYS A 100 9.50 -7.55 -5.17
C LYS A 100 8.52 -8.15 -6.16
N LEU A 101 7.27 -7.73 -6.12
CA LEU A 101 6.25 -8.27 -6.99
C LEU A 101 6.52 -7.92 -8.44
N LEU A 102 6.98 -6.70 -8.69
CA LEU A 102 7.27 -6.27 -10.06
C LEU A 102 8.63 -6.78 -10.54
N GLU A 103 9.51 -7.11 -9.60
CA GLU A 103 10.82 -7.69 -9.94
C GLU A 103 10.69 -9.18 -10.19
N ASP A 104 9.85 -9.82 -9.40
CA ASP A 104 9.62 -11.26 -9.50
C ASP A 104 8.60 -11.55 -10.57
N LYS A 105 7.83 -10.52 -10.91
CA LYS A 105 6.73 -10.64 -11.86
C LYS A 105 5.65 -11.55 -11.26
N SER A 106 5.32 -11.28 -10.00
CA SER A 106 4.30 -12.00 -9.30
C SER A 106 2.93 -11.44 -9.67
N ASN A 107 1.98 -12.33 -9.94
CA ASN A 107 0.64 -11.93 -10.38
C ASN A 107 -0.12 -11.16 -9.31
N LEU A 108 0.41 -11.14 -8.09
CA LEU A 108 -0.26 -10.50 -6.97
C LEU A 108 -0.55 -9.02 -7.26
N LEU A 109 0.40 -8.35 -7.90
CA LEU A 109 0.19 -6.95 -8.26
C LEU A 109 -0.02 -6.82 -9.76
N LEU A 110 0.43 -7.81 -10.49
CA LEU A 110 0.51 -7.73 -11.94
C LEU A 110 -0.53 -8.64 -12.62
N TYR A 111 -1.61 -8.96 -11.92
CA TYR A 111 -2.65 -9.80 -12.52
C TYR A 111 -3.44 -9.03 -13.56
N SER A 112 -4.09 -9.77 -14.45
CA SER A 112 -4.89 -9.20 -15.51
C SER A 112 -6.29 -8.86 -15.00
N CYS A 113 -6.80 -7.73 -15.45
CA CYS A 113 -8.11 -7.24 -15.04
C CYS A 113 -8.79 -6.54 -16.21
N ASN A 114 -10.08 -6.34 -16.13
CA ASN A 114 -10.80 -5.68 -17.21
C ASN A 114 -11.20 -4.26 -16.83
N CYS A 115 -10.23 -3.35 -16.72
CA CYS A 115 -10.57 -1.94 -16.58
C CYS A 115 -10.79 -1.30 -17.94
N LYS A 116 -10.02 -1.77 -18.93
CA LYS A 116 -10.23 -1.36 -20.31
C LYS A 116 -10.53 -2.57 -21.17
N PHE A 117 -9.80 -3.66 -20.92
CA PHE A 117 -10.04 -4.94 -21.57
C PHE A 117 -9.23 -6.02 -20.88
N SER A 118 -9.48 -7.27 -21.24
CA SER A 118 -8.71 -8.39 -20.74
C SER A 118 -9.24 -9.70 -21.33
N LYS A 119 -9.07 -10.79 -20.62
CA LYS A 119 -9.45 -12.09 -21.11
C LYS A 119 -10.63 -12.64 -20.32
N LYS A 120 -11.38 -13.53 -20.95
CA LYS A 120 -12.56 -14.10 -20.32
C LYS A 120 -12.17 -15.24 -19.38
N LYS A 121 -11.79 -16.37 -19.95
CA LYS A 121 -11.41 -17.53 -19.18
C LYS A 121 -9.97 -17.91 -19.47
ZN ZN B . -8.01 -2.88 -13.06
N MET A 21 19.84 1.38 -7.22
CA MET A 21 19.54 0.81 -5.88
C MET A 21 18.09 0.34 -5.84
N LYS A 22 17.17 1.31 -5.79
CA LYS A 22 15.74 1.04 -5.88
C LYS A 22 14.99 2.36 -5.98
N GLY A 23 13.97 2.41 -6.82
CA GLY A 23 13.22 3.63 -7.02
C GLY A 23 11.95 3.69 -6.21
N ASP A 24 10.99 4.46 -6.68
CA ASP A 24 9.71 4.59 -6.00
C ASP A 24 8.70 3.61 -6.58
N ILE A 25 7.97 2.92 -5.70
CA ILE A 25 7.10 1.84 -6.13
C ILE A 25 5.86 2.35 -6.85
N GLU A 26 5.43 3.56 -6.52
CA GLU A 26 4.22 4.10 -7.12
C GLU A 26 4.44 4.31 -8.60
N HIS A 27 5.61 4.83 -8.93
CA HIS A 27 6.01 4.99 -10.32
C HIS A 27 5.98 3.65 -11.03
N LYS A 28 6.50 2.62 -10.36
CA LYS A 28 6.55 1.27 -10.93
C LYS A 28 5.14 0.76 -11.18
N VAL A 29 4.30 0.85 -10.15
CA VAL A 29 2.91 0.42 -10.24
C VAL A 29 2.23 1.01 -11.48
N TYR A 30 2.33 2.32 -11.64
CA TYR A 30 1.71 2.98 -12.77
C TYR A 30 2.35 2.51 -14.07
N GLN A 31 3.68 2.45 -14.09
CA GLN A 31 4.43 2.14 -15.30
C GLN A 31 3.94 0.87 -16.00
N LEU A 32 3.59 -0.14 -15.23
CA LEU A 32 3.12 -1.38 -15.81
C LEU A 32 1.60 -1.50 -15.78
N LEU A 33 0.99 -1.24 -14.64
CA LEU A 33 -0.45 -1.46 -14.49
C LEU A 33 -1.27 -0.66 -15.48
N LYS A 34 -0.91 0.61 -15.66
CA LYS A 34 -1.62 1.47 -16.60
C LYS A 34 -1.44 0.97 -18.02
N ASP A 35 -0.30 0.31 -18.25
CA ASP A 35 0.05 -0.22 -19.56
C ASP A 35 -0.53 -1.62 -19.76
N GLN A 36 -0.98 -2.23 -18.68
CA GLN A 36 -1.69 -3.50 -18.75
C GLN A 36 -3.13 -3.26 -19.11
N GLY A 37 -3.62 -2.10 -18.72
CA GLY A 37 -5.01 -1.79 -18.89
C GLY A 37 -5.70 -1.60 -17.56
N CYS A 38 -4.96 -1.14 -16.58
CA CYS A 38 -5.55 -0.78 -15.30
C CYS A 38 -5.28 0.68 -14.98
N GLU A 39 -6.29 1.41 -14.55
CA GLU A 39 -6.08 2.76 -14.04
C GLU A 39 -6.59 2.87 -12.61
N ASP A 40 -7.15 1.77 -12.13
CA ASP A 40 -7.82 1.74 -10.85
C ASP A 40 -6.88 1.25 -9.76
N PHE A 41 -6.09 2.18 -9.23
CA PHE A 41 -5.18 1.90 -8.12
C PHE A 41 -4.67 3.19 -7.48
N GLY A 42 -4.15 3.07 -6.26
CA GLY A 42 -3.64 4.22 -5.55
C GLY A 42 -3.04 3.83 -4.20
N THR A 43 -2.59 4.80 -3.44
CA THR A 43 -1.97 4.54 -2.15
C THR A 43 -2.69 5.29 -1.03
N LYS A 44 -2.77 4.67 0.15
CA LYS A 44 -3.37 5.31 1.30
C LYS A 44 -2.40 5.29 2.48
N CYS A 45 -2.51 6.29 3.34
CA CYS A 45 -1.75 6.31 4.57
C CYS A 45 -2.68 6.57 5.76
N VAL A 46 -3.42 5.53 6.13
CA VAL A 46 -4.38 5.64 7.21
C VAL A 46 -3.70 5.32 8.53
N ILE A 47 -3.89 6.18 9.51
CA ILE A 47 -3.28 5.97 10.81
C ILE A 47 -4.03 4.94 11.62
N GLU A 48 -3.30 3.96 12.11
CA GLU A 48 -3.84 2.98 13.03
C GLU A 48 -3.11 3.11 14.35
N GLU A 49 -3.76 3.76 15.29
CA GLU A 49 -3.17 4.01 16.60
C GLU A 49 -3.28 2.76 17.47
N VAL A 50 -2.17 2.37 18.06
CA VAL A 50 -2.15 1.25 18.98
C VAL A 50 -2.33 1.78 20.39
N LYS A 51 -3.55 1.71 20.90
CA LYS A 51 -3.85 2.23 22.22
C LYS A 51 -3.31 1.27 23.27
N SER A 52 -3.10 1.77 24.46
CA SER A 52 -2.49 1.00 25.52
C SER A 52 -3.55 0.58 26.54
N SER A 53 -3.08 0.11 27.68
CA SER A 53 -3.95 -0.26 28.78
C SER A 53 -3.44 0.41 30.05
N HIS A 54 -2.69 1.49 29.85
CA HIS A 54 -2.10 2.24 30.95
C HIS A 54 -3.19 2.86 31.82
N LYS A 55 -2.85 3.14 33.07
CA LYS A 55 -3.73 3.86 33.96
C LYS A 55 -3.45 5.35 33.79
N THR A 56 -4.19 5.97 32.90
CA THR A 56 -3.95 7.34 32.53
C THR A 56 -4.48 8.30 33.60
N LEU A 57 -4.06 9.55 33.52
CA LEU A 57 -4.42 10.54 34.52
C LEU A 57 -5.50 11.49 33.99
N LEU A 58 -5.98 11.22 32.78
CA LEU A 58 -7.01 12.04 32.17
C LEU A 58 -8.02 11.16 31.44
N ASN A 59 -8.81 11.79 30.58
CA ASN A 59 -9.83 11.10 29.77
C ASN A 59 -9.30 9.80 29.18
N THR A 60 -8.35 9.92 28.28
CA THR A 60 -7.70 8.77 27.66
C THR A 60 -6.20 8.91 27.81
N GLU A 61 -5.44 8.04 27.18
CA GLU A 61 -4.02 8.29 27.06
C GLU A 61 -3.82 9.40 26.04
N LEU A 62 -3.69 10.63 26.56
CA LEU A 62 -3.48 11.84 25.75
C LEU A 62 -2.69 11.55 24.47
N HIS A 63 -1.50 11.01 24.63
CA HIS A 63 -0.69 10.62 23.49
C HIS A 63 -0.31 9.15 23.61
N LEU A 64 -0.40 8.43 22.50
CA LEU A 64 -0.03 7.03 22.48
C LEU A 64 0.77 6.72 21.23
N THR A 65 1.20 5.48 21.11
CA THR A 65 1.98 5.06 19.97
C THR A 65 1.07 4.70 18.80
N LYS A 66 1.01 5.59 17.84
CA LYS A 66 0.18 5.39 16.67
C LYS A 66 1.06 5.06 15.47
N TYR A 67 0.51 4.32 14.53
CA TYR A 67 1.31 3.84 13.41
C TYR A 67 0.70 4.23 12.08
N TYR A 68 1.57 4.45 11.12
CA TYR A 68 1.16 4.76 9.76
C TYR A 68 0.84 3.49 9.00
N GLY A 69 -0.44 3.28 8.74
CA GLY A 69 -0.85 2.15 7.94
C GLY A 69 -0.79 2.46 6.47
N PHE A 70 0.43 2.53 5.94
CA PHE A 70 0.62 2.74 4.52
C PHE A 70 0.19 1.50 3.76
N SER A 71 -0.76 1.66 2.86
CA SER A 71 -1.27 0.53 2.14
C SER A 71 -1.57 0.90 0.69
N PHE A 72 -1.30 -0.03 -0.20
CA PHE A 72 -1.59 0.18 -1.60
C PHE A 72 -2.94 -0.43 -1.96
N PHE A 73 -3.79 0.39 -2.56
CA PHE A 73 -5.11 -0.02 -2.98
C PHE A 73 -5.16 -0.28 -4.48
N ARG A 74 -5.83 -1.35 -4.85
CA ARG A 74 -6.13 -1.63 -6.24
C ARG A 74 -7.45 -2.40 -6.32
N HIS A 75 -8.38 -1.90 -7.13
CA HIS A 75 -9.73 -2.48 -7.25
C HIS A 75 -10.42 -2.61 -5.89
N GLY A 76 -10.13 -1.69 -4.99
CA GLY A 76 -10.74 -1.72 -3.68
C GLY A 76 -10.15 -2.81 -2.79
N ASN A 77 -9.06 -3.43 -3.23
CA ASN A 77 -8.39 -4.44 -2.44
C ASN A 77 -7.03 -3.92 -2.01
N ILE A 78 -6.37 -4.69 -1.18
CA ILE A 78 -5.05 -4.32 -0.68
C ILE A 78 -3.98 -5.18 -1.30
N VAL A 79 -3.10 -4.55 -2.04
CA VAL A 79 -1.97 -5.25 -2.64
C VAL A 79 -0.75 -5.16 -1.73
N ALA A 80 -0.58 -4.00 -1.10
CA ALA A 80 0.56 -3.78 -0.21
C ALA A 80 0.12 -3.17 1.10
N TYR A 81 0.70 -3.61 2.20
CA TYR A 81 0.48 -2.99 3.48
C TYR A 81 1.78 -2.90 4.27
N GLY A 82 2.03 -1.74 4.86
CA GLY A 82 3.21 -1.55 5.67
C GLY A 82 2.94 -0.62 6.83
N LYS A 83 2.91 -1.16 8.04
CA LYS A 83 2.61 -0.38 9.22
C LYS A 83 3.89 -0.08 10.00
N SER A 84 4.21 1.21 10.13
CA SER A 84 5.40 1.61 10.87
C SER A 84 5.19 2.98 11.52
N ARG A 85 6.11 3.35 12.39
CA ARG A 85 6.07 4.62 13.08
C ARG A 85 6.72 5.71 12.23
N LYS A 86 7.38 5.28 11.15
CA LYS A 86 7.99 6.20 10.21
C LYS A 86 7.18 6.23 8.93
N VAL A 87 6.82 7.43 8.47
CA VAL A 87 6.11 7.58 7.21
C VAL A 87 6.87 6.90 6.07
N ALA A 88 8.18 7.10 6.04
CA ALA A 88 9.04 6.56 5.01
C ALA A 88 9.26 5.06 5.18
N ASN A 89 9.32 4.58 6.42
CA ASN A 89 9.55 3.16 6.67
C ASN A 89 8.31 2.35 6.34
N ALA A 90 7.17 2.85 6.79
CA ALA A 90 5.89 2.23 6.47
C ALA A 90 5.70 2.18 4.97
N LYS A 91 5.99 3.31 4.35
CA LYS A 91 5.94 3.46 2.90
C LYS A 91 6.91 2.48 2.25
N TYR A 92 8.08 2.34 2.84
CA TYR A 92 9.11 1.41 2.38
C TYR A 92 8.58 -0.02 2.37
N ILE A 93 7.96 -0.43 3.46
CA ILE A 93 7.43 -1.77 3.61
C ILE A 93 6.43 -2.10 2.52
N MET A 94 5.42 -1.23 2.38
CA MET A 94 4.42 -1.43 1.34
C MET A 94 5.06 -1.41 -0.04
N LYS A 95 6.07 -0.55 -0.23
CA LYS A 95 6.81 -0.50 -1.48
C LYS A 95 7.39 -1.86 -1.82
N GLN A 96 8.09 -2.46 -0.86
CA GLN A 96 8.70 -3.78 -1.05
C GLN A 96 7.68 -4.83 -1.44
N ARG A 97 6.43 -4.64 -1.01
CA ARG A 97 5.36 -5.57 -1.34
C ARG A 97 5.16 -5.65 -2.84
N LEU A 98 4.73 -4.54 -3.45
CA LEU A 98 4.52 -4.52 -4.90
C LEU A 98 5.85 -4.66 -5.64
N LEU A 99 6.91 -4.13 -5.04
CA LEU A 99 8.25 -4.18 -5.63
C LEU A 99 8.60 -5.62 -5.97
N LYS A 100 8.45 -6.52 -5.00
CA LYS A 100 8.72 -7.92 -5.23
C LYS A 100 7.75 -8.51 -6.23
N LEU A 101 6.53 -7.99 -6.25
CA LEU A 101 5.50 -8.50 -7.14
C LEU A 101 5.83 -8.21 -8.59
N LEU A 102 6.37 -7.03 -8.86
CA LEU A 102 6.74 -6.68 -10.23
C LEU A 102 8.08 -7.29 -10.61
N GLU A 103 9.01 -7.39 -9.66
CA GLU A 103 10.31 -8.02 -9.91
C GLU A 103 10.14 -9.52 -10.16
N ASP A 104 9.21 -10.12 -9.43
CA ASP A 104 8.97 -11.55 -9.50
C ASP A 104 7.94 -11.85 -10.58
N LYS A 105 7.21 -10.80 -10.98
CA LYS A 105 6.15 -10.91 -11.97
C LYS A 105 5.03 -11.80 -11.44
N SER A 106 4.61 -11.52 -10.22
CA SER A 106 3.54 -12.24 -9.58
C SER A 106 2.18 -11.63 -9.92
N ASN A 107 1.16 -12.46 -10.06
CA ASN A 107 -0.16 -12.01 -10.52
C ASN A 107 -0.95 -11.33 -9.40
N LEU A 108 -0.32 -11.10 -8.28
CA LEU A 108 -0.99 -10.46 -7.15
C LEU A 108 -1.27 -8.99 -7.43
N LEU A 109 -0.33 -8.33 -8.09
CA LEU A 109 -0.52 -6.93 -8.46
C LEU A 109 -0.72 -6.80 -9.97
N LEU A 110 -0.18 -7.77 -10.69
CA LEU A 110 -0.11 -7.68 -12.15
C LEU A 110 -1.14 -8.59 -12.83
N TYR A 111 -2.24 -8.90 -12.13
CA TYR A 111 -3.27 -9.76 -12.68
C TYR A 111 -4.10 -9.07 -13.75
N SER A 112 -4.82 -9.86 -14.53
CA SER A 112 -5.66 -9.34 -15.59
C SER A 112 -7.02 -8.93 -15.03
N CYS A 113 -7.48 -7.75 -15.42
CA CYS A 113 -8.74 -7.21 -14.92
C CYS A 113 -9.53 -6.58 -16.06
N ASN A 114 -10.69 -6.06 -15.75
CA ASN A 114 -11.49 -5.38 -16.75
C ASN A 114 -11.62 -3.89 -16.44
N CYS A 115 -10.56 -3.13 -16.70
CA CYS A 115 -10.69 -1.69 -16.76
C CYS A 115 -10.80 -1.24 -18.22
N LYS A 116 -10.73 -2.21 -19.12
CA LYS A 116 -10.89 -1.98 -20.55
C LYS A 116 -11.17 -3.30 -21.27
N PHE A 117 -10.28 -4.29 -21.11
CA PHE A 117 -10.47 -5.61 -21.70
C PHE A 117 -9.46 -6.59 -21.13
N SER A 118 -9.72 -7.88 -21.33
CA SER A 118 -8.79 -8.95 -20.93
C SER A 118 -9.44 -10.30 -21.17
N LYS A 119 -8.66 -11.35 -20.93
CA LYS A 119 -9.10 -12.71 -21.21
C LYS A 119 -9.62 -13.39 -19.95
N LYS A 120 -9.70 -12.63 -18.87
CA LYS A 120 -10.14 -13.16 -17.59
C LYS A 120 -11.64 -12.99 -17.43
N LYS A 121 -12.33 -14.10 -17.17
CA LYS A 121 -13.75 -14.05 -16.87
C LYS A 121 -13.96 -14.26 -15.37
ZN ZN B . -8.19 -2.71 -13.27
N MET A 21 14.34 -2.38 -9.28
CA MET A 21 14.78 -2.29 -7.87
C MET A 21 14.92 -0.83 -7.43
N LYS A 22 15.34 0.04 -8.34
CA LYS A 22 15.60 1.44 -7.99
C LYS A 22 14.44 2.34 -8.42
N GLY A 23 14.07 3.27 -7.55
CA GLY A 23 13.07 4.26 -7.89
C GLY A 23 11.85 4.22 -6.98
N ASP A 24 10.91 5.14 -7.22
CA ASP A 24 9.66 5.17 -6.47
C ASP A 24 8.72 4.11 -6.98
N ILE A 25 8.16 3.33 -6.07
CA ILE A 25 7.35 2.17 -6.43
C ILE A 25 6.05 2.59 -7.10
N GLU A 26 5.51 3.75 -6.71
CA GLU A 26 4.23 4.18 -7.26
C GLU A 26 4.36 4.42 -8.75
N HIS A 27 5.43 5.10 -9.13
CA HIS A 27 5.73 5.28 -10.54
C HIS A 27 5.79 3.94 -11.26
N LYS A 28 6.47 2.97 -10.65
CA LYS A 28 6.63 1.64 -11.25
C LYS A 28 5.27 0.99 -11.44
N VAL A 29 4.50 0.93 -10.36
CA VAL A 29 3.17 0.35 -10.38
C VAL A 29 2.33 0.95 -11.50
N TYR A 30 2.38 2.27 -11.62
CA TYR A 30 1.60 2.96 -12.63
C TYR A 30 2.10 2.57 -14.01
N GLN A 31 3.43 2.60 -14.18
CA GLN A 31 4.07 2.38 -15.48
C GLN A 31 3.54 1.13 -16.19
N LEU A 32 3.58 0.01 -15.50
CA LEU A 32 3.21 -1.26 -16.09
C LEU A 32 1.71 -1.51 -16.04
N LEU A 33 1.09 -1.16 -14.93
CA LEU A 33 -0.34 -1.43 -14.76
C LEU A 33 -1.17 -0.64 -15.76
N LYS A 34 -0.89 0.64 -15.91
CA LYS A 34 -1.64 1.48 -16.84
C LYS A 34 -1.34 1.06 -18.28
N ASP A 35 -0.23 0.32 -18.43
CA ASP A 35 0.16 -0.22 -19.73
C ASP A 35 -0.68 -1.46 -20.06
N GLN A 36 -0.81 -2.34 -19.09
CA GLN A 36 -1.60 -3.58 -19.26
C GLN A 36 -3.04 -3.23 -19.53
N GLY A 37 -3.47 -2.12 -18.96
CA GLY A 37 -4.84 -1.70 -19.08
C GLY A 37 -5.52 -1.61 -17.74
N CYS A 38 -4.77 -1.19 -16.73
CA CYS A 38 -5.36 -0.97 -15.43
C CYS A 38 -5.20 0.48 -15.00
N GLU A 39 -6.30 1.12 -14.61
CA GLU A 39 -6.22 2.39 -13.92
C GLU A 39 -7.21 2.39 -12.76
N ASP A 40 -6.90 1.59 -11.76
CA ASP A 40 -7.67 1.53 -10.52
C ASP A 40 -6.73 1.08 -9.41
N PHE A 41 -5.97 2.03 -8.90
CA PHE A 41 -4.98 1.76 -7.88
C PHE A 41 -4.52 3.06 -7.23
N GLY A 42 -3.92 2.95 -6.07
CA GLY A 42 -3.45 4.11 -5.35
C GLY A 42 -2.88 3.75 -4.00
N THR A 43 -2.57 4.74 -3.19
CA THR A 43 -2.00 4.50 -1.87
C THR A 43 -2.81 5.18 -0.79
N LYS A 44 -2.92 4.53 0.36
CA LYS A 44 -3.52 5.18 1.52
C LYS A 44 -2.60 5.03 2.73
N CYS A 45 -2.24 6.16 3.31
CA CYS A 45 -1.46 6.17 4.53
C CYS A 45 -2.37 6.34 5.73
N VAL A 46 -2.94 5.23 6.17
CA VAL A 46 -3.86 5.24 7.30
C VAL A 46 -3.05 5.15 8.59
N ILE A 47 -3.65 5.50 9.71
CA ILE A 47 -2.98 5.36 10.97
C ILE A 47 -3.63 4.27 11.80
N GLU A 48 -2.80 3.38 12.32
CA GLU A 48 -3.25 2.34 13.23
C GLU A 48 -2.51 2.48 14.54
N GLU A 49 -3.18 3.02 15.53
CA GLU A 49 -2.56 3.26 16.83
C GLU A 49 -2.49 1.97 17.63
N VAL A 50 -1.34 1.74 18.24
CA VAL A 50 -1.14 0.56 19.07
C VAL A 50 -1.70 0.81 20.46
N LYS A 51 -2.96 0.42 20.62
CA LYS A 51 -3.68 0.63 21.86
C LYS A 51 -2.95 -0.04 23.02
N SER A 52 -2.45 0.79 23.94
CA SER A 52 -1.69 0.30 25.08
C SER A 52 -2.64 -0.08 26.22
N SER A 53 -2.06 -0.39 27.37
CA SER A 53 -2.84 -0.71 28.56
C SER A 53 -3.75 0.45 28.93
N HIS A 54 -3.14 1.59 29.25
CA HIS A 54 -3.87 2.80 29.56
C HIS A 54 -4.46 3.39 28.28
N LYS A 55 -5.78 3.51 28.23
CA LYS A 55 -6.44 4.03 27.06
C LYS A 55 -7.24 5.28 27.40
N THR A 56 -7.17 6.28 26.53
CA THR A 56 -7.93 7.50 26.69
C THR A 56 -7.97 8.25 25.36
N LEU A 57 -9.15 8.69 24.98
CA LEU A 57 -9.31 9.42 23.72
C LEU A 57 -9.46 10.91 23.99
N LEU A 58 -8.68 11.72 23.27
CA LEU A 58 -8.75 13.16 23.40
C LEU A 58 -7.97 13.83 22.29
N ASN A 59 -7.82 15.14 22.40
CA ASN A 59 -7.09 15.98 21.45
C ASN A 59 -5.85 15.30 20.88
N THR A 60 -4.97 14.83 21.75
CA THR A 60 -3.73 14.23 21.34
C THR A 60 -3.73 12.72 21.50
N GLU A 61 -4.79 12.20 22.13
CA GLU A 61 -4.87 10.80 22.50
C GLU A 61 -3.73 10.47 23.47
N LEU A 62 -3.27 11.51 24.18
CA LEU A 62 -2.18 11.41 25.15
C LEU A 62 -0.87 11.05 24.44
N HIS A 63 -0.83 11.31 23.12
CA HIS A 63 0.28 10.91 22.28
C HIS A 63 0.45 9.39 22.34
N LEU A 64 -0.46 8.70 21.68
CA LEU A 64 -0.48 7.25 21.69
C LEU A 64 0.45 6.74 20.60
N THR A 65 1.27 5.75 20.93
CA THR A 65 2.17 5.16 19.96
C THR A 65 1.39 4.60 18.78
N LYS A 66 1.40 5.34 17.70
CA LYS A 66 0.63 4.98 16.53
C LYS A 66 1.56 4.59 15.40
N TYR A 67 1.05 3.81 14.46
CA TYR A 67 1.84 3.35 13.34
C TYR A 67 1.16 3.72 12.03
N TYR A 68 1.96 4.17 11.08
CA TYR A 68 1.47 4.49 9.75
C TYR A 68 1.21 3.21 8.98
N GLY A 69 -0.05 2.92 8.76
CA GLY A 69 -0.43 1.76 7.99
C GLY A 69 -0.40 2.08 6.50
N PHE A 70 0.81 2.22 5.97
CA PHE A 70 0.99 2.46 4.55
C PHE A 70 0.54 1.25 3.76
N SER A 71 -0.19 1.47 2.69
CA SER A 71 -0.70 0.38 1.89
C SER A 71 -1.01 0.83 0.48
N PHE A 72 -0.86 -0.09 -0.46
CA PHE A 72 -1.19 0.16 -1.83
C PHE A 72 -2.48 -0.55 -2.20
N PHE A 73 -3.46 0.24 -2.63
CA PHE A 73 -4.76 -0.29 -2.98
C PHE A 73 -4.84 -0.65 -4.46
N ARG A 74 -5.56 -1.73 -4.73
CA ARG A 74 -5.71 -2.25 -6.08
C ARG A 74 -7.08 -2.89 -6.24
N HIS A 75 -7.98 -2.19 -6.94
CA HIS A 75 -9.34 -2.67 -7.17
C HIS A 75 -10.09 -2.90 -5.86
N GLY A 76 -9.72 -2.14 -4.84
CA GLY A 76 -10.33 -2.28 -3.53
C GLY A 76 -9.62 -3.31 -2.68
N ASN A 77 -8.61 -3.96 -3.23
CA ASN A 77 -7.83 -4.93 -2.49
C ASN A 77 -6.50 -4.31 -2.06
N ILE A 78 -5.74 -5.06 -1.30
CA ILE A 78 -4.43 -4.61 -0.83
C ILE A 78 -3.32 -5.44 -1.45
N VAL A 79 -2.46 -4.76 -2.20
CA VAL A 79 -1.30 -5.42 -2.79
C VAL A 79 -0.09 -5.24 -1.88
N ALA A 80 0.02 -4.05 -1.31
CA ALA A 80 1.14 -3.75 -0.42
C ALA A 80 0.63 -3.18 0.89
N TYR A 81 1.26 -3.58 1.99
CA TYR A 81 0.96 -3.01 3.29
C TYR A 81 2.22 -2.99 4.15
N GLY A 82 2.45 -1.88 4.83
CA GLY A 82 3.57 -1.76 5.73
C GLY A 82 3.29 -0.80 6.86
N LYS A 83 2.89 -1.34 8.00
CA LYS A 83 2.59 -0.52 9.17
C LYS A 83 3.85 -0.27 9.98
N SER A 84 4.25 1.00 10.06
CA SER A 84 5.45 1.38 10.77
C SER A 84 5.31 2.76 11.39
N ARG A 85 6.04 3.00 12.48
CA ARG A 85 5.98 4.29 13.18
C ARG A 85 6.63 5.37 12.33
N LYS A 86 7.60 4.97 11.52
CA LYS A 86 8.32 5.87 10.65
C LYS A 86 7.65 5.92 9.29
N VAL A 87 7.23 7.11 8.87
CA VAL A 87 6.58 7.27 7.56
C VAL A 87 7.45 6.71 6.45
N ALA A 88 8.76 6.93 6.55
CA ALA A 88 9.71 6.44 5.56
C ALA A 88 9.84 4.92 5.59
N ASN A 89 9.76 4.34 6.79
CA ASN A 89 9.93 2.90 6.95
C ASN A 89 8.66 2.18 6.52
N ALA A 90 7.53 2.75 6.88
CA ALA A 90 6.24 2.21 6.45
C ALA A 90 6.15 2.20 4.93
N LYS A 91 6.56 3.31 4.31
CA LYS A 91 6.65 3.40 2.86
C LYS A 91 7.56 2.30 2.34
N TYR A 92 8.71 2.17 2.98
CA TYR A 92 9.73 1.25 2.53
C TYR A 92 9.19 -0.18 2.41
N ILE A 93 8.47 -0.61 3.44
CA ILE A 93 7.90 -1.95 3.49
C ILE A 93 6.94 -2.19 2.32
N MET A 94 5.94 -1.31 2.19
CA MET A 94 4.95 -1.46 1.14
C MET A 94 5.60 -1.37 -0.24
N LYS A 95 6.57 -0.47 -0.38
CA LYS A 95 7.29 -0.31 -1.63
C LYS A 95 7.91 -1.63 -2.07
N GLN A 96 8.63 -2.26 -1.15
CA GLN A 96 9.32 -3.51 -1.44
C GLN A 96 8.34 -4.64 -1.78
N ARG A 97 7.08 -4.46 -1.39
CA ARG A 97 6.05 -5.45 -1.69
C ARG A 97 5.78 -5.49 -3.19
N LEU A 98 5.25 -4.40 -3.75
CA LEU A 98 4.97 -4.36 -5.18
C LEU A 98 6.28 -4.41 -5.98
N LEU A 99 7.34 -3.87 -5.39
CA LEU A 99 8.65 -3.87 -6.02
C LEU A 99 9.05 -5.29 -6.40
N LYS A 100 8.92 -6.21 -5.45
CA LYS A 100 9.26 -7.61 -5.72
C LYS A 100 8.32 -8.20 -6.75
N LEU A 101 7.09 -7.71 -6.79
CA LEU A 101 6.10 -8.21 -7.73
C LEU A 101 6.44 -7.83 -9.16
N LEU A 102 7.00 -6.65 -9.36
CA LEU A 102 7.38 -6.23 -10.70
C LEU A 102 8.78 -6.73 -11.08
N GLU A 103 9.59 -7.03 -10.07
CA GLU A 103 10.91 -7.60 -10.31
C GLU A 103 10.81 -9.08 -10.63
N ASP A 104 9.93 -9.77 -9.91
CA ASP A 104 9.75 -11.21 -10.06
C ASP A 104 8.66 -11.50 -11.08
N LYS A 105 7.87 -10.47 -11.38
CA LYS A 105 6.75 -10.59 -12.30
C LYS A 105 5.68 -11.53 -11.74
N SER A 106 5.38 -11.35 -10.47
CA SER A 106 4.34 -12.11 -9.80
C SER A 106 2.97 -11.53 -10.12
N ASN A 107 2.02 -12.40 -10.45
CA ASN A 107 0.70 -11.96 -10.91
C ASN A 107 -0.11 -11.24 -9.83
N LEU A 108 0.43 -11.16 -8.63
CA LEU A 108 -0.30 -10.55 -7.52
C LEU A 108 -0.57 -9.07 -7.79
N LEU A 109 0.40 -8.36 -8.35
CA LEU A 109 0.18 -6.97 -8.72
C LEU A 109 -0.05 -6.85 -10.23
N LEU A 110 0.26 -7.90 -10.95
CA LEU A 110 0.29 -7.84 -12.41
C LEU A 110 -0.80 -8.71 -13.06
N TYR A 111 -1.85 -9.03 -12.31
CA TYR A 111 -2.93 -9.85 -12.86
C TYR A 111 -3.75 -9.07 -13.89
N SER A 112 -4.47 -9.80 -14.71
CA SER A 112 -5.34 -9.22 -15.72
C SER A 112 -6.71 -8.87 -15.10
N CYS A 113 -7.31 -7.80 -15.58
CA CYS A 113 -8.58 -7.29 -15.04
C CYS A 113 -9.40 -6.64 -16.12
N ASN A 114 -10.57 -6.12 -15.74
CA ASN A 114 -11.43 -5.41 -16.68
C ASN A 114 -11.44 -3.91 -16.36
N CYS A 115 -10.37 -3.21 -16.76
CA CYS A 115 -10.43 -1.74 -16.77
C CYS A 115 -10.64 -1.22 -18.19
N LYS A 116 -10.24 -2.00 -19.18
CA LYS A 116 -10.42 -1.61 -20.58
C LYS A 116 -11.13 -2.72 -21.36
N PHE A 117 -10.73 -3.95 -21.11
CA PHE A 117 -11.38 -5.11 -21.72
C PHE A 117 -11.03 -6.35 -20.90
N SER A 118 -11.52 -7.51 -21.34
CA SER A 118 -11.15 -8.77 -20.72
C SER A 118 -11.71 -9.95 -21.49
N LYS A 119 -11.26 -11.13 -21.12
CA LYS A 119 -11.64 -12.36 -21.77
C LYS A 119 -12.66 -13.11 -20.93
N LYS A 120 -13.32 -14.11 -21.51
CA LYS A 120 -14.28 -14.90 -20.76
C LYS A 120 -13.56 -15.93 -19.91
N LYS A 121 -12.30 -16.18 -20.29
CA LYS A 121 -11.41 -17.08 -19.56
C LYS A 121 -10.02 -17.01 -20.17
ZN ZN B . -7.88 -2.80 -13.35
N MET A 21 12.60 0.59 -2.69
CA MET A 21 13.76 1.48 -2.47
C MET A 21 14.54 1.72 -3.76
N LYS A 22 14.04 1.23 -4.89
CA LYS A 22 14.66 1.50 -6.19
C LYS A 22 13.80 2.48 -6.98
N GLY A 23 14.04 3.77 -6.80
CA GLY A 23 13.21 4.78 -7.44
C GLY A 23 11.84 4.84 -6.80
N ASP A 24 10.87 5.39 -7.51
CA ASP A 24 9.52 5.52 -6.96
C ASP A 24 8.67 4.33 -7.39
N ILE A 25 8.24 3.55 -6.41
CA ILE A 25 7.46 2.35 -6.67
C ILE A 25 6.09 2.72 -7.23
N GLU A 26 5.61 3.89 -6.86
CA GLU A 26 4.32 4.37 -7.30
C GLU A 26 4.32 4.54 -8.81
N HIS A 27 5.45 4.96 -9.35
CA HIS A 27 5.56 5.11 -10.79
C HIS A 27 5.54 3.73 -11.46
N LYS A 28 6.21 2.76 -10.83
CA LYS A 28 6.29 1.42 -11.38
C LYS A 28 4.91 0.79 -11.47
N VAL A 29 4.15 0.88 -10.39
CA VAL A 29 2.82 0.27 -10.33
C VAL A 29 1.88 0.92 -11.35
N TYR A 30 2.02 2.23 -11.55
CA TYR A 30 1.22 2.91 -12.56
C TYR A 30 1.61 2.40 -13.95
N GLN A 31 2.91 2.20 -14.14
CA GLN A 31 3.47 1.90 -15.47
C GLN A 31 2.84 0.67 -16.11
N LEU A 32 2.79 -0.41 -15.36
CA LEU A 32 2.32 -1.67 -15.91
C LEU A 32 0.81 -1.81 -15.79
N LEU A 33 0.25 -1.32 -14.70
CA LEU A 33 -1.18 -1.44 -14.48
C LEU A 33 -1.98 -0.66 -15.51
N LYS A 34 -1.54 0.56 -15.80
CA LYS A 34 -2.24 1.38 -16.79
C LYS A 34 -2.04 0.81 -18.19
N ASP A 35 -0.98 0.00 -18.34
CA ASP A 35 -0.71 -0.70 -19.60
C ASP A 35 -1.70 -1.83 -19.79
N GLN A 36 -1.91 -2.59 -18.72
CA GLN A 36 -2.87 -3.70 -18.74
C GLN A 36 -4.29 -3.18 -18.89
N GLY A 37 -4.46 -1.91 -18.53
CA GLY A 37 -5.75 -1.28 -18.64
C GLY A 37 -6.42 -1.13 -17.31
N CYS A 38 -5.65 -0.82 -16.28
CA CYS A 38 -6.23 -0.50 -14.99
C CYS A 38 -6.05 0.97 -14.68
N GLU A 39 -7.09 1.60 -14.14
CA GLU A 39 -6.97 2.97 -13.65
C GLU A 39 -7.34 3.05 -12.18
N ASP A 40 -7.68 1.90 -11.61
CA ASP A 40 -8.24 1.83 -10.26
C ASP A 40 -7.22 1.31 -9.26
N PHE A 41 -6.39 2.20 -8.77
CA PHE A 41 -5.37 1.88 -7.78
C PHE A 41 -4.78 3.15 -7.17
N GLY A 42 -4.34 3.04 -5.91
CA GLY A 42 -3.78 4.20 -5.22
C GLY A 42 -3.14 3.80 -3.90
N THR A 43 -2.56 4.77 -3.20
CA THR A 43 -1.88 4.51 -1.95
C THR A 43 -2.70 5.00 -0.75
N LYS A 44 -2.51 4.36 0.39
CA LYS A 44 -3.17 4.79 1.61
C LYS A 44 -2.18 4.81 2.77
N CYS A 45 -2.47 5.63 3.77
CA CYS A 45 -1.69 5.65 5.00
C CYS A 45 -2.62 5.80 6.20
N VAL A 46 -3.08 4.68 6.72
CA VAL A 46 -3.99 4.69 7.85
C VAL A 46 -3.21 4.48 9.14
N ILE A 47 -3.51 5.25 10.16
CA ILE A 47 -2.83 5.11 11.43
C ILE A 47 -3.51 4.06 12.30
N GLU A 48 -2.71 3.15 12.82
CA GLU A 48 -3.18 2.16 13.74
C GLU A 48 -2.60 2.43 15.13
N GLU A 49 -3.41 3.04 15.98
CA GLU A 49 -2.96 3.43 17.31
C GLU A 49 -3.07 2.24 18.27
N VAL A 50 -1.93 1.88 18.86
CA VAL A 50 -1.84 0.72 19.72
C VAL A 50 -1.98 1.16 21.18
N LYS A 51 -2.46 0.23 22.03
CA LYS A 51 -2.70 0.51 23.44
C LYS A 51 -3.90 1.46 23.60
N SER A 52 -4.74 1.49 22.57
CA SER A 52 -5.92 2.34 22.60
C SER A 52 -7.08 1.59 23.23
N SER A 53 -7.32 1.89 24.50
CA SER A 53 -8.39 1.24 25.23
C SER A 53 -9.37 2.27 25.80
N HIS A 54 -8.93 3.52 25.85
CA HIS A 54 -9.75 4.60 26.36
C HIS A 54 -9.98 5.65 25.28
N LYS A 55 -10.95 6.54 25.50
CA LYS A 55 -11.24 7.61 24.55
C LYS A 55 -11.30 8.95 25.26
N THR A 56 -10.53 9.91 24.77
CA THR A 56 -10.54 11.25 25.32
C THR A 56 -10.93 12.25 24.21
N LEU A 57 -10.80 13.54 24.49
CA LEU A 57 -11.36 14.57 23.63
C LEU A 57 -10.47 14.86 22.40
N LEU A 58 -10.47 13.93 21.45
CA LEU A 58 -9.86 14.13 20.13
C LEU A 58 -10.02 12.87 19.31
N ASN A 59 -9.19 12.73 18.29
CA ASN A 59 -9.18 11.55 17.43
C ASN A 59 -9.23 10.27 18.25
N THR A 60 -8.26 10.12 19.15
CA THR A 60 -8.19 8.94 19.99
C THR A 60 -7.67 9.29 21.36
N GLU A 61 -6.35 9.40 21.45
CA GLU A 61 -5.67 9.68 22.66
C GLU A 61 -4.33 10.31 22.30
N LEU A 62 -4.32 11.62 22.36
CA LEU A 62 -3.14 12.44 22.04
C LEU A 62 -1.84 11.81 22.55
N HIS A 63 -0.87 11.67 21.63
CA HIS A 63 0.47 11.19 21.94
C HIS A 63 0.49 9.71 22.33
N LEU A 64 -0.48 8.95 21.84
CA LEU A 64 -0.51 7.52 22.07
C LEU A 64 0.47 6.84 21.13
N THR A 65 0.90 5.63 21.47
CA THR A 65 1.79 4.87 20.62
C THR A 65 1.04 4.37 19.38
N LYS A 66 1.24 5.05 18.28
CA LYS A 66 0.52 4.74 17.07
C LYS A 66 1.49 4.32 15.98
N TYR A 67 0.98 3.57 15.02
CA TYR A 67 1.79 3.05 13.93
C TYR A 67 1.22 3.50 12.60
N TYR A 68 2.11 3.79 11.67
CA TYR A 68 1.71 4.16 10.32
C TYR A 68 1.46 2.90 9.50
N GLY A 69 0.20 2.58 9.29
CA GLY A 69 -0.16 1.44 8.50
C GLY A 69 -0.24 1.77 7.03
N PHE A 70 0.92 1.86 6.38
CA PHE A 70 0.99 2.14 4.96
C PHE A 70 0.48 0.95 4.16
N SER A 71 -0.25 1.24 3.09
CA SER A 71 -0.80 0.19 2.25
C SER A 71 -1.04 0.70 0.84
N PHE A 72 -1.10 -0.22 -0.12
CA PHE A 72 -1.45 0.13 -1.49
C PHE A 72 -2.75 -0.55 -1.88
N PHE A 73 -3.68 0.27 -2.36
CA PHE A 73 -5.01 -0.18 -2.71
C PHE A 73 -5.11 -0.58 -4.18
N ARG A 74 -5.88 -1.62 -4.42
CA ARG A 74 -6.09 -2.15 -5.75
C ARG A 74 -7.50 -2.74 -5.86
N HIS A 75 -8.38 -2.04 -6.57
CA HIS A 75 -9.77 -2.51 -6.74
C HIS A 75 -10.49 -2.65 -5.40
N GLY A 76 -10.07 -1.88 -4.42
CA GLY A 76 -10.67 -1.97 -3.10
C GLY A 76 -10.01 -3.03 -2.23
N ASN A 77 -9.03 -3.71 -2.79
CA ASN A 77 -8.27 -4.70 -2.03
C ASN A 77 -6.90 -4.14 -1.70
N ILE A 78 -6.15 -4.87 -0.91
CA ILE A 78 -4.82 -4.46 -0.51
C ILE A 78 -3.77 -5.32 -1.20
N VAL A 79 -2.84 -4.68 -1.89
CA VAL A 79 -1.72 -5.38 -2.52
C VAL A 79 -0.47 -5.22 -1.67
N ALA A 80 -0.22 -4.01 -1.21
CA ALA A 80 0.94 -3.75 -0.39
C ALA A 80 0.52 -3.30 1.00
N TYR A 81 1.24 -3.77 2.00
CA TYR A 81 0.97 -3.39 3.37
C TYR A 81 2.28 -3.29 4.14
N GLY A 82 2.43 -2.23 4.91
CA GLY A 82 3.62 -2.04 5.69
C GLY A 82 3.36 -1.14 6.87
N LYS A 83 3.12 -1.74 8.03
CA LYS A 83 2.90 -0.97 9.24
C LYS A 83 4.18 -0.88 10.06
N SER A 84 4.57 0.34 10.38
CA SER A 84 5.75 0.58 11.19
C SER A 84 5.58 1.85 12.01
N ARG A 85 6.40 1.99 13.04
CA ARG A 85 6.38 3.18 13.88
C ARG A 85 6.99 4.37 13.14
N LYS A 86 7.69 4.08 12.05
CA LYS A 86 8.30 5.10 11.24
C LYS A 86 7.66 5.15 9.86
N VAL A 87 7.25 6.36 9.45
CA VAL A 87 6.62 6.56 8.15
C VAL A 87 7.49 6.03 7.00
N ALA A 88 8.77 6.38 7.05
CA ALA A 88 9.71 5.96 6.01
C ALA A 88 9.87 4.45 5.96
N ASN A 89 9.91 3.80 7.12
CA ASN A 89 10.08 2.36 7.18
C ASN A 89 8.84 1.64 6.68
N ALA A 90 7.69 2.06 7.20
CA ALA A 90 6.39 1.54 6.78
C ALA A 90 6.22 1.64 5.28
N LYS A 91 6.55 2.81 4.77
CA LYS A 91 6.46 3.12 3.37
C LYS A 91 7.40 2.23 2.56
N TYR A 92 8.60 2.03 3.10
CA TYR A 92 9.58 1.13 2.50
C TYR A 92 8.99 -0.26 2.31
N ILE A 93 8.37 -0.76 3.36
CA ILE A 93 7.80 -2.10 3.37
C ILE A 93 6.78 -2.28 2.24
N MET A 94 5.78 -1.41 2.21
CA MET A 94 4.74 -1.51 1.20
C MET A 94 5.33 -1.36 -0.21
N LYS A 95 6.28 -0.45 -0.38
CA LYS A 95 6.92 -0.24 -1.67
C LYS A 95 7.62 -1.51 -2.15
N GLN A 96 8.35 -2.15 -1.24
CA GLN A 96 9.05 -3.39 -1.55
C GLN A 96 8.07 -4.50 -1.95
N ARG A 97 6.83 -4.36 -1.52
CA ARG A 97 5.80 -5.35 -1.80
C ARG A 97 5.47 -5.38 -3.29
N LEU A 98 4.92 -4.28 -3.81
CA LEU A 98 4.61 -4.24 -5.23
C LEU A 98 5.87 -4.37 -6.06
N LEU A 99 6.98 -3.84 -5.55
CA LEU A 99 8.27 -3.96 -6.22
C LEU A 99 8.58 -5.40 -6.55
N LYS A 100 8.63 -6.22 -5.50
CA LYS A 100 8.96 -7.61 -5.67
C LYS A 100 7.96 -8.29 -6.61
N LEU A 101 6.74 -7.78 -6.63
CA LEU A 101 5.71 -8.33 -7.50
C LEU A 101 5.99 -8.00 -8.96
N LEU A 102 6.46 -6.80 -9.23
CA LEU A 102 6.79 -6.41 -10.61
C LEU A 102 8.17 -6.94 -11.01
N GLU A 103 9.02 -7.23 -10.02
CA GLU A 103 10.31 -7.86 -10.27
C GLU A 103 10.15 -9.37 -10.49
N ASP A 104 9.25 -9.96 -9.72
CA ASP A 104 9.01 -11.41 -9.76
C ASP A 104 7.98 -11.75 -10.83
N LYS A 105 7.22 -10.74 -11.23
CA LYS A 105 6.14 -10.89 -12.20
C LYS A 105 5.04 -11.79 -11.63
N SER A 106 4.79 -11.62 -10.34
CA SER A 106 3.75 -12.36 -9.65
C SER A 106 2.37 -11.77 -9.98
N ASN A 107 1.36 -12.62 -10.05
CA ASN A 107 0.03 -12.20 -10.51
C ASN A 107 -0.71 -11.40 -9.44
N LEU A 108 -0.11 -11.23 -8.28
CA LEU A 108 -0.77 -10.57 -7.16
C LEU A 108 -1.05 -9.10 -7.48
N LEU A 109 -0.11 -8.44 -8.15
CA LEU A 109 -0.31 -7.04 -8.51
C LEU A 109 -0.51 -6.89 -10.02
N LEU A 110 -0.12 -7.92 -10.74
CA LEU A 110 -0.06 -7.84 -12.20
C LEU A 110 -1.14 -8.67 -12.87
N TYR A 111 -2.16 -9.08 -12.12
CA TYR A 111 -3.26 -9.85 -12.69
C TYR A 111 -4.07 -9.01 -13.66
N SER A 112 -4.75 -9.66 -14.58
CA SER A 112 -5.61 -8.98 -15.53
C SER A 112 -6.97 -8.72 -14.90
N CYS A 113 -7.52 -7.54 -15.15
CA CYS A 113 -8.78 -7.13 -14.57
C CYS A 113 -9.67 -6.54 -15.65
N ASN A 114 -10.89 -6.16 -15.28
CA ASN A 114 -11.85 -5.61 -16.23
C ASN A 114 -12.08 -4.12 -16.00
N CYS A 115 -11.09 -3.28 -16.27
CA CYS A 115 -11.34 -1.85 -16.33
C CYS A 115 -11.53 -1.37 -17.77
N LYS A 116 -11.38 -2.29 -18.72
CA LYS A 116 -11.57 -1.99 -20.13
C LYS A 116 -11.98 -3.25 -20.89
N PHE A 117 -11.28 -4.34 -20.63
CA PHE A 117 -11.61 -5.65 -21.15
C PHE A 117 -11.10 -6.67 -20.16
N SER A 118 -11.22 -7.95 -20.46
CA SER A 118 -10.61 -9.00 -19.65
C SER A 118 -10.91 -10.37 -20.21
N LYS A 119 -10.22 -11.36 -19.67
CA LYS A 119 -10.35 -12.73 -20.10
C LYS A 119 -11.29 -13.46 -19.17
N LYS A 120 -12.58 -13.28 -19.40
CA LYS A 120 -13.61 -13.84 -18.55
C LYS A 120 -14.00 -15.22 -19.05
N LYS A 121 -14.20 -15.33 -20.35
CA LYS A 121 -14.55 -16.58 -20.96
C LYS A 121 -13.29 -17.33 -21.39
ZN ZN B . -8.65 -2.62 -12.88
N MET A 21 16.78 3.13 -1.97
CA MET A 21 17.63 2.17 -2.73
C MET A 21 17.10 1.97 -4.14
N LYS A 22 15.90 1.42 -4.25
CA LYS A 22 15.30 1.14 -5.55
C LYS A 22 14.62 2.38 -6.10
N GLY A 23 13.94 3.10 -5.22
CA GLY A 23 13.24 4.29 -5.65
C GLY A 23 11.79 4.28 -5.22
N ASP A 24 10.96 5.00 -5.95
CA ASP A 24 9.54 5.08 -5.64
C ASP A 24 8.77 3.95 -6.29
N ILE A 25 8.24 3.05 -5.46
CA ILE A 25 7.45 1.93 -5.94
C ILE A 25 6.16 2.43 -6.56
N GLU A 26 5.73 3.59 -6.09
CA GLU A 26 4.48 4.18 -6.55
C GLU A 26 4.59 4.48 -8.03
N HIS A 27 5.75 4.95 -8.45
CA HIS A 27 6.02 5.15 -9.87
C HIS A 27 5.92 3.83 -10.61
N LYS A 28 6.61 2.82 -10.09
CA LYS A 28 6.69 1.51 -10.75
C LYS A 28 5.30 0.91 -10.95
N VAL A 29 4.52 0.88 -9.87
CA VAL A 29 3.20 0.27 -9.92
C VAL A 29 2.27 1.00 -10.89
N TYR A 30 2.34 2.33 -10.92
CA TYR A 30 1.51 3.09 -11.84
C TYR A 30 1.98 2.85 -13.27
N GLN A 31 3.28 2.66 -13.43
CA GLN A 31 3.90 2.53 -14.75
C GLN A 31 3.28 1.39 -15.55
N LEU A 32 3.18 0.23 -14.93
CA LEU A 32 2.69 -0.95 -15.62
C LEU A 32 1.19 -1.08 -15.52
N LEU A 33 0.64 -0.84 -14.35
CA LEU A 33 -0.81 -1.03 -14.14
C LEU A 33 -1.64 -0.12 -15.04
N LYS A 34 -1.27 1.14 -15.15
CA LYS A 34 -2.02 2.07 -15.99
C LYS A 34 -1.82 1.71 -17.46
N ASP A 35 -0.71 1.05 -17.76
CA ASP A 35 -0.39 0.61 -19.10
C ASP A 35 -1.23 -0.61 -19.47
N GLN A 36 -1.50 -1.44 -18.47
CA GLN A 36 -2.35 -2.63 -18.64
C GLN A 36 -3.80 -2.22 -18.79
N GLY A 37 -4.08 -0.96 -18.55
CA GLY A 37 -5.43 -0.47 -18.66
C GLY A 37 -6.13 -0.44 -17.32
N CYS A 38 -5.36 -0.30 -16.25
CA CYS A 38 -5.95 -0.14 -14.93
C CYS A 38 -5.78 1.29 -14.45
N GLU A 39 -6.80 1.84 -13.81
CA GLU A 39 -6.67 3.16 -13.18
C GLU A 39 -7.08 3.11 -11.71
N ASP A 40 -7.56 1.95 -11.27
CA ASP A 40 -8.09 1.82 -9.94
C ASP A 40 -7.05 1.23 -8.98
N PHE A 41 -6.24 2.10 -8.43
CA PHE A 41 -5.23 1.72 -7.45
C PHE A 41 -4.63 2.96 -6.80
N GLY A 42 -3.80 2.75 -5.78
CA GLY A 42 -3.14 3.85 -5.12
C GLY A 42 -2.66 3.48 -3.73
N THR A 43 -1.78 4.28 -3.16
CA THR A 43 -1.24 4.02 -1.83
C THR A 43 -2.03 4.77 -0.76
N LYS A 44 -2.33 4.09 0.34
CA LYS A 44 -2.98 4.73 1.45
C LYS A 44 -2.01 4.79 2.62
N CYS A 45 -2.09 5.85 3.39
CA CYS A 45 -1.23 6.02 4.55
C CYS A 45 -2.02 6.64 5.69
N VAL A 46 -2.94 5.86 6.24
CA VAL A 46 -3.77 6.33 7.32
C VAL A 46 -3.10 6.04 8.66
N ILE A 47 -2.95 7.07 9.47
CA ILE A 47 -2.39 6.90 10.78
C ILE A 47 -3.35 6.13 11.67
N GLU A 48 -2.85 5.05 12.24
CA GLU A 48 -3.63 4.24 13.14
C GLU A 48 -3.01 4.32 14.53
N GLU A 49 -3.65 5.09 15.39
CA GLU A 49 -3.15 5.32 16.73
C GLU A 49 -3.54 4.18 17.64
N VAL A 50 -2.54 3.47 18.14
CA VAL A 50 -2.77 2.38 19.06
C VAL A 50 -2.91 2.95 20.47
N LYS A 51 -4.02 2.60 21.12
CA LYS A 51 -4.35 3.17 22.42
C LYS A 51 -3.26 2.83 23.42
N SER A 52 -2.45 3.83 23.73
CA SER A 52 -1.29 3.64 24.59
C SER A 52 -1.70 3.65 26.05
N SER A 53 -1.07 2.80 26.84
CA SER A 53 -1.30 2.74 28.28
C SER A 53 -0.87 4.05 28.92
N HIS A 54 0.14 4.68 28.34
CA HIS A 54 0.60 5.99 28.79
C HIS A 54 -0.21 7.08 28.10
N LYS A 55 -1.10 7.72 28.86
CA LYS A 55 -1.97 8.74 28.30
C LYS A 55 -2.27 9.83 29.32
N THR A 56 -2.60 11.01 28.84
CA THR A 56 -3.00 12.11 29.69
C THR A 56 -4.52 12.26 29.67
N LEU A 57 -5.06 13.16 30.48
CA LEU A 57 -6.50 13.29 30.62
C LEU A 57 -7.08 14.37 29.72
N LEU A 58 -7.79 13.94 28.69
CA LEU A 58 -8.55 14.81 27.82
C LEU A 58 -9.46 13.96 26.94
N ASN A 59 -10.02 14.57 25.89
CA ASN A 59 -10.93 13.88 24.99
C ASN A 59 -10.33 12.56 24.50
N THR A 60 -9.33 12.67 23.66
CA THR A 60 -8.64 11.51 23.12
C THR A 60 -7.30 11.34 23.81
N GLU A 61 -6.40 10.61 23.18
CA GLU A 61 -5.03 10.56 23.65
C GLU A 61 -4.22 11.55 22.84
N LEU A 62 -4.06 12.75 23.37
CA LEU A 62 -3.35 13.85 22.70
C LEU A 62 -2.03 13.34 22.13
N HIS A 63 -1.27 12.65 22.95
CA HIS A 63 -0.01 12.07 22.53
C HIS A 63 0.04 10.59 22.89
N LEU A 64 0.20 9.74 21.89
CA LEU A 64 0.22 8.31 22.12
C LEU A 64 1.04 7.61 21.04
N THR A 65 1.08 6.29 21.11
CA THR A 65 1.79 5.48 20.14
C THR A 65 0.97 5.32 18.88
N LYS A 66 1.40 5.97 17.81
CA LYS A 66 0.67 5.94 16.57
C LYS A 66 1.51 5.29 15.48
N TYR A 67 0.83 4.72 14.50
CA TYR A 67 1.50 4.03 13.41
C TYR A 67 1.03 4.56 12.08
N TYR A 68 1.96 4.66 11.14
CA TYR A 68 1.62 5.01 9.78
C TYR A 68 1.16 3.77 9.04
N GLY A 69 -0.14 3.65 8.85
CA GLY A 69 -0.69 2.51 8.15
C GLY A 69 -0.52 2.63 6.65
N PHE A 70 0.70 2.38 6.18
CA PHE A 70 1.00 2.39 4.75
C PHE A 70 0.52 1.10 4.10
N SER A 71 -0.10 1.24 2.94
CA SER A 71 -0.61 0.09 2.23
C SER A 71 -0.91 0.46 0.79
N PHE A 72 -0.87 -0.52 -0.09
CA PHE A 72 -1.21 -0.30 -1.48
C PHE A 72 -2.51 -0.98 -1.83
N PHE A 73 -3.44 -0.20 -2.37
CA PHE A 73 -4.74 -0.71 -2.78
C PHE A 73 -4.81 -0.85 -4.29
N ARG A 74 -5.37 -1.96 -4.73
CA ARG A 74 -5.75 -2.15 -6.13
C ARG A 74 -7.09 -2.87 -6.18
N HIS A 75 -8.13 -2.21 -6.71
CA HIS A 75 -9.47 -2.79 -6.78
C HIS A 75 -10.02 -3.11 -5.38
N GLY A 76 -9.54 -2.37 -4.39
CA GLY A 76 -9.97 -2.60 -3.03
C GLY A 76 -9.23 -3.75 -2.37
N ASN A 77 -8.27 -4.33 -3.09
CA ASN A 77 -7.43 -5.38 -2.51
C ASN A 77 -6.17 -4.78 -1.94
N ILE A 78 -5.48 -5.55 -1.15
CA ILE A 78 -4.24 -5.11 -0.55
C ILE A 78 -3.07 -5.84 -1.18
N VAL A 79 -2.32 -5.11 -1.96
CA VAL A 79 -1.14 -5.65 -2.61
C VAL A 79 0.07 -5.47 -1.70
N ALA A 80 0.09 -4.37 -0.97
CA ALA A 80 1.18 -4.08 -0.05
C ALA A 80 0.66 -3.53 1.26
N TYR A 81 1.32 -3.87 2.35
CA TYR A 81 0.97 -3.31 3.66
C TYR A 81 2.22 -3.22 4.53
N GLY A 82 2.44 -2.04 5.08
CA GLY A 82 3.58 -1.82 5.94
C GLY A 82 3.28 -0.79 7.00
N LYS A 83 3.09 -1.23 8.23
CA LYS A 83 2.75 -0.34 9.32
C LYS A 83 3.94 -0.14 10.25
N SER A 84 4.32 1.11 10.45
CA SER A 84 5.42 1.45 11.33
C SER A 84 5.21 2.84 11.92
N ARG A 85 5.98 3.18 12.96
CA ARG A 85 5.90 4.50 13.58
C ARG A 85 6.47 5.54 12.63
N LYS A 86 7.51 5.13 11.91
CA LYS A 86 8.22 6.01 11.01
C LYS A 86 7.77 5.77 9.58
N VAL A 87 7.45 6.86 8.88
CA VAL A 87 6.97 6.79 7.51
C VAL A 87 7.96 6.05 6.61
N ALA A 88 9.25 6.32 6.79
CA ALA A 88 10.30 5.71 5.98
C ALA A 88 10.28 4.18 6.07
N ASN A 89 10.07 3.67 7.28
CA ASN A 89 10.07 2.23 7.50
C ASN A 89 8.79 1.61 6.97
N ALA A 90 7.67 2.26 7.30
CA ALA A 90 6.35 1.82 6.85
C ALA A 90 6.30 1.73 5.32
N LYS A 91 6.78 2.78 4.66
CA LYS A 91 6.85 2.79 3.20
C LYS A 91 7.71 1.65 2.70
N TYR A 92 8.86 1.48 3.34
CA TYR A 92 9.83 0.49 2.92
C TYR A 92 9.19 -0.89 2.78
N ILE A 93 8.43 -1.28 3.80
CA ILE A 93 7.79 -2.59 3.85
C ILE A 93 6.86 -2.79 2.66
N MET A 94 5.94 -1.83 2.46
CA MET A 94 4.97 -1.95 1.39
C MET A 94 5.65 -1.87 0.02
N LYS A 95 6.64 -1.00 -0.12
CA LYS A 95 7.38 -0.85 -1.38
C LYS A 95 7.99 -2.18 -1.81
N GLN A 96 8.61 -2.88 -0.86
CA GLN A 96 9.24 -4.17 -1.13
C GLN A 96 8.21 -5.19 -1.65
N ARG A 97 6.98 -5.05 -1.19
CA ARG A 97 5.90 -5.95 -1.60
C ARG A 97 5.66 -5.88 -3.11
N LEU A 98 5.17 -4.73 -3.59
CA LEU A 98 4.88 -4.60 -5.02
C LEU A 98 6.17 -4.75 -5.83
N LEU A 99 7.27 -4.25 -5.27
CA LEU A 99 8.55 -4.32 -5.95
C LEU A 99 8.84 -5.73 -6.44
N LYS A 100 8.87 -6.65 -5.51
CA LYS A 100 9.19 -8.03 -5.83
C LYS A 100 8.18 -8.60 -6.80
N LEU A 101 6.97 -8.06 -6.79
CA LEU A 101 5.92 -8.51 -7.68
C LEU A 101 6.20 -8.06 -9.11
N LEU A 102 6.71 -6.85 -9.27
CA LEU A 102 7.03 -6.34 -10.59
C LEU A 102 8.43 -6.78 -11.03
N GLU A 103 9.30 -7.06 -10.07
CA GLU A 103 10.61 -7.63 -10.38
C GLU A 103 10.46 -9.05 -10.91
N ASP A 104 9.69 -9.84 -10.19
CA ASP A 104 9.52 -11.26 -10.53
C ASP A 104 8.40 -11.44 -11.54
N LYS A 105 7.61 -10.37 -11.72
CA LYS A 105 6.47 -10.38 -12.63
C LYS A 105 5.42 -11.36 -12.16
N SER A 106 5.10 -11.28 -10.88
CA SER A 106 4.05 -12.09 -10.29
C SER A 106 2.70 -11.39 -10.44
N ASN A 107 1.69 -12.14 -10.85
CA ASN A 107 0.39 -11.58 -11.21
C ASN A 107 -0.39 -11.05 -10.00
N LEU A 108 0.19 -11.14 -8.82
CA LEU A 108 -0.49 -10.67 -7.62
C LEU A 108 -0.77 -9.17 -7.68
N LEU A 109 0.15 -8.42 -8.27
CA LEU A 109 -0.05 -7.00 -8.46
C LEU A 109 -0.33 -6.70 -9.94
N LEU A 110 -0.02 -7.65 -10.78
CA LEU A 110 0.02 -7.43 -12.22
C LEU A 110 -1.05 -8.23 -12.96
N TYR A 111 -2.08 -8.71 -12.26
CA TYR A 111 -3.10 -9.54 -12.87
C TYR A 111 -3.96 -8.73 -13.85
N SER A 112 -4.74 -9.46 -14.64
CA SER A 112 -5.58 -8.85 -15.66
C SER A 112 -6.96 -8.54 -15.10
N CYS A 113 -7.42 -7.33 -15.36
CA CYS A 113 -8.72 -6.87 -14.89
C CYS A 113 -9.47 -6.19 -16.03
N ASN A 114 -10.72 -5.81 -15.79
CA ASN A 114 -11.51 -5.13 -16.79
C ASN A 114 -11.78 -3.68 -16.39
N CYS A 115 -10.76 -2.81 -16.46
CA CYS A 115 -11.01 -1.38 -16.37
C CYS A 115 -11.19 -0.78 -17.75
N LYS A 116 -11.07 -1.62 -18.78
CA LYS A 116 -11.25 -1.20 -20.16
C LYS A 116 -11.63 -2.40 -21.03
N PHE A 117 -11.09 -3.55 -20.68
CA PHE A 117 -11.44 -4.83 -21.30
C PHE A 117 -10.85 -5.95 -20.46
N SER A 118 -11.13 -7.20 -20.82
CA SER A 118 -10.46 -8.33 -20.20
C SER A 118 -10.76 -9.62 -20.95
N LYS A 119 -9.83 -10.56 -20.87
CA LYS A 119 -9.99 -11.88 -21.47
C LYS A 119 -10.19 -11.77 -22.98
N LYS A 120 -9.57 -10.77 -23.58
CA LYS A 120 -9.61 -10.61 -25.03
C LYS A 120 -9.02 -11.83 -25.71
N LYS A 121 -7.88 -12.28 -25.20
CA LYS A 121 -7.25 -13.50 -25.66
C LYS A 121 -6.61 -14.19 -24.48
ZN ZN B . -8.39 -2.46 -12.95
N MET A 21 16.03 6.58 -1.41
CA MET A 21 15.62 5.53 -2.37
C MET A 21 15.93 5.97 -3.79
N LYS A 22 15.93 5.02 -4.70
CA LYS A 22 16.11 5.31 -6.12
C LYS A 22 15.11 4.51 -6.95
N GLY A 23 14.36 5.21 -7.78
CA GLY A 23 13.33 4.56 -8.56
C GLY A 23 12.08 4.31 -7.72
N ASP A 24 11.27 5.34 -7.55
CA ASP A 24 10.07 5.26 -6.73
C ASP A 24 9.12 4.16 -7.21
N ILE A 25 8.62 3.40 -6.26
CA ILE A 25 7.82 2.23 -6.54
C ILE A 25 6.44 2.61 -7.09
N GLU A 26 5.93 3.78 -6.69
CA GLU A 26 4.63 4.23 -7.16
C GLU A 26 4.67 4.48 -8.65
N HIS A 27 5.84 4.88 -9.13
CA HIS A 27 6.06 5.01 -10.55
C HIS A 27 5.96 3.64 -11.21
N LYS A 28 6.62 2.65 -10.64
CA LYS A 28 6.67 1.30 -11.20
C LYS A 28 5.27 0.71 -11.35
N VAL A 29 4.50 0.78 -10.27
CA VAL A 29 3.17 0.18 -10.25
C VAL A 29 2.24 0.85 -11.25
N TYR A 30 2.41 2.15 -11.46
CA TYR A 30 1.61 2.86 -12.44
C TYR A 30 2.05 2.46 -13.85
N GLN A 31 3.34 2.16 -14.00
CA GLN A 31 3.93 1.88 -15.31
C GLN A 31 3.25 0.70 -15.99
N LEU A 32 3.15 -0.40 -15.27
CA LEU A 32 2.66 -1.64 -15.86
C LEU A 32 1.16 -1.77 -15.73
N LEU A 33 0.61 -1.39 -14.59
CA LEU A 33 -0.82 -1.57 -14.34
C LEU A 33 -1.66 -0.76 -15.30
N LYS A 34 -1.29 0.48 -15.54
CA LYS A 34 -2.03 1.32 -16.46
C LYS A 34 -1.90 0.79 -17.89
N ASP A 35 -0.86 -0.01 -18.11
CA ASP A 35 -0.65 -0.65 -19.41
C ASP A 35 -1.60 -1.83 -19.57
N GLN A 36 -1.70 -2.64 -18.51
CA GLN A 36 -2.55 -3.83 -18.52
C GLN A 36 -4.02 -3.45 -18.66
N GLY A 37 -4.31 -2.21 -18.34
CA GLY A 37 -5.66 -1.73 -18.42
C GLY A 37 -6.26 -1.49 -17.05
N CYS A 38 -5.44 -1.03 -16.13
CA CYS A 38 -5.92 -0.66 -14.82
C CYS A 38 -5.62 0.81 -14.52
N GLU A 39 -6.57 1.50 -13.93
CA GLU A 39 -6.30 2.81 -13.36
C GLU A 39 -6.71 2.85 -11.89
N ASP A 40 -7.40 1.78 -11.46
CA ASP A 40 -7.91 1.70 -10.10
C ASP A 40 -6.88 1.11 -9.16
N PHE A 41 -5.98 1.97 -8.72
CA PHE A 41 -4.97 1.64 -7.72
C PHE A 41 -4.36 2.91 -7.15
N GLY A 42 -3.83 2.83 -5.95
CA GLY A 42 -3.24 3.98 -5.31
C GLY A 42 -2.64 3.64 -3.96
N THR A 43 -2.13 4.65 -3.27
CA THR A 43 -1.50 4.44 -1.98
C THR A 43 -2.37 4.95 -0.84
N LYS A 44 -2.24 4.35 0.33
CA LYS A 44 -2.94 4.81 1.51
C LYS A 44 -2.00 4.89 2.70
N CYS A 45 -2.39 5.65 3.71
CA CYS A 45 -1.66 5.71 4.96
C CYS A 45 -2.63 5.68 6.12
N VAL A 46 -3.08 4.49 6.49
CA VAL A 46 -4.04 4.35 7.57
C VAL A 46 -3.31 4.28 8.91
N ILE A 47 -3.53 5.28 9.75
CA ILE A 47 -2.90 5.29 11.05
C ILE A 47 -3.53 4.25 11.96
N GLU A 48 -2.67 3.41 12.51
CA GLU A 48 -3.08 2.41 13.47
C GLU A 48 -2.37 2.65 14.77
N GLU A 49 -3.09 3.15 15.74
CA GLU A 49 -2.53 3.49 17.04
C GLU A 49 -2.54 2.28 17.95
N VAL A 50 -1.41 2.00 18.56
CA VAL A 50 -1.28 0.87 19.44
C VAL A 50 -1.73 1.25 20.85
N LYS A 51 -2.94 0.86 21.20
CA LYS A 51 -3.47 1.14 22.53
C LYS A 51 -2.74 0.27 23.54
N SER A 52 -1.79 0.86 24.26
CA SER A 52 -0.93 0.11 25.15
C SER A 52 -1.51 0.03 26.56
N SER A 53 -2.53 -0.81 26.71
CA SER A 53 -3.08 -1.18 28.03
C SER A 53 -3.49 0.02 28.88
N HIS A 54 -3.79 1.15 28.23
CA HIS A 54 -4.09 2.40 28.93
C HIS A 54 -3.00 2.67 29.97
N LYS A 55 -1.75 2.67 29.52
CA LYS A 55 -0.60 2.83 30.40
C LYS A 55 -0.61 4.19 31.09
N THR A 56 -1.04 5.21 30.38
CA THR A 56 -1.07 6.55 30.92
C THR A 56 -2.49 6.96 31.26
N LEU A 57 -2.76 7.10 32.56
CA LEU A 57 -4.06 7.54 33.04
C LEU A 57 -4.00 9.03 33.33
N LEU A 58 -4.65 9.84 32.51
CA LEU A 58 -4.61 11.28 32.70
C LEU A 58 -5.99 11.90 32.54
N ASN A 59 -6.52 11.85 31.33
CA ASN A 59 -7.82 12.42 31.00
C ASN A 59 -8.17 12.04 29.58
N THR A 60 -7.48 12.68 28.66
CA THR A 60 -7.52 12.26 27.28
C THR A 60 -6.21 11.58 26.96
N GLU A 61 -6.22 10.65 26.01
CA GLU A 61 -5.00 10.01 25.57
C GLU A 61 -4.02 11.05 25.07
N LEU A 62 -3.13 11.47 25.99
CA LEU A 62 -2.11 12.50 25.72
C LEU A 62 -1.60 12.41 24.28
N HIS A 63 -0.77 11.41 24.02
CA HIS A 63 -0.31 11.10 22.68
C HIS A 63 -0.09 9.60 22.58
N LEU A 64 -1.07 8.88 22.05
CA LEU A 64 -0.98 7.45 21.95
C LEU A 64 0.01 7.04 20.87
N THR A 65 0.77 5.98 21.14
CA THR A 65 1.76 5.51 20.21
C THR A 65 1.10 4.96 18.96
N LYS A 66 1.07 5.77 17.93
CA LYS A 66 0.41 5.40 16.70
C LYS A 66 1.43 5.03 15.65
N TYR A 67 1.03 4.20 14.70
CA TYR A 67 1.92 3.78 13.65
C TYR A 67 1.29 4.01 12.29
N TYR A 68 2.12 4.41 11.35
CA TYR A 68 1.67 4.63 9.99
C TYR A 68 1.47 3.31 9.27
N GLY A 69 0.22 2.95 9.06
CA GLY A 69 -0.08 1.75 8.30
C GLY A 69 -0.09 2.05 6.82
N PHE A 70 1.10 2.26 6.26
CA PHE A 70 1.24 2.50 4.83
C PHE A 70 0.80 1.26 4.07
N SER A 71 0.03 1.45 3.03
CA SER A 71 -0.46 0.34 2.25
C SER A 71 -0.72 0.77 0.81
N PHE A 72 -0.79 -0.19 -0.09
CA PHE A 72 -1.13 0.10 -1.46
C PHE A 72 -2.44 -0.57 -1.84
N PHE A 73 -3.35 0.22 -2.36
CA PHE A 73 -4.68 -0.24 -2.72
C PHE A 73 -4.77 -0.64 -4.18
N ARG A 74 -5.51 -1.72 -4.41
CA ARG A 74 -5.76 -2.23 -5.74
C ARG A 74 -7.16 -2.83 -5.79
N HIS A 75 -8.09 -2.13 -6.44
CA HIS A 75 -9.49 -2.58 -6.54
C HIS A 75 -10.14 -2.75 -5.17
N GLY A 76 -9.68 -1.97 -4.20
CA GLY A 76 -10.21 -2.07 -2.86
C GLY A 76 -9.53 -3.14 -2.03
N ASN A 77 -8.54 -3.79 -2.62
CA ASN A 77 -7.75 -4.77 -1.90
C ASN A 77 -6.41 -4.18 -1.52
N ILE A 78 -5.65 -4.91 -0.73
CA ILE A 78 -4.36 -4.44 -0.28
C ILE A 78 -3.25 -5.28 -0.88
N VAL A 79 -2.45 -4.66 -1.73
CA VAL A 79 -1.34 -5.34 -2.36
C VAL A 79 -0.07 -5.17 -1.53
N ALA A 80 0.08 -3.99 -0.95
CA ALA A 80 1.26 -3.72 -0.13
C ALA A 80 0.85 -3.22 1.23
N TYR A 81 1.61 -3.59 2.25
CA TYR A 81 1.36 -3.12 3.61
C TYR A 81 2.67 -2.96 4.37
N GLY A 82 2.81 -1.86 5.07
CA GLY A 82 4.00 -1.61 5.86
C GLY A 82 3.73 -0.65 7.00
N LYS A 83 3.70 -1.18 8.22
CA LYS A 83 3.43 -0.35 9.39
C LYS A 83 4.71 0.00 10.13
N SER A 84 4.91 1.29 10.35
CA SER A 84 6.06 1.77 11.11
C SER A 84 5.76 3.14 11.70
N ARG A 85 6.52 3.55 12.70
CA ARG A 85 6.39 4.90 13.25
C ARG A 85 7.29 5.83 12.46
N LYS A 86 8.16 5.23 11.67
CA LYS A 86 8.97 5.97 10.71
C LYS A 86 8.23 5.98 9.38
N VAL A 87 7.86 7.16 8.91
CA VAL A 87 7.12 7.29 7.66
C VAL A 87 7.90 6.66 6.50
N ALA A 88 9.21 6.85 6.51
CA ALA A 88 10.08 6.31 5.47
C ALA A 88 10.18 4.79 5.57
N ASN A 89 10.25 4.28 6.78
CA ASN A 89 10.38 2.85 7.00
C ASN A 89 9.10 2.15 6.59
N ALA A 90 7.97 2.74 6.97
CA ALA A 90 6.66 2.21 6.62
C ALA A 90 6.47 2.16 5.11
N LYS A 91 6.76 3.27 4.44
CA LYS A 91 6.69 3.32 2.97
C LYS A 91 7.62 2.30 2.38
N TYR A 92 8.80 2.18 2.96
CA TYR A 92 9.82 1.29 2.46
C TYR A 92 9.29 -0.14 2.37
N ILE A 93 8.66 -0.59 3.45
CA ILE A 93 8.12 -1.93 3.53
C ILE A 93 7.09 -2.18 2.43
N MET A 94 6.09 -1.31 2.33
CA MET A 94 5.05 -1.48 1.34
C MET A 94 5.61 -1.39 -0.07
N LYS A 95 6.56 -0.48 -0.29
CA LYS A 95 7.17 -0.32 -1.59
C LYS A 95 7.86 -1.61 -2.02
N GLN A 96 8.60 -2.22 -1.11
CA GLN A 96 9.30 -3.48 -1.40
C GLN A 96 8.31 -4.61 -1.68
N ARG A 97 7.07 -4.46 -1.22
CA ARG A 97 6.04 -5.46 -1.48
C ARG A 97 5.73 -5.53 -2.97
N LEU A 98 5.22 -4.44 -3.54
CA LEU A 98 4.93 -4.42 -4.97
C LEU A 98 6.20 -4.58 -5.78
N LEU A 99 7.29 -4.03 -5.25
CA LEU A 99 8.60 -4.13 -5.87
C LEU A 99 8.91 -5.58 -6.21
N LYS A 100 8.81 -6.47 -5.24
CA LYS A 100 9.08 -7.88 -5.45
C LYS A 100 8.05 -8.51 -6.38
N LEU A 101 6.84 -7.96 -6.40
CA LEU A 101 5.78 -8.49 -7.22
C LEU A 101 6.02 -8.19 -8.70
N LEU A 102 6.48 -6.98 -8.99
CA LEU A 102 6.79 -6.61 -10.38
C LEU A 102 8.13 -7.17 -10.81
N GLU A 103 8.95 -7.54 -9.85
CA GLU A 103 10.22 -8.21 -10.12
C GLU A 103 9.99 -9.69 -10.41
N ASP A 104 9.26 -10.34 -9.53
CA ASP A 104 9.05 -11.78 -9.59
C ASP A 104 7.90 -12.12 -10.53
N LYS A 105 7.13 -11.09 -10.89
CA LYS A 105 6.02 -11.21 -11.82
C LYS A 105 4.88 -12.04 -11.24
N SER A 106 4.63 -11.82 -9.95
CA SER A 106 3.54 -12.49 -9.27
C SER A 106 2.21 -11.77 -9.57
N ASN A 107 1.16 -12.55 -9.76
CA ASN A 107 -0.13 -12.00 -10.22
C ASN A 107 -0.79 -11.12 -9.16
N LEU A 108 -0.25 -11.12 -7.95
CA LEU A 108 -0.85 -10.40 -6.84
C LEU A 108 -1.04 -8.92 -7.15
N LEU A 109 -0.08 -8.34 -7.84
CA LEU A 109 -0.19 -6.93 -8.23
C LEU A 109 -0.39 -6.81 -9.73
N LEU A 110 -0.15 -7.89 -10.44
CA LEU A 110 -0.07 -7.83 -11.89
C LEU A 110 -1.20 -8.57 -12.58
N TYR A 111 -2.25 -8.93 -11.84
CA TYR A 111 -3.36 -9.66 -12.43
C TYR A 111 -4.12 -8.78 -13.41
N SER A 112 -4.85 -9.42 -14.31
CA SER A 112 -5.64 -8.71 -15.29
C SER A 112 -7.05 -8.49 -14.75
N CYS A 113 -7.63 -7.37 -15.12
CA CYS A 113 -8.95 -6.98 -14.62
C CYS A 113 -9.72 -6.30 -15.74
N ASN A 114 -10.95 -5.90 -15.47
CA ASN A 114 -11.77 -5.20 -16.45
C ASN A 114 -11.98 -3.74 -16.06
N CYS A 115 -10.93 -2.92 -16.15
CA CYS A 115 -11.12 -1.48 -16.02
C CYS A 115 -11.37 -0.85 -17.39
N LYS A 116 -11.12 -1.63 -18.43
CA LYS A 116 -11.35 -1.20 -19.81
C LYS A 116 -11.71 -2.41 -20.67
N PHE A 117 -10.96 -3.48 -20.50
CA PHE A 117 -11.23 -4.75 -21.17
C PHE A 117 -10.62 -5.87 -20.34
N SER A 118 -10.93 -7.12 -20.69
CA SER A 118 -10.30 -8.27 -20.07
C SER A 118 -10.79 -9.56 -20.72
N LYS A 119 -10.29 -10.68 -20.21
CA LYS A 119 -10.74 -12.00 -20.60
C LYS A 119 -10.62 -12.20 -22.10
N LYS A 120 -9.40 -12.31 -22.58
CA LYS A 120 -9.15 -12.48 -23.99
C LYS A 120 -8.99 -13.96 -24.31
N LYS A 121 -9.18 -14.32 -25.56
CA LYS A 121 -9.15 -15.72 -25.96
C LYS A 121 -7.73 -16.16 -26.26
ZN ZN B . -8.43 -2.59 -12.67
N MET A 21 15.76 3.07 -3.68
CA MET A 21 16.45 4.30 -4.15
C MET A 21 16.35 4.44 -5.66
N LYS A 22 16.31 3.30 -6.37
CA LYS A 22 16.18 3.31 -7.82
C LYS A 22 14.75 3.67 -8.22
N GLY A 23 14.45 4.96 -8.21
CA GLY A 23 13.12 5.44 -8.56
C GLY A 23 12.13 5.18 -7.46
N ASP A 24 10.92 5.70 -7.59
CA ASP A 24 9.88 5.42 -6.61
C ASP A 24 8.99 4.29 -7.10
N ILE A 25 8.62 3.44 -6.16
CA ILE A 25 7.85 2.24 -6.46
C ILE A 25 6.49 2.59 -7.06
N GLU A 26 5.92 3.73 -6.67
CA GLU A 26 4.59 4.09 -7.13
C GLU A 26 4.60 4.31 -8.63
N HIS A 27 5.63 4.97 -9.12
CA HIS A 27 5.73 5.24 -10.54
C HIS A 27 5.85 3.93 -11.31
N LYS A 28 6.53 2.95 -10.71
CA LYS A 28 6.66 1.64 -11.32
C LYS A 28 5.28 1.00 -11.46
N VAL A 29 4.53 0.99 -10.35
CA VAL A 29 3.19 0.42 -10.34
C VAL A 29 2.33 1.07 -11.41
N TYR A 30 2.45 2.38 -11.54
CA TYR A 30 1.70 3.11 -12.56
C TYR A 30 2.12 2.62 -13.94
N GLN A 31 3.43 2.62 -14.18
CA GLN A 31 3.99 2.35 -15.51
C GLN A 31 3.43 1.09 -16.16
N LEU A 32 3.36 0.02 -15.39
CA LEU A 32 2.94 -1.25 -15.93
C LEU A 32 1.43 -1.44 -15.86
N LEU A 33 0.83 -1.10 -14.73
CA LEU A 33 -0.60 -1.34 -14.55
C LEU A 33 -1.45 -0.52 -15.51
N LYS A 34 -1.10 0.75 -15.68
CA LYS A 34 -1.82 1.61 -16.61
C LYS A 34 -1.65 1.10 -18.03
N ASP A 35 -0.59 0.34 -18.26
CA ASP A 35 -0.29 -0.21 -19.57
C ASP A 35 -1.13 -1.45 -19.83
N GLN A 36 -1.25 -2.29 -18.80
CA GLN A 36 -2.05 -3.52 -18.90
C GLN A 36 -3.50 -3.17 -19.11
N GLY A 37 -3.92 -2.08 -18.49
CA GLY A 37 -5.28 -1.66 -18.58
C GLY A 37 -5.90 -1.45 -17.22
N CYS A 38 -5.13 -0.89 -16.31
CA CYS A 38 -5.68 -0.50 -15.02
C CYS A 38 -5.41 0.96 -14.73
N GLU A 39 -6.40 1.63 -14.17
CA GLU A 39 -6.21 2.97 -13.62
C GLU A 39 -6.65 2.99 -12.15
N ASP A 40 -7.24 1.88 -11.72
CA ASP A 40 -7.84 1.78 -10.40
C ASP A 40 -6.83 1.22 -9.39
N PHE A 41 -5.97 2.10 -8.90
CA PHE A 41 -4.98 1.77 -7.88
C PHE A 41 -4.36 3.03 -7.29
N GLY A 42 -3.78 2.91 -6.10
CA GLY A 42 -3.14 4.04 -5.45
C GLY A 42 -2.70 3.69 -4.04
N THR A 43 -1.90 4.55 -3.44
CA THR A 43 -1.41 4.31 -2.08
C THR A 43 -2.29 5.00 -1.05
N LYS A 44 -2.35 4.41 0.14
CA LYS A 44 -3.03 5.03 1.26
C LYS A 44 -2.14 5.00 2.50
N CYS A 45 -2.20 6.05 3.28
CA CYS A 45 -1.44 6.11 4.52
C CYS A 45 -2.33 6.58 5.66
N VAL A 46 -3.03 5.64 6.26
CA VAL A 46 -3.91 5.95 7.37
C VAL A 46 -3.21 5.59 8.67
N ILE A 47 -3.45 6.36 9.71
CA ILE A 47 -2.77 6.12 10.97
C ILE A 47 -3.48 5.05 11.79
N GLU A 48 -2.72 4.06 12.19
CA GLU A 48 -3.21 3.02 13.07
C GLU A 48 -2.40 3.05 14.36
N GLU A 49 -2.98 3.62 15.40
CA GLU A 49 -2.27 3.81 16.65
C GLU A 49 -2.43 2.59 17.56
N VAL A 50 -1.35 2.22 18.23
CA VAL A 50 -1.31 1.03 19.07
C VAL A 50 -1.50 1.41 20.53
N LYS A 51 -2.30 0.63 21.25
CA LYS A 51 -2.64 0.94 22.63
C LYS A 51 -1.49 0.59 23.57
N SER A 52 -0.52 1.49 23.66
CA SER A 52 0.63 1.30 24.53
C SER A 52 0.29 1.67 25.98
N SER A 53 -0.67 2.56 26.15
CA SER A 53 -1.05 3.04 27.46
C SER A 53 -1.66 1.92 28.30
N HIS A 54 -1.33 1.92 29.59
CA HIS A 54 -1.83 0.90 30.51
C HIS A 54 -3.23 1.26 30.96
N LYS A 55 -3.35 2.33 31.73
CA LYS A 55 -4.63 2.78 32.22
C LYS A 55 -4.68 4.30 32.30
N THR A 56 -5.83 4.86 31.93
CA THR A 56 -6.06 6.29 32.02
C THR A 56 -7.49 6.59 31.61
N LEU A 57 -8.08 7.60 32.23
CA LEU A 57 -9.45 7.98 31.92
C LEU A 57 -9.51 9.46 31.57
N LEU A 58 -9.68 9.77 30.29
CA LEU A 58 -9.78 11.15 29.84
C LEU A 58 -10.40 11.23 28.46
N ASN A 59 -10.29 12.39 27.84
CA ASN A 59 -10.81 12.66 26.50
C ASN A 59 -10.42 11.56 25.51
N THR A 60 -9.13 11.46 25.23
CA THR A 60 -8.61 10.43 24.34
C THR A 60 -7.72 9.47 25.14
N GLU A 61 -6.78 8.82 24.48
CA GLU A 61 -5.80 8.01 25.20
C GLU A 61 -4.57 8.86 25.56
N LEU A 62 -4.80 10.15 25.77
CA LEU A 62 -3.73 11.12 26.04
C LEU A 62 -2.76 11.21 24.87
N HIS A 63 -1.76 10.35 24.88
CA HIS A 63 -0.79 10.27 23.81
C HIS A 63 -0.56 8.81 23.46
N LEU A 64 -1.11 8.38 22.34
CA LEU A 64 -1.01 6.99 21.95
C LEU A 64 0.08 6.80 20.91
N THR A 65 0.88 5.76 21.07
CA THR A 65 1.92 5.43 20.12
C THR A 65 1.30 4.99 18.80
N LYS A 66 1.35 5.85 17.81
CA LYS A 66 0.64 5.59 16.58
C LYS A 66 1.61 5.17 15.48
N TYR A 67 1.09 4.45 14.50
CA TYR A 67 1.89 3.95 13.42
C TYR A 67 1.27 4.31 12.08
N TYR A 68 2.12 4.59 11.11
CA TYR A 68 1.65 4.92 9.78
C TYR A 68 1.30 3.66 9.01
N GLY A 69 0.02 3.45 8.78
CA GLY A 69 -0.43 2.30 8.03
C GLY A 69 -0.34 2.54 6.53
N PHE A 70 0.88 2.56 6.02
CA PHE A 70 1.11 2.68 4.58
C PHE A 70 0.66 1.42 3.87
N SER A 71 -0.05 1.58 2.77
CA SER A 71 -0.53 0.44 2.00
C SER A 71 -0.75 0.83 0.56
N PHE A 72 -0.80 -0.16 -0.31
CA PHE A 72 -1.14 0.07 -1.69
C PHE A 72 -2.45 -0.64 -2.04
N PHE A 73 -3.40 0.14 -2.53
CA PHE A 73 -4.70 -0.38 -2.92
C PHE A 73 -4.78 -0.69 -4.41
N ARG A 74 -5.33 -1.85 -4.73
CA ARG A 74 -5.63 -2.21 -6.11
C ARG A 74 -7.03 -2.82 -6.16
N HIS A 75 -7.99 -2.08 -6.72
CA HIS A 75 -9.38 -2.54 -6.79
C HIS A 75 -9.99 -2.73 -5.41
N GLY A 76 -9.52 -1.94 -4.45
CA GLY A 76 -10.06 -2.02 -3.11
C GLY A 76 -9.38 -3.10 -2.28
N ASN A 77 -8.49 -3.86 -2.92
CA ASN A 77 -7.74 -4.88 -2.20
C ASN A 77 -6.37 -4.34 -1.83
N ILE A 78 -5.66 -5.08 -1.01
CA ILE A 78 -4.35 -4.66 -0.54
C ILE A 78 -3.25 -5.44 -1.23
N VAL A 79 -2.41 -4.74 -1.95
CA VAL A 79 -1.25 -5.34 -2.59
C VAL A 79 -0.04 -5.21 -1.71
N ALA A 80 0.12 -4.03 -1.10
CA ALA A 80 1.26 -3.76 -0.25
C ALA A 80 0.82 -3.19 1.09
N TYR A 81 1.57 -3.50 2.13
CA TYR A 81 1.31 -2.98 3.45
C TYR A 81 2.62 -2.76 4.20
N GLY A 82 2.74 -1.61 4.84
CA GLY A 82 3.91 -1.32 5.63
C GLY A 82 3.59 -0.37 6.77
N LYS A 83 3.39 -0.92 7.95
CA LYS A 83 3.08 -0.13 9.13
C LYS A 83 4.34 0.10 9.97
N SER A 84 4.64 1.36 10.23
CA SER A 84 5.80 1.72 11.05
C SER A 84 5.59 3.07 11.72
N ARG A 85 6.34 3.31 12.78
CA ARG A 85 6.29 4.60 13.47
C ARG A 85 7.10 5.62 12.68
N LYS A 86 7.98 5.13 11.84
CA LYS A 86 8.75 5.98 10.95
C LYS A 86 8.16 5.91 9.55
N VAL A 87 7.78 7.06 9.01
CA VAL A 87 7.17 7.12 7.66
C VAL A 87 8.08 6.47 6.62
N ALA A 88 9.38 6.72 6.72
CA ALA A 88 10.35 6.18 5.78
C ALA A 88 10.35 4.66 5.81
N ASN A 89 10.32 4.10 7.01
CA ASN A 89 10.36 2.65 7.18
C ASN A 89 9.07 2.03 6.68
N ALA A 90 7.95 2.65 7.04
CA ALA A 90 6.64 2.18 6.64
C ALA A 90 6.50 2.13 5.13
N LYS A 91 6.87 3.21 4.46
CA LYS A 91 6.86 3.27 3.01
C LYS A 91 7.75 2.20 2.44
N TYR A 92 8.91 2.04 3.05
CA TYR A 92 9.92 1.12 2.56
C TYR A 92 9.35 -0.29 2.45
N ILE A 93 8.65 -0.71 3.50
CA ILE A 93 8.08 -2.04 3.56
C ILE A 93 7.08 -2.28 2.43
N MET A 94 6.08 -1.42 2.34
CA MET A 94 5.03 -1.58 1.35
C MET A 94 5.61 -1.48 -0.06
N LYS A 95 6.55 -0.57 -0.27
CA LYS A 95 7.14 -0.39 -1.59
C LYS A 95 7.84 -1.66 -2.05
N GLN A 96 8.61 -2.27 -1.17
CA GLN A 96 9.33 -3.50 -1.48
C GLN A 96 8.36 -4.65 -1.80
N ARG A 97 7.13 -4.53 -1.32
CA ARG A 97 6.10 -5.53 -1.59
C ARG A 97 5.78 -5.56 -3.08
N LEU A 98 5.27 -4.45 -3.61
CA LEU A 98 4.97 -4.37 -5.03
C LEU A 98 6.24 -4.47 -5.86
N LEU A 99 7.32 -3.93 -5.32
CA LEU A 99 8.63 -3.94 -5.98
C LEU A 99 8.98 -5.36 -6.39
N LYS A 100 8.87 -6.29 -5.45
CA LYS A 100 9.18 -7.68 -5.71
C LYS A 100 8.19 -8.26 -6.72
N LEU A 101 6.96 -7.77 -6.67
CA LEU A 101 5.90 -8.29 -7.52
C LEU A 101 6.11 -7.91 -8.97
N LEU A 102 6.61 -6.70 -9.22
CA LEU A 102 6.86 -6.25 -10.59
C LEU A 102 8.19 -6.79 -11.11
N GLU A 103 9.12 -7.09 -10.20
CA GLU A 103 10.37 -7.74 -10.57
C GLU A 103 10.10 -9.17 -11.02
N ASP A 104 9.28 -9.86 -10.26
CA ASP A 104 9.02 -11.28 -10.47
C ASP A 104 7.83 -11.47 -11.42
N LYS A 105 7.05 -10.42 -11.58
CA LYS A 105 5.86 -10.43 -12.43
C LYS A 105 4.77 -11.31 -11.82
N SER A 106 4.64 -11.24 -10.51
CA SER A 106 3.61 -11.98 -9.79
C SER A 106 2.26 -11.28 -9.99
N ASN A 107 1.20 -12.06 -10.14
CA ASN A 107 -0.13 -11.52 -10.45
C ASN A 107 -0.72 -10.75 -9.28
N LEU A 108 -0.06 -10.78 -8.14
CA LEU A 108 -0.61 -10.17 -6.93
C LEU A 108 -0.83 -8.67 -7.11
N LEU A 109 0.04 -8.05 -7.89
CA LEU A 109 -0.13 -6.63 -8.21
C LEU A 109 -0.52 -6.47 -9.67
N LEU A 110 -0.17 -7.47 -10.47
CA LEU A 110 -0.20 -7.34 -11.92
C LEU A 110 -1.28 -8.22 -12.55
N TYR A 111 -2.28 -8.62 -11.77
CA TYR A 111 -3.33 -9.48 -12.30
C TYR A 111 -4.19 -8.76 -13.33
N SER A 112 -4.87 -9.53 -14.16
CA SER A 112 -5.66 -8.99 -15.24
C SER A 112 -7.06 -8.61 -14.77
N CYS A 113 -7.47 -7.42 -15.14
CA CYS A 113 -8.78 -6.91 -14.82
C CYS A 113 -9.38 -6.23 -16.04
N ASN A 114 -10.63 -5.85 -15.97
CA ASN A 114 -11.29 -5.21 -17.10
C ASN A 114 -11.60 -3.74 -16.80
N CYS A 115 -10.55 -2.92 -16.64
CA CYS A 115 -10.77 -1.49 -16.51
C CYS A 115 -10.95 -0.83 -17.89
N LYS A 116 -10.34 -1.44 -18.91
CA LYS A 116 -10.51 -0.96 -20.27
C LYS A 116 -10.70 -2.13 -21.24
N PHE A 117 -9.85 -3.14 -21.13
CA PHE A 117 -9.99 -4.35 -21.93
C PHE A 117 -9.38 -5.54 -21.21
N SER A 118 -9.87 -6.73 -21.53
CA SER A 118 -9.34 -7.98 -20.98
C SER A 118 -10.22 -9.14 -21.39
N LYS A 119 -10.07 -10.26 -20.70
CA LYS A 119 -10.85 -11.44 -20.99
C LYS A 119 -12.01 -11.56 -20.00
N LYS A 120 -12.99 -12.39 -20.33
CA LYS A 120 -14.15 -12.56 -19.46
C LYS A 120 -14.02 -13.85 -18.66
N LYS A 121 -14.30 -13.74 -17.37
CA LYS A 121 -14.23 -14.86 -16.45
C LYS A 121 -15.33 -15.88 -16.76
ZN ZN B . -8.25 -2.49 -12.95
#